data_2M7Y
# 
_entry.id   2M7Y 
# 
_audit_conform.dict_name       mmcif_pdbx.dic 
_audit_conform.dict_version    5.392 
_audit_conform.dict_location   http://mmcif.pdb.org/dictionaries/ascii/mmcif_pdbx.dic 
# 
loop_
_database_2.database_id 
_database_2.database_code 
_database_2.pdbx_database_accession 
_database_2.pdbx_DOI 
PDB   2M7Y         pdb_00002m7y 10.2210/pdb2m7y/pdb 
RCSB  RCSB103322   ?            ?                   
BMRB  19084        ?            10.13018/BMR19084   
WWPDB D_1000103322 ?            ?                   
# 
loop_
_pdbx_audit_revision_history.ordinal 
_pdbx_audit_revision_history.data_content_type 
_pdbx_audit_revision_history.major_revision 
_pdbx_audit_revision_history.minor_revision 
_pdbx_audit_revision_history.revision_date 
1 'Structure model' 1 0 2013-10-23 
2 'Structure model' 1 1 2023-06-14 
3 'Structure model' 1 2 2024-05-15 
# 
_pdbx_audit_revision_details.ordinal             1 
_pdbx_audit_revision_details.revision_ordinal    1 
_pdbx_audit_revision_details.data_content_type   'Structure model' 
_pdbx_audit_revision_details.provider            repository 
_pdbx_audit_revision_details.type                'Initial release' 
_pdbx_audit_revision_details.description         ? 
_pdbx_audit_revision_details.details             ? 
# 
loop_
_pdbx_audit_revision_group.ordinal 
_pdbx_audit_revision_group.revision_ordinal 
_pdbx_audit_revision_group.data_content_type 
_pdbx_audit_revision_group.group 
1 2 'Structure model' 'Data collection'      
2 2 'Structure model' 'Database references'  
3 2 'Structure model' 'Derived calculations' 
4 2 'Structure model' Other                  
5 3 'Structure model' 'Data collection'      
6 3 'Structure model' 'Database references'  
# 
loop_
_pdbx_audit_revision_category.ordinal 
_pdbx_audit_revision_category.revision_ordinal 
_pdbx_audit_revision_category.data_content_type 
_pdbx_audit_revision_category.category 
1  2 'Structure model' database_2             
2  2 'Structure model' pdbx_database_status   
3  2 'Structure model' pdbx_nmr_software      
4  2 'Structure model' pdbx_struct_conn_angle 
5  2 'Structure model' struct_conn            
6  2 'Structure model' struct_ref_seq_dif     
7  2 'Structure model' struct_site            
8  3 'Structure model' chem_comp_atom         
9  3 'Structure model' chem_comp_bond         
10 3 'Structure model' database_2             
# 
loop_
_pdbx_audit_revision_item.ordinal 
_pdbx_audit_revision_item.revision_ordinal 
_pdbx_audit_revision_item.data_content_type 
_pdbx_audit_revision_item.item 
1  2 'Structure model' '_database_2.pdbx_DOI'                        
2  2 'Structure model' '_database_2.pdbx_database_accession'         
3  2 'Structure model' '_pdbx_database_status.status_code_nmr_data'  
4  2 'Structure model' '_pdbx_nmr_software.name'                     
5  2 'Structure model' '_pdbx_struct_conn_angle.ptnr1_auth_comp_id'  
6  2 'Structure model' '_pdbx_struct_conn_angle.ptnr1_auth_seq_id'   
7  2 'Structure model' '_pdbx_struct_conn_angle.ptnr1_label_atom_id' 
8  2 'Structure model' '_pdbx_struct_conn_angle.ptnr1_label_comp_id' 
9  2 'Structure model' '_pdbx_struct_conn_angle.ptnr1_label_seq_id'  
10 2 'Structure model' '_pdbx_struct_conn_angle.ptnr3_auth_comp_id'  
11 2 'Structure model' '_pdbx_struct_conn_angle.ptnr3_auth_seq_id'   
12 2 'Structure model' '_pdbx_struct_conn_angle.ptnr3_label_atom_id' 
13 2 'Structure model' '_pdbx_struct_conn_angle.ptnr3_label_comp_id' 
14 2 'Structure model' '_pdbx_struct_conn_angle.ptnr3_label_seq_id'  
15 2 'Structure model' '_pdbx_struct_conn_angle.value'               
16 2 'Structure model' '_struct_conn.pdbx_dist_value'                
17 2 'Structure model' '_struct_conn.ptnr1_auth_comp_id'             
18 2 'Structure model' '_struct_conn.ptnr1_auth_seq_id'              
19 2 'Structure model' '_struct_conn.ptnr1_label_atom_id'            
20 2 'Structure model' '_struct_conn.ptnr1_label_comp_id'            
21 2 'Structure model' '_struct_conn.ptnr1_label_seq_id'             
22 2 'Structure model' '_struct_ref_seq_dif.details'                 
23 2 'Structure model' '_struct_site.pdbx_auth_asym_id'              
24 2 'Structure model' '_struct_site.pdbx_auth_comp_id'              
25 2 'Structure model' '_struct_site.pdbx_auth_seq_id'               
26 3 'Structure model' '_database_2.pdbx_DOI'                        
# 
_pdbx_database_status.deposit_site                    BMRB 
_pdbx_database_status.entry_id                        2M7Y 
_pdbx_database_status.process_site                    RCSB 
_pdbx_database_status.recvd_initial_deposition_date   2013-05-02 
_pdbx_database_status.SG_entry                        ? 
_pdbx_database_status.status_code                     REL 
_pdbx_database_status.status_code_mr                  REL 
_pdbx_database_status.status_code_sf                  ? 
_pdbx_database_status.status_code_cs                  REL 
_pdbx_database_status.methods_development_category    ? 
_pdbx_database_status.pdb_format_compatible           Y 
_pdbx_database_status.status_code_nmr_data            REL 
# 
_pdbx_database_related.db_id          19084 
_pdbx_database_related.db_name        BMRB 
_pdbx_database_related.content_type   unspecified 
_pdbx_database_related.details        . 
# 
loop_
_audit_author.name 
_audit_author.pdbx_ordinal 
'Cornilescu, C.C.' 1 
'Porter, F.W.'     2 
'Zhao, K.Q.'       3 
'Davis, V.'        4 
'Palmenberg, A.C.' 5 
'Markley, J.L.'    6 
# 
_citation.id                        primary 
_citation.title                     'Full Length Mengovirus Leader' 
_citation.journal_abbrev            'To be Published' 
_citation.journal_volume            ? 
_citation.page_first                ? 
_citation.page_last                 ? 
_citation.year                      ? 
_citation.journal_id_ASTM           ? 
_citation.country                   ? 
_citation.journal_id_ISSN           ? 
_citation.journal_id_CSD            0353 
_citation.book_publisher            ? 
_citation.pdbx_database_id_PubMed   ? 
_citation.pdbx_database_id_DOI      ? 
# 
loop_
_citation_author.citation_id 
_citation_author.name 
_citation_author.ordinal 
_citation_author.identifier_ORCID 
primary 'Cornilescu, C.C.' 1 ? 
primary 'Porter, F.W.'     2 ? 
primary 'Zhao, K.Q.'       3 ? 
primary 'Davis, V.'        4 ? 
primary 'Palmenberg, A.C.' 5 ? 
primary 'Markley, J.L.'    6 ? 
# 
loop_
_entity.id 
_entity.type 
_entity.src_method 
_entity.pdbx_description 
_entity.formula_weight 
_entity.pdbx_number_of_molecules 
_entity.pdbx_ec 
_entity.pdbx_mutation 
_entity.pdbx_fragment 
_entity.details 
1 polymer     man 'Leader peptide' 8262.046 1 ? ? ? ? 
2 non-polymer syn 'ZINC ION'       65.409   1 ? ? ? ? 
# 
_entity_poly.entity_id                      1 
_entity_poly.type                           'polypeptide(L)' 
_entity_poly.nstd_linkage                   no 
_entity_poly.nstd_monomer                   no 
_entity_poly.pdbx_seq_one_letter_code       GSTAMATTMEQEICAHSMTFEECPKCSALQYRNGFYLLKYDEEWYPEELLTDGEDDVFDPDLDMEVVFETQ 
_entity_poly.pdbx_seq_one_letter_code_can   GSTAMATTMEQEICAHSMTFEECPKCSALQYRNGFYLLKYDEEWYPEELLTDGEDDVFDPDLDMEVVFETQ 
_entity_poly.pdbx_strand_id                 A 
_entity_poly.pdbx_target_identifier         ? 
# 
_pdbx_entity_nonpoly.entity_id   2 
_pdbx_entity_nonpoly.name        'ZINC ION' 
_pdbx_entity_nonpoly.comp_id     ZN 
# 
loop_
_entity_poly_seq.entity_id 
_entity_poly_seq.num 
_entity_poly_seq.mon_id 
_entity_poly_seq.hetero 
1 1  GLY n 
1 2  SER n 
1 3  THR n 
1 4  ALA n 
1 5  MET n 
1 6  ALA n 
1 7  THR n 
1 8  THR n 
1 9  MET n 
1 10 GLU n 
1 11 GLN n 
1 12 GLU n 
1 13 ILE n 
1 14 CYS n 
1 15 ALA n 
1 16 HIS n 
1 17 SER n 
1 18 MET n 
1 19 THR n 
1 20 PHE n 
1 21 GLU n 
1 22 GLU n 
1 23 CYS n 
1 24 PRO n 
1 25 LYS n 
1 26 CYS n 
1 27 SER n 
1 28 ALA n 
1 29 LEU n 
1 30 GLN n 
1 31 TYR n 
1 32 ARG n 
1 33 ASN n 
1 34 GLY n 
1 35 PHE n 
1 36 TYR n 
1 37 LEU n 
1 38 LEU n 
1 39 LYS n 
1 40 TYR n 
1 41 ASP n 
1 42 GLU n 
1 43 GLU n 
1 44 TRP n 
1 45 TYR n 
1 46 PRO n 
1 47 GLU n 
1 48 GLU n 
1 49 LEU n 
1 50 LEU n 
1 51 THR n 
1 52 ASP n 
1 53 GLY n 
1 54 GLU n 
1 55 ASP n 
1 56 ASP n 
1 57 VAL n 
1 58 PHE n 
1 59 ASP n 
1 60 PRO n 
1 61 ASP n 
1 62 LEU n 
1 63 ASP n 
1 64 MET n 
1 65 GLU n 
1 66 VAL n 
1 67 VAL n 
1 68 PHE n 
1 69 GLU n 
1 70 THR n 
1 71 GLN n 
# 
_entity_src_gen.entity_id                          1 
_entity_src_gen.pdbx_src_id                        1 
_entity_src_gen.pdbx_alt_source_flag               sample 
_entity_src_gen.pdbx_seq_type                      ? 
_entity_src_gen.pdbx_beg_seq_num                   ? 
_entity_src_gen.pdbx_end_seq_num                   ? 
_entity_src_gen.gene_src_common_name               ? 
_entity_src_gen.gene_src_genus                     ? 
_entity_src_gen.pdbx_gene_src_gene                 ? 
_entity_src_gen.gene_src_species                   ? 
_entity_src_gen.gene_src_strain                    ? 
_entity_src_gen.gene_src_tissue                    ? 
_entity_src_gen.gene_src_tissue_fraction           ? 
_entity_src_gen.gene_src_details                   ? 
_entity_src_gen.pdbx_gene_src_fragment             ? 
_entity_src_gen.pdbx_gene_src_scientific_name      'Mengo virus' 
_entity_src_gen.pdbx_gene_src_ncbi_taxonomy_id     12107 
_entity_src_gen.pdbx_gene_src_variant              ? 
_entity_src_gen.pdbx_gene_src_cell_line            ? 
_entity_src_gen.pdbx_gene_src_atcc                 ? 
_entity_src_gen.pdbx_gene_src_organ                ? 
_entity_src_gen.pdbx_gene_src_organelle            ? 
_entity_src_gen.pdbx_gene_src_cell                 ? 
_entity_src_gen.pdbx_gene_src_cellular_location    ? 
_entity_src_gen.host_org_common_name               ? 
_entity_src_gen.pdbx_host_org_scientific_name      'Escherichia coli' 
_entity_src_gen.pdbx_host_org_ncbi_taxonomy_id     562 
_entity_src_gen.host_org_genus                     ? 
_entity_src_gen.pdbx_host_org_gene                 ? 
_entity_src_gen.pdbx_host_org_organ                ? 
_entity_src_gen.host_org_species                   ? 
_entity_src_gen.pdbx_host_org_tissue               ? 
_entity_src_gen.pdbx_host_org_tissue_fraction      ? 
_entity_src_gen.pdbx_host_org_strain               ? 
_entity_src_gen.pdbx_host_org_variant              ? 
_entity_src_gen.pdbx_host_org_cell_line            ? 
_entity_src_gen.pdbx_host_org_atcc                 ? 
_entity_src_gen.pdbx_host_org_culture_collection   ? 
_entity_src_gen.pdbx_host_org_cell                 ? 
_entity_src_gen.pdbx_host_org_organelle            ? 
_entity_src_gen.pdbx_host_org_cellular_location    ? 
_entity_src_gen.pdbx_host_org_vector_type          ? 
_entity_src_gen.pdbx_host_org_vector               pET41b 
_entity_src_gen.host_org_details                   ? 
_entity_src_gen.expression_system_id               ? 
_entity_src_gen.plasmid_name                       ? 
_entity_src_gen.plasmid_details                    ? 
_entity_src_gen.pdbx_description                   ? 
# 
loop_
_chem_comp.id 
_chem_comp.type 
_chem_comp.mon_nstd_flag 
_chem_comp.name 
_chem_comp.pdbx_synonyms 
_chem_comp.formula 
_chem_comp.formula_weight 
ALA 'L-peptide linking' y ALANINE         ? 'C3 H7 N O2'     89.093  
ARG 'L-peptide linking' y ARGININE        ? 'C6 H15 N4 O2 1' 175.209 
ASN 'L-peptide linking' y ASPARAGINE      ? 'C4 H8 N2 O3'    132.118 
ASP 'L-peptide linking' y 'ASPARTIC ACID' ? 'C4 H7 N O4'     133.103 
CYS 'L-peptide linking' y CYSTEINE        ? 'C3 H7 N O2 S'   121.158 
GLN 'L-peptide linking' y GLUTAMINE       ? 'C5 H10 N2 O3'   146.144 
GLU 'L-peptide linking' y 'GLUTAMIC ACID' ? 'C5 H9 N O4'     147.129 
GLY 'peptide linking'   y GLYCINE         ? 'C2 H5 N O2'     75.067  
HIS 'L-peptide linking' y HISTIDINE       ? 'C6 H10 N3 O2 1' 156.162 
ILE 'L-peptide linking' y ISOLEUCINE      ? 'C6 H13 N O2'    131.173 
LEU 'L-peptide linking' y LEUCINE         ? 'C6 H13 N O2'    131.173 
LYS 'L-peptide linking' y LYSINE          ? 'C6 H15 N2 O2 1' 147.195 
MET 'L-peptide linking' y METHIONINE      ? 'C5 H11 N O2 S'  149.211 
PHE 'L-peptide linking' y PHENYLALANINE   ? 'C9 H11 N O2'    165.189 
PRO 'L-peptide linking' y PROLINE         ? 'C5 H9 N O2'     115.130 
SER 'L-peptide linking' y SERINE          ? 'C3 H7 N O3'     105.093 
THR 'L-peptide linking' y THREONINE       ? 'C4 H9 N O3'     119.119 
TRP 'L-peptide linking' y TRYPTOPHAN      ? 'C11 H12 N2 O2'  204.225 
TYR 'L-peptide linking' y TYROSINE        ? 'C9 H11 N O3'    181.189 
VAL 'L-peptide linking' y VALINE          ? 'C5 H11 N O2'    117.146 
ZN  non-polymer         . 'ZINC ION'      ? 'Zn 2'           65.409  
# 
loop_
_pdbx_poly_seq_scheme.asym_id 
_pdbx_poly_seq_scheme.entity_id 
_pdbx_poly_seq_scheme.seq_id 
_pdbx_poly_seq_scheme.mon_id 
_pdbx_poly_seq_scheme.ndb_seq_num 
_pdbx_poly_seq_scheme.pdb_seq_num 
_pdbx_poly_seq_scheme.auth_seq_num 
_pdbx_poly_seq_scheme.pdb_mon_id 
_pdbx_poly_seq_scheme.auth_mon_id 
_pdbx_poly_seq_scheme.pdb_strand_id 
_pdbx_poly_seq_scheme.pdb_ins_code 
_pdbx_poly_seq_scheme.hetero 
A 1 1  GLY 1  1  1  GLY GLY A . n 
A 1 2  SER 2  2  2  SER SER A . n 
A 1 3  THR 3  3  3  THR THR A . n 
A 1 4  ALA 4  4  4  ALA ALA A . n 
A 1 5  MET 5  5  5  MET MET A . n 
A 1 6  ALA 6  6  6  ALA ALA A . n 
A 1 7  THR 7  7  7  THR THR A . n 
A 1 8  THR 8  8  8  THR THR A . n 
A 1 9  MET 9  9  9  MET MET A . n 
A 1 10 GLU 10 10 10 GLU GLU A . n 
A 1 11 GLN 11 11 11 GLN GLN A . n 
A 1 12 GLU 12 12 12 GLU GLU A . n 
A 1 13 ILE 13 13 13 ILE ILE A . n 
A 1 14 CYS 14 14 14 CYS CYZ A . n 
A 1 15 ALA 15 15 15 ALA ALA A . n 
A 1 16 HIS 16 16 16 HIS HIS A . n 
A 1 17 SER 17 17 17 SER SER A . n 
A 1 18 MET 18 18 18 MET MET A . n 
A 1 19 THR 19 19 19 THR THR A . n 
A 1 20 PHE 20 20 20 PHE PHE A . n 
A 1 21 GLU 21 21 21 GLU GLU A . n 
A 1 22 GLU 22 22 22 GLU GLU A . n 
A 1 23 CYS 23 23 23 CYS CYS A . n 
A 1 24 PRO 24 24 24 PRO PRO A . n 
A 1 25 LYS 25 25 25 LYS LYS A . n 
A 1 26 CYS 26 26 26 CYS CYS A . n 
A 1 27 SER 27 27 27 SER SER A . n 
A 1 28 ALA 28 28 28 ALA ALA A . n 
A 1 29 LEU 29 29 29 LEU LEU A . n 
A 1 30 GLN 30 30 30 GLN GLN A . n 
A 1 31 TYR 31 31 31 TYR TYR A . n 
A 1 32 ARG 32 32 32 ARG ARG A . n 
A 1 33 ASN 33 33 33 ASN ASN A . n 
A 1 34 GLY 34 34 34 GLY GLY A . n 
A 1 35 PHE 35 35 35 PHE PHE A . n 
A 1 36 TYR 36 36 36 TYR TYR A . n 
A 1 37 LEU 37 37 37 LEU LEU A . n 
A 1 38 LEU 38 38 38 LEU LEU A . n 
A 1 39 LYS 39 39 39 LYS LYS A . n 
A 1 40 TYR 40 40 40 TYR TYR A . n 
A 1 41 ASP 41 41 41 ASP ASP A . n 
A 1 42 GLU 42 42 42 GLU GLU A . n 
A 1 43 GLU 43 43 43 GLU GLU A . n 
A 1 44 TRP 44 44 44 TRP TRP A . n 
A 1 45 TYR 45 45 45 TYR TYR A . n 
A 1 46 PRO 46 46 46 PRO PRO A . n 
A 1 47 GLU 47 47 47 GLU GLU A . n 
A 1 48 GLU 48 48 48 GLU GLU A . n 
A 1 49 LEU 49 49 49 LEU LEU A . n 
A 1 50 LEU 50 50 50 LEU LEU A . n 
A 1 51 THR 51 51 51 THR THR A . n 
A 1 52 ASP 52 52 52 ASP ASP A . n 
A 1 53 GLY 53 53 53 GLY GLY A . n 
A 1 54 GLU 54 54 54 GLU GLU A . n 
A 1 55 ASP 55 55 55 ASP ASP A . n 
A 1 56 ASP 56 56 56 ASP ASP A . n 
A 1 57 VAL 57 57 57 VAL VAL A . n 
A 1 58 PHE 58 58 58 PHE PHE A . n 
A 1 59 ASP 59 59 59 ASP ASP A . n 
A 1 60 PRO 60 60 60 PRO PRO A . n 
A 1 61 ASP 61 61 61 ASP ASP A . n 
A 1 62 LEU 62 62 62 LEU LEU A . n 
A 1 63 ASP 63 63 63 ASP ASP A . n 
A 1 64 MET 64 64 64 MET MET A . n 
A 1 65 GLU 65 65 65 GLU GLU A . n 
A 1 66 VAL 66 66 66 VAL VAL A . n 
A 1 67 VAL 67 67 67 VAL VAL A . n 
A 1 68 PHE 68 68 68 PHE PHE A . n 
A 1 69 GLU 69 69 69 GLU GLU A . n 
A 1 70 THR 70 70 70 THR THR A . n 
A 1 71 GLN 71 71 71 GLN GLN A . n 
# 
_pdbx_nonpoly_scheme.asym_id         B 
_pdbx_nonpoly_scheme.entity_id       2 
_pdbx_nonpoly_scheme.mon_id          ZN 
_pdbx_nonpoly_scheme.ndb_seq_num     1 
_pdbx_nonpoly_scheme.pdb_seq_num     101 
_pdbx_nonpoly_scheme.auth_seq_num    14 
_pdbx_nonpoly_scheme.pdb_mon_id      ZN 
_pdbx_nonpoly_scheme.auth_mon_id     CYZ 
_pdbx_nonpoly_scheme.pdb_strand_id   A 
_pdbx_nonpoly_scheme.pdb_ins_code    . 
# 
_exptl.absorpt_coefficient_mu     ? 
_exptl.absorpt_correction_T_max   ? 
_exptl.absorpt_correction_T_min   ? 
_exptl.absorpt_correction_type    ? 
_exptl.absorpt_process_details    ? 
_exptl.crystals_number            ? 
_exptl.details                    ? 
_exptl.entry_id                   2M7Y 
_exptl.method                     'SOLUTION NMR' 
_exptl.method_details             ? 
# 
_struct.entry_id                  2M7Y 
_struct.title                     'The Mengovirus Leader protein' 
_struct.pdbx_model_details        'lowest energy, model 1' 
_struct.pdbx_CASP_flag            ? 
_struct.pdbx_model_type_details   ? 
# 
_struct_keywords.entry_id        2M7Y 
_struct_keywords.pdbx_keywords   'VIRAL PROTEIN' 
_struct_keywords.text            'cardiovirus, VIRAL PROTEIN' 
# 
loop_
_struct_asym.id 
_struct_asym.pdbx_blank_PDB_chainid_flag 
_struct_asym.pdbx_modified 
_struct_asym.entity_id 
_struct_asym.details 
A N N 1 ? 
B N N 2 ? 
# 
_struct_ref.id                         1 
_struct_ref.db_name                    UNP 
_struct_ref.db_code                    POLG_ENMGO 
_struct_ref.pdbx_db_accession          P12296 
_struct_ref.entity_id                  1 
_struct_ref.pdbx_seq_one_letter_code   MATTMEQEICAHSMTFEECPKCSALQYRNGFYLLKYDEEWYPEELLTDGEDDVFDPDLDMEVVFETQ 
_struct_ref.pdbx_align_begin           1 
_struct_ref.pdbx_db_isoform            ? 
# 
_struct_ref_seq.align_id                      1 
_struct_ref_seq.ref_id                        1 
_struct_ref_seq.pdbx_PDB_id_code              2M7Y 
_struct_ref_seq.pdbx_strand_id                A 
_struct_ref_seq.seq_align_beg                 5 
_struct_ref_seq.pdbx_seq_align_beg_ins_code   ? 
_struct_ref_seq.seq_align_end                 71 
_struct_ref_seq.pdbx_seq_align_end_ins_code   ? 
_struct_ref_seq.pdbx_db_accession             P12296 
_struct_ref_seq.db_align_beg                  1 
_struct_ref_seq.pdbx_db_align_beg_ins_code    ? 
_struct_ref_seq.db_align_end                  67 
_struct_ref_seq.pdbx_db_align_end_ins_code    ? 
_struct_ref_seq.pdbx_auth_seq_align_beg       5 
_struct_ref_seq.pdbx_auth_seq_align_end       71 
# 
loop_
_struct_ref_seq_dif.align_id 
_struct_ref_seq_dif.pdbx_pdb_id_code 
_struct_ref_seq_dif.mon_id 
_struct_ref_seq_dif.pdbx_pdb_strand_id 
_struct_ref_seq_dif.seq_num 
_struct_ref_seq_dif.pdbx_pdb_ins_code 
_struct_ref_seq_dif.pdbx_seq_db_name 
_struct_ref_seq_dif.pdbx_seq_db_accession_code 
_struct_ref_seq_dif.db_mon_id 
_struct_ref_seq_dif.pdbx_seq_db_seq_num 
_struct_ref_seq_dif.details 
_struct_ref_seq_dif.pdbx_auth_seq_num 
_struct_ref_seq_dif.pdbx_ordinal 
1 2M7Y GLY A 1 ? UNP P12296 ? ? 'expression tag' 1 1 
1 2M7Y SER A 2 ? UNP P12296 ? ? 'expression tag' 2 2 
1 2M7Y THR A 3 ? UNP P12296 ? ? 'expression tag' 3 3 
1 2M7Y ALA A 4 ? UNP P12296 ? ? 'expression tag' 4 4 
# 
_pdbx_struct_assembly.id                   1 
_pdbx_struct_assembly.details              author_defined_assembly 
_pdbx_struct_assembly.method_details       ? 
_pdbx_struct_assembly.oligomeric_details   monomeric 
_pdbx_struct_assembly.oligomeric_count     1 
# 
_pdbx_struct_assembly_gen.assembly_id       1 
_pdbx_struct_assembly_gen.oper_expression   1 
_pdbx_struct_assembly_gen.asym_id_list      A,B 
# 
_pdbx_struct_oper_list.id                   1 
_pdbx_struct_oper_list.type                 'identity operation' 
_pdbx_struct_oper_list.name                 1_555 
_pdbx_struct_oper_list.symmetry_operation   x,y,z 
_pdbx_struct_oper_list.matrix[1][1]         1.0000000000 
_pdbx_struct_oper_list.matrix[1][2]         0.0000000000 
_pdbx_struct_oper_list.matrix[1][3]         0.0000000000 
_pdbx_struct_oper_list.vector[1]            0.0000000000 
_pdbx_struct_oper_list.matrix[2][1]         0.0000000000 
_pdbx_struct_oper_list.matrix[2][2]         1.0000000000 
_pdbx_struct_oper_list.matrix[2][3]         0.0000000000 
_pdbx_struct_oper_list.vector[2]            0.0000000000 
_pdbx_struct_oper_list.matrix[3][1]         0.0000000000 
_pdbx_struct_oper_list.matrix[3][2]         0.0000000000 
_pdbx_struct_oper_list.matrix[3][3]         1.0000000000 
_pdbx_struct_oper_list.vector[3]            0.0000000000 
# 
_struct_biol.id        1 
_struct_biol.details   ? 
# 
loop_
_struct_conf.conf_type_id 
_struct_conf.id 
_struct_conf.pdbx_PDB_helix_id 
_struct_conf.beg_label_comp_id 
_struct_conf.beg_label_asym_id 
_struct_conf.beg_label_seq_id 
_struct_conf.pdbx_beg_PDB_ins_code 
_struct_conf.end_label_comp_id 
_struct_conf.end_label_asym_id 
_struct_conf.end_label_seq_id 
_struct_conf.pdbx_end_PDB_ins_code 
_struct_conf.beg_auth_comp_id 
_struct_conf.beg_auth_asym_id 
_struct_conf.beg_auth_seq_id 
_struct_conf.end_auth_comp_id 
_struct_conf.end_auth_asym_id 
_struct_conf.end_auth_seq_id 
_struct_conf.pdbx_PDB_helix_class 
_struct_conf.details 
_struct_conf.pdbx_PDB_helix_length 
HELX_P HELX_P1 1 THR A 19 ? GLU A 22 ? THR A 19 GLU A 22 5 ? 4 
HELX_P HELX_P2 2 CYS A 23 ? LEU A 29 ? CYS A 23 LEU A 29 1 ? 7 
# 
_struct_conf_type.id          HELX_P 
_struct_conf_type.criteria    ? 
_struct_conf_type.reference   ? 
# 
loop_
_struct_conn.id 
_struct_conn.conn_type_id 
_struct_conn.pdbx_leaving_atom_flag 
_struct_conn.pdbx_PDB_id 
_struct_conn.ptnr1_label_asym_id 
_struct_conn.ptnr1_label_comp_id 
_struct_conn.ptnr1_label_seq_id 
_struct_conn.ptnr1_label_atom_id 
_struct_conn.pdbx_ptnr1_label_alt_id 
_struct_conn.pdbx_ptnr1_PDB_ins_code 
_struct_conn.pdbx_ptnr1_standard_comp_id 
_struct_conn.ptnr1_symmetry 
_struct_conn.ptnr2_label_asym_id 
_struct_conn.ptnr2_label_comp_id 
_struct_conn.ptnr2_label_seq_id 
_struct_conn.ptnr2_label_atom_id 
_struct_conn.pdbx_ptnr2_label_alt_id 
_struct_conn.pdbx_ptnr2_PDB_ins_code 
_struct_conn.ptnr1_auth_asym_id 
_struct_conn.ptnr1_auth_comp_id 
_struct_conn.ptnr1_auth_seq_id 
_struct_conn.ptnr2_auth_asym_id 
_struct_conn.ptnr2_auth_comp_id 
_struct_conn.ptnr2_auth_seq_id 
_struct_conn.ptnr2_symmetry 
_struct_conn.pdbx_ptnr3_label_atom_id 
_struct_conn.pdbx_ptnr3_label_seq_id 
_struct_conn.pdbx_ptnr3_label_comp_id 
_struct_conn.pdbx_ptnr3_label_asym_id 
_struct_conn.pdbx_ptnr3_label_alt_id 
_struct_conn.pdbx_ptnr3_PDB_ins_code 
_struct_conn.details 
_struct_conn.pdbx_dist_value 
_struct_conn.pdbx_value_order 
_struct_conn.pdbx_role 
metalc1 metalc ? ? A CYS 14 SG  ? ? ? 1_555 B ZN . ZN ? ? A CYS 14 A ZN 101 1_555 ? ? ? ? ? ? ? 2.303 ? ? 
metalc2 metalc ? ? A HIS 16 NE2 ? ? ? 1_555 B ZN . ZN ? ? A HIS 16 A ZN 101 1_555 ? ? ? ? ? ? ? 2.059 ? ? 
metalc3 metalc ? ? A CYS 23 SG  ? ? ? 1_555 B ZN . ZN ? ? A CYS 23 A ZN 101 1_555 ? ? ? ? ? ? ? 2.308 ? ? 
metalc4 metalc ? ? A CYS 26 SG  ? ? ? 1_555 B ZN . ZN ? ? A CYS 26 A ZN 101 1_555 ? ? ? ? ? ? ? 2.353 ? ? 
# 
_struct_conn_type.id          metalc 
_struct_conn_type.criteria    ? 
_struct_conn_type.reference   ? 
# 
loop_
_pdbx_struct_conn_angle.id 
_pdbx_struct_conn_angle.ptnr1_label_atom_id 
_pdbx_struct_conn_angle.ptnr1_label_alt_id 
_pdbx_struct_conn_angle.ptnr1_label_asym_id 
_pdbx_struct_conn_angle.ptnr1_label_comp_id 
_pdbx_struct_conn_angle.ptnr1_label_seq_id 
_pdbx_struct_conn_angle.ptnr1_auth_atom_id 
_pdbx_struct_conn_angle.ptnr1_auth_asym_id 
_pdbx_struct_conn_angle.ptnr1_auth_comp_id 
_pdbx_struct_conn_angle.ptnr1_auth_seq_id 
_pdbx_struct_conn_angle.ptnr1_PDB_ins_code 
_pdbx_struct_conn_angle.ptnr1_symmetry 
_pdbx_struct_conn_angle.ptnr2_label_atom_id 
_pdbx_struct_conn_angle.ptnr2_label_alt_id 
_pdbx_struct_conn_angle.ptnr2_label_asym_id 
_pdbx_struct_conn_angle.ptnr2_label_comp_id 
_pdbx_struct_conn_angle.ptnr2_label_seq_id 
_pdbx_struct_conn_angle.ptnr2_auth_atom_id 
_pdbx_struct_conn_angle.ptnr2_auth_asym_id 
_pdbx_struct_conn_angle.ptnr2_auth_comp_id 
_pdbx_struct_conn_angle.ptnr2_auth_seq_id 
_pdbx_struct_conn_angle.ptnr2_PDB_ins_code 
_pdbx_struct_conn_angle.ptnr2_symmetry 
_pdbx_struct_conn_angle.ptnr3_label_atom_id 
_pdbx_struct_conn_angle.ptnr3_label_alt_id 
_pdbx_struct_conn_angle.ptnr3_label_asym_id 
_pdbx_struct_conn_angle.ptnr3_label_comp_id 
_pdbx_struct_conn_angle.ptnr3_label_seq_id 
_pdbx_struct_conn_angle.ptnr3_auth_atom_id 
_pdbx_struct_conn_angle.ptnr3_auth_asym_id 
_pdbx_struct_conn_angle.ptnr3_auth_comp_id 
_pdbx_struct_conn_angle.ptnr3_auth_seq_id 
_pdbx_struct_conn_angle.ptnr3_PDB_ins_code 
_pdbx_struct_conn_angle.ptnr3_symmetry 
_pdbx_struct_conn_angle.value 
_pdbx_struct_conn_angle.value_esd 
1 SG  ? A CYS 14 ? A CYS 14 ? 1_555 ZN ? B ZN . ? A ZN 101 ? 1_555 NE2 ? A HIS 16 ? A HIS 16 ? 1_555 83.1  ? 
2 SG  ? A CYS 14 ? A CYS 14 ? 1_555 ZN ? B ZN . ? A ZN 101 ? 1_555 SG  ? A CYS 23 ? A CYS 23 ? 1_555 109.0 ? 
3 NE2 ? A HIS 16 ? A HIS 16 ? 1_555 ZN ? B ZN . ? A ZN 101 ? 1_555 SG  ? A CYS 23 ? A CYS 23 ? 1_555 98.8  ? 
4 SG  ? A CYS 14 ? A CYS 14 ? 1_555 ZN ? B ZN . ? A ZN 101 ? 1_555 SG  ? A CYS 26 ? A CYS 26 ? 1_555 92.0  ? 
5 NE2 ? A HIS 16 ? A HIS 16 ? 1_555 ZN ? B ZN . ? A ZN 101 ? 1_555 SG  ? A CYS 26 ? A CYS 26 ? 1_555 159.2 ? 
6 SG  ? A CYS 23 ? A CYS 23 ? 1_555 ZN ? B ZN . ? A ZN 101 ? 1_555 SG  ? A CYS 26 ? A CYS 26 ? 1_555 101.9 ? 
# 
_struct_site.id                   AC1 
_struct_site.pdbx_evidence_code   Software 
_struct_site.pdbx_auth_asym_id    A 
_struct_site.pdbx_auth_comp_id    ZN 
_struct_site.pdbx_auth_seq_id     101 
_struct_site.pdbx_auth_ins_code   ? 
_struct_site.pdbx_num_residues    5 
_struct_site.details              'BINDING SITE FOR RESIDUE ZN A 101' 
# 
loop_
_struct_site_gen.id 
_struct_site_gen.site_id 
_struct_site_gen.pdbx_num_res 
_struct_site_gen.label_comp_id 
_struct_site_gen.label_asym_id 
_struct_site_gen.label_seq_id 
_struct_site_gen.pdbx_auth_ins_code 
_struct_site_gen.auth_comp_id 
_struct_site_gen.auth_asym_id 
_struct_site_gen.auth_seq_id 
_struct_site_gen.label_atom_id 
_struct_site_gen.label_alt_id 
_struct_site_gen.symmetry 
_struct_site_gen.details 
1 AC1 5 CYS A 14 ? CYS A 14 . ? 1_555 ? 
2 AC1 5 HIS A 16 ? HIS A 16 . ? 1_555 ? 
3 AC1 5 PHE A 20 ? PHE A 20 . ? 1_555 ? 
4 AC1 5 CYS A 23 ? CYS A 23 . ? 1_555 ? 
5 AC1 5 CYS A 26 ? CYS A 26 . ? 1_555 ? 
# 
loop_
_pdbx_validate_torsion.id 
_pdbx_validate_torsion.PDB_model_num 
_pdbx_validate_torsion.auth_comp_id 
_pdbx_validate_torsion.auth_asym_id 
_pdbx_validate_torsion.auth_seq_id 
_pdbx_validate_torsion.PDB_ins_code 
_pdbx_validate_torsion.label_alt_id 
_pdbx_validate_torsion.phi 
_pdbx_validate_torsion.psi 
1  1 THR A 3  ? ? -95.31  -64.99  
2  1 ALA A 6  ? ? 167.90  -33.21  
3  1 THR A 7  ? ? -39.40  -84.37  
4  1 THR A 8  ? ? -141.89 -69.42  
5  1 HIS A 16 ? ? -87.69  31.82   
6  1 PRO A 24 ? ? -75.07  -72.50  
7  1 GLN A 30 ? ? 87.15   60.28   
8  1 ASN A 33 ? ? 177.52  47.64   
9  1 TYR A 36 ? ? 35.38   47.56   
10 1 TYR A 40 ? ? -134.45 -46.53  
11 1 GLU A 42 ? ? 168.18  163.14  
12 1 GLU A 43 ? ? -161.09 25.67   
13 1 TYR A 45 ? ? -46.37  173.88  
14 1 GLU A 47 ? ? 169.47  -172.69 
15 1 GLU A 48 ? ? -7.33   86.47   
16 1 LEU A 49 ? ? -64.10  -176.71 
17 1 LEU A 50 ? ? -66.04  74.65   
18 1 ASP A 55 ? ? 80.11   72.13   
19 1 ASP A 56 ? ? 175.39  85.83   
20 1 VAL A 57 ? ? -109.49 53.12   
21 1 PHE A 58 ? ? -45.20  109.58  
22 1 LEU A 62 ? ? 39.06   57.49   
23 1 ASP A 63 ? ? 171.58  84.24   
24 1 MET A 64 ? ? -145.11 -154.73 
25 1 GLU A 65 ? ? -89.78  36.62   
26 1 VAL A 66 ? ? 166.25  -30.03  
27 1 VAL A 67 ? ? -85.82  48.00   
28 1 GLU A 69 ? ? 171.11  -32.54  
29 1 THR A 70 ? ? -71.48  -94.88  
# 
_pdbx_nmr_ensemble.average_constraint_violations_per_residue     ? 
_pdbx_nmr_ensemble.average_constraints_per_residue               ? 
_pdbx_nmr_ensemble.average_distance_constraint_violation         ? 
_pdbx_nmr_ensemble.average_torsion_angle_constraint_violation    ? 
_pdbx_nmr_ensemble.conformer_selection_criteria                  'structures with the lowest energy' 
_pdbx_nmr_ensemble.conformers_calculated_total_number            20 
_pdbx_nmr_ensemble.conformers_submitted_total_number             1 
_pdbx_nmr_ensemble.distance_constraint_violation_method          ? 
_pdbx_nmr_ensemble.entry_id                                      2M7Y 
_pdbx_nmr_ensemble.maximum_distance_constraint_violation         ? 
_pdbx_nmr_ensemble.maximum_lower_distance_constraint_violation   ? 
_pdbx_nmr_ensemble.maximum_torsion_angle_constraint_violation    ? 
_pdbx_nmr_ensemble.maximum_upper_distance_constraint_violation   ? 
_pdbx_nmr_ensemble.torsion_angle_constraint_violation_method     ? 
# 
_pdbx_nmr_representative.conformer_id         1 
_pdbx_nmr_representative.entry_id             2M7Y 
_pdbx_nmr_representative.selection_criteria   'lowest energy' 
# 
_pdbx_nmr_sample_details.contents         '0.7-1 mM [U-13C; U-15N] protein, 93% H2O/7% D2O' 
_pdbx_nmr_sample_details.solution_id      1 
_pdbx_nmr_sample_details.solvent_system   '93% H2O/7% D2O' 
# 
_pdbx_nmr_exptl_sample.component             entity_1-1 
_pdbx_nmr_exptl_sample.concentration         ? 
_pdbx_nmr_exptl_sample.concentration_range   0.7-1 
_pdbx_nmr_exptl_sample.concentration_units   mM 
_pdbx_nmr_exptl_sample.isotopic_labeling     '[U-13C; U-15N]' 
_pdbx_nmr_exptl_sample.solution_id           1 
# 
_pdbx_nmr_exptl_sample_conditions.conditions_id       1 
_pdbx_nmr_exptl_sample_conditions.ionic_strength      100 
_pdbx_nmr_exptl_sample_conditions.pH                  7.0 
_pdbx_nmr_exptl_sample_conditions.pressure            ambient 
_pdbx_nmr_exptl_sample_conditions.pressure_units      ? 
_pdbx_nmr_exptl_sample_conditions.temperature         298 
_pdbx_nmr_exptl_sample_conditions.temperature_units   K 
# 
loop_
_pdbx_nmr_exptl.conditions_id 
_pdbx_nmr_exptl.experiment_id 
_pdbx_nmr_exptl.solution_id 
_pdbx_nmr_exptl.type 
1 1  1 '2D 1H-15N HSQC'      
1 2  1 '2D 1H-13C HSQC'      
1 3  1 '3D HNCO'             
1 4  1 '3D HNCACB'           
1 5  1 '3D CBCA(CO)NH'       
1 6  1 '3D C(CO)NH'          
1 7  1 '3D H(CCO)NH'         
1 8  1 '3D HCCH-TOCSY'       
1 9  1 '3D 1H-15N NOESY'     
1 10 1 '3D 1H-13C NOESY'     
1 11 1 '2D-(HB)CB(CGCD)HD'   
1 12 1 '2D-(HB)CB(CGCDCE)HE' 
# 
_pdbx_nmr_refine.entry_id           2M7Y 
_pdbx_nmr_refine.method             'molecular dynamics' 
_pdbx_nmr_refine.details            ? 
_pdbx_nmr_refine.software_ordinal   1 
# 
loop_
_pdbx_nmr_software.authors 
_pdbx_nmr_software.classification 
_pdbx_nmr_software.name 
_pdbx_nmr_software.version 
_pdbx_nmr_software.ordinal 
Varian                                              collection                  VNMR         ? 1 
'Delaglio, Grzesiek, Vuister, Zhu, Pfeifer and Bax' processing                  NMRPipe      ? 2 
Garrett                                             'data analysis'             PIPP         ? 3 
Garrett                                             'peak picking'              PIPP         ? 4 
Garrett                                             'chemical shift assignment' PIPP         ? 5 
'Guntert, Mumenthaler and Wuthrich'                 'structure solution'        CYANA        ? 6 
'Schwieters, Kuszewski, Tjandra and Clore'          'structure solution'        'X-PLOR NIH' ? 7 
'Schwieters, Kuszewski, Tjandra and Clore'          'geometry optimization'     'X-PLOR NIH' ? 8 
'Schwieters, Kuszewski, Tjandra and Clore'          refinement                  'X-PLOR NIH' ? 9 
# 
loop_
_chem_comp_atom.comp_id 
_chem_comp_atom.atom_id 
_chem_comp_atom.type_symbol 
_chem_comp_atom.pdbx_aromatic_flag 
_chem_comp_atom.pdbx_stereo_config 
_chem_comp_atom.pdbx_ordinal 
ALA N    N  N N 1   
ALA CA   C  N S 2   
ALA C    C  N N 3   
ALA O    O  N N 4   
ALA CB   C  N N 5   
ALA OXT  O  N N 6   
ALA H    H  N N 7   
ALA H2   H  N N 8   
ALA HA   H  N N 9   
ALA HB1  H  N N 10  
ALA HB2  H  N N 11  
ALA HB3  H  N N 12  
ALA HXT  H  N N 13  
ARG N    N  N N 14  
ARG CA   C  N S 15  
ARG C    C  N N 16  
ARG O    O  N N 17  
ARG CB   C  N N 18  
ARG CG   C  N N 19  
ARG CD   C  N N 20  
ARG NE   N  N N 21  
ARG CZ   C  N N 22  
ARG NH1  N  N N 23  
ARG NH2  N  N N 24  
ARG OXT  O  N N 25  
ARG H    H  N N 26  
ARG H2   H  N N 27  
ARG HA   H  N N 28  
ARG HB2  H  N N 29  
ARG HB3  H  N N 30  
ARG HG2  H  N N 31  
ARG HG3  H  N N 32  
ARG HD2  H  N N 33  
ARG HD3  H  N N 34  
ARG HE   H  N N 35  
ARG HH11 H  N N 36  
ARG HH12 H  N N 37  
ARG HH21 H  N N 38  
ARG HH22 H  N N 39  
ARG HXT  H  N N 40  
ASN N    N  N N 41  
ASN CA   C  N S 42  
ASN C    C  N N 43  
ASN O    O  N N 44  
ASN CB   C  N N 45  
ASN CG   C  N N 46  
ASN OD1  O  N N 47  
ASN ND2  N  N N 48  
ASN OXT  O  N N 49  
ASN H    H  N N 50  
ASN H2   H  N N 51  
ASN HA   H  N N 52  
ASN HB2  H  N N 53  
ASN HB3  H  N N 54  
ASN HD21 H  N N 55  
ASN HD22 H  N N 56  
ASN HXT  H  N N 57  
ASP N    N  N N 58  
ASP CA   C  N S 59  
ASP C    C  N N 60  
ASP O    O  N N 61  
ASP CB   C  N N 62  
ASP CG   C  N N 63  
ASP OD1  O  N N 64  
ASP OD2  O  N N 65  
ASP OXT  O  N N 66  
ASP H    H  N N 67  
ASP H2   H  N N 68  
ASP HA   H  N N 69  
ASP HB2  H  N N 70  
ASP HB3  H  N N 71  
ASP HD2  H  N N 72  
ASP HXT  H  N N 73  
CYS N    N  N N 74  
CYS CA   C  N R 75  
CYS C    C  N N 76  
CYS O    O  N N 77  
CYS CB   C  N N 78  
CYS SG   S  N N 79  
CYS OXT  O  N N 80  
CYS H    H  N N 81  
CYS H2   H  N N 82  
CYS HA   H  N N 83  
CYS HB2  H  N N 84  
CYS HB3  H  N N 85  
CYS HG   H  N N 86  
CYS HXT  H  N N 87  
GLN N    N  N N 88  
GLN CA   C  N S 89  
GLN C    C  N N 90  
GLN O    O  N N 91  
GLN CB   C  N N 92  
GLN CG   C  N N 93  
GLN CD   C  N N 94  
GLN OE1  O  N N 95  
GLN NE2  N  N N 96  
GLN OXT  O  N N 97  
GLN H    H  N N 98  
GLN H2   H  N N 99  
GLN HA   H  N N 100 
GLN HB2  H  N N 101 
GLN HB3  H  N N 102 
GLN HG2  H  N N 103 
GLN HG3  H  N N 104 
GLN HE21 H  N N 105 
GLN HE22 H  N N 106 
GLN HXT  H  N N 107 
GLU N    N  N N 108 
GLU CA   C  N S 109 
GLU C    C  N N 110 
GLU O    O  N N 111 
GLU CB   C  N N 112 
GLU CG   C  N N 113 
GLU CD   C  N N 114 
GLU OE1  O  N N 115 
GLU OE2  O  N N 116 
GLU OXT  O  N N 117 
GLU H    H  N N 118 
GLU H2   H  N N 119 
GLU HA   H  N N 120 
GLU HB2  H  N N 121 
GLU HB3  H  N N 122 
GLU HG2  H  N N 123 
GLU HG3  H  N N 124 
GLU HE2  H  N N 125 
GLU HXT  H  N N 126 
GLY N    N  N N 127 
GLY CA   C  N N 128 
GLY C    C  N N 129 
GLY O    O  N N 130 
GLY OXT  O  N N 131 
GLY H    H  N N 132 
GLY H2   H  N N 133 
GLY HA2  H  N N 134 
GLY HA3  H  N N 135 
GLY HXT  H  N N 136 
HIS N    N  N N 137 
HIS CA   C  N S 138 
HIS C    C  N N 139 
HIS O    O  N N 140 
HIS CB   C  N N 141 
HIS CG   C  Y N 142 
HIS ND1  N  Y N 143 
HIS CD2  C  Y N 144 
HIS CE1  C  Y N 145 
HIS NE2  N  Y N 146 
HIS OXT  O  N N 147 
HIS H    H  N N 148 
HIS H2   H  N N 149 
HIS HA   H  N N 150 
HIS HB2  H  N N 151 
HIS HB3  H  N N 152 
HIS HD1  H  N N 153 
HIS HD2  H  N N 154 
HIS HE1  H  N N 155 
HIS HE2  H  N N 156 
HIS HXT  H  N N 157 
ILE N    N  N N 158 
ILE CA   C  N S 159 
ILE C    C  N N 160 
ILE O    O  N N 161 
ILE CB   C  N S 162 
ILE CG1  C  N N 163 
ILE CG2  C  N N 164 
ILE CD1  C  N N 165 
ILE OXT  O  N N 166 
ILE H    H  N N 167 
ILE H2   H  N N 168 
ILE HA   H  N N 169 
ILE HB   H  N N 170 
ILE HG12 H  N N 171 
ILE HG13 H  N N 172 
ILE HG21 H  N N 173 
ILE HG22 H  N N 174 
ILE HG23 H  N N 175 
ILE HD11 H  N N 176 
ILE HD12 H  N N 177 
ILE HD13 H  N N 178 
ILE HXT  H  N N 179 
LEU N    N  N N 180 
LEU CA   C  N S 181 
LEU C    C  N N 182 
LEU O    O  N N 183 
LEU CB   C  N N 184 
LEU CG   C  N N 185 
LEU CD1  C  N N 186 
LEU CD2  C  N N 187 
LEU OXT  O  N N 188 
LEU H    H  N N 189 
LEU H2   H  N N 190 
LEU HA   H  N N 191 
LEU HB2  H  N N 192 
LEU HB3  H  N N 193 
LEU HG   H  N N 194 
LEU HD11 H  N N 195 
LEU HD12 H  N N 196 
LEU HD13 H  N N 197 
LEU HD21 H  N N 198 
LEU HD22 H  N N 199 
LEU HD23 H  N N 200 
LEU HXT  H  N N 201 
LYS N    N  N N 202 
LYS CA   C  N S 203 
LYS C    C  N N 204 
LYS O    O  N N 205 
LYS CB   C  N N 206 
LYS CG   C  N N 207 
LYS CD   C  N N 208 
LYS CE   C  N N 209 
LYS NZ   N  N N 210 
LYS OXT  O  N N 211 
LYS H    H  N N 212 
LYS H2   H  N N 213 
LYS HA   H  N N 214 
LYS HB2  H  N N 215 
LYS HB3  H  N N 216 
LYS HG2  H  N N 217 
LYS HG3  H  N N 218 
LYS HD2  H  N N 219 
LYS HD3  H  N N 220 
LYS HE2  H  N N 221 
LYS HE3  H  N N 222 
LYS HZ1  H  N N 223 
LYS HZ2  H  N N 224 
LYS HZ3  H  N N 225 
LYS HXT  H  N N 226 
MET N    N  N N 227 
MET CA   C  N S 228 
MET C    C  N N 229 
MET O    O  N N 230 
MET CB   C  N N 231 
MET CG   C  N N 232 
MET SD   S  N N 233 
MET CE   C  N N 234 
MET OXT  O  N N 235 
MET H    H  N N 236 
MET H2   H  N N 237 
MET HA   H  N N 238 
MET HB2  H  N N 239 
MET HB3  H  N N 240 
MET HG2  H  N N 241 
MET HG3  H  N N 242 
MET HE1  H  N N 243 
MET HE2  H  N N 244 
MET HE3  H  N N 245 
MET HXT  H  N N 246 
PHE N    N  N N 247 
PHE CA   C  N S 248 
PHE C    C  N N 249 
PHE O    O  N N 250 
PHE CB   C  N N 251 
PHE CG   C  Y N 252 
PHE CD1  C  Y N 253 
PHE CD2  C  Y N 254 
PHE CE1  C  Y N 255 
PHE CE2  C  Y N 256 
PHE CZ   C  Y N 257 
PHE OXT  O  N N 258 
PHE H    H  N N 259 
PHE H2   H  N N 260 
PHE HA   H  N N 261 
PHE HB2  H  N N 262 
PHE HB3  H  N N 263 
PHE HD1  H  N N 264 
PHE HD2  H  N N 265 
PHE HE1  H  N N 266 
PHE HE2  H  N N 267 
PHE HZ   H  N N 268 
PHE HXT  H  N N 269 
PRO N    N  N N 270 
PRO CA   C  N S 271 
PRO C    C  N N 272 
PRO O    O  N N 273 
PRO CB   C  N N 274 
PRO CG   C  N N 275 
PRO CD   C  N N 276 
PRO OXT  O  N N 277 
PRO H    H  N N 278 
PRO HA   H  N N 279 
PRO HB2  H  N N 280 
PRO HB3  H  N N 281 
PRO HG2  H  N N 282 
PRO HG3  H  N N 283 
PRO HD2  H  N N 284 
PRO HD3  H  N N 285 
PRO HXT  H  N N 286 
SER N    N  N N 287 
SER CA   C  N S 288 
SER C    C  N N 289 
SER O    O  N N 290 
SER CB   C  N N 291 
SER OG   O  N N 292 
SER OXT  O  N N 293 
SER H    H  N N 294 
SER H2   H  N N 295 
SER HA   H  N N 296 
SER HB2  H  N N 297 
SER HB3  H  N N 298 
SER HG   H  N N 299 
SER HXT  H  N N 300 
THR N    N  N N 301 
THR CA   C  N S 302 
THR C    C  N N 303 
THR O    O  N N 304 
THR CB   C  N R 305 
THR OG1  O  N N 306 
THR CG2  C  N N 307 
THR OXT  O  N N 308 
THR H    H  N N 309 
THR H2   H  N N 310 
THR HA   H  N N 311 
THR HB   H  N N 312 
THR HG1  H  N N 313 
THR HG21 H  N N 314 
THR HG22 H  N N 315 
THR HG23 H  N N 316 
THR HXT  H  N N 317 
TRP N    N  N N 318 
TRP CA   C  N S 319 
TRP C    C  N N 320 
TRP O    O  N N 321 
TRP CB   C  N N 322 
TRP CG   C  Y N 323 
TRP CD1  C  Y N 324 
TRP CD2  C  Y N 325 
TRP NE1  N  Y N 326 
TRP CE2  C  Y N 327 
TRP CE3  C  Y N 328 
TRP CZ2  C  Y N 329 
TRP CZ3  C  Y N 330 
TRP CH2  C  Y N 331 
TRP OXT  O  N N 332 
TRP H    H  N N 333 
TRP H2   H  N N 334 
TRP HA   H  N N 335 
TRP HB2  H  N N 336 
TRP HB3  H  N N 337 
TRP HD1  H  N N 338 
TRP HE1  H  N N 339 
TRP HE3  H  N N 340 
TRP HZ2  H  N N 341 
TRP HZ3  H  N N 342 
TRP HH2  H  N N 343 
TRP HXT  H  N N 344 
TYR N    N  N N 345 
TYR CA   C  N S 346 
TYR C    C  N N 347 
TYR O    O  N N 348 
TYR CB   C  N N 349 
TYR CG   C  Y N 350 
TYR CD1  C  Y N 351 
TYR CD2  C  Y N 352 
TYR CE1  C  Y N 353 
TYR CE2  C  Y N 354 
TYR CZ   C  Y N 355 
TYR OH   O  N N 356 
TYR OXT  O  N N 357 
TYR H    H  N N 358 
TYR H2   H  N N 359 
TYR HA   H  N N 360 
TYR HB2  H  N N 361 
TYR HB3  H  N N 362 
TYR HD1  H  N N 363 
TYR HD2  H  N N 364 
TYR HE1  H  N N 365 
TYR HE2  H  N N 366 
TYR HH   H  N N 367 
TYR HXT  H  N N 368 
VAL N    N  N N 369 
VAL CA   C  N S 370 
VAL C    C  N N 371 
VAL O    O  N N 372 
VAL CB   C  N N 373 
VAL CG1  C  N N 374 
VAL CG2  C  N N 375 
VAL OXT  O  N N 376 
VAL H    H  N N 377 
VAL H2   H  N N 378 
VAL HA   H  N N 379 
VAL HB   H  N N 380 
VAL HG11 H  N N 381 
VAL HG12 H  N N 382 
VAL HG13 H  N N 383 
VAL HG21 H  N N 384 
VAL HG22 H  N N 385 
VAL HG23 H  N N 386 
VAL HXT  H  N N 387 
ZN  ZN   ZN N N 388 
# 
loop_
_chem_comp_bond.comp_id 
_chem_comp_bond.atom_id_1 
_chem_comp_bond.atom_id_2 
_chem_comp_bond.value_order 
_chem_comp_bond.pdbx_aromatic_flag 
_chem_comp_bond.pdbx_stereo_config 
_chem_comp_bond.pdbx_ordinal 
ALA N   CA   sing N N 1   
ALA N   H    sing N N 2   
ALA N   H2   sing N N 3   
ALA CA  C    sing N N 4   
ALA CA  CB   sing N N 5   
ALA CA  HA   sing N N 6   
ALA C   O    doub N N 7   
ALA C   OXT  sing N N 8   
ALA CB  HB1  sing N N 9   
ALA CB  HB2  sing N N 10  
ALA CB  HB3  sing N N 11  
ALA OXT HXT  sing N N 12  
ARG N   CA   sing N N 13  
ARG N   H    sing N N 14  
ARG N   H2   sing N N 15  
ARG CA  C    sing N N 16  
ARG CA  CB   sing N N 17  
ARG CA  HA   sing N N 18  
ARG C   O    doub N N 19  
ARG C   OXT  sing N N 20  
ARG CB  CG   sing N N 21  
ARG CB  HB2  sing N N 22  
ARG CB  HB3  sing N N 23  
ARG CG  CD   sing N N 24  
ARG CG  HG2  sing N N 25  
ARG CG  HG3  sing N N 26  
ARG CD  NE   sing N N 27  
ARG CD  HD2  sing N N 28  
ARG CD  HD3  sing N N 29  
ARG NE  CZ   sing N N 30  
ARG NE  HE   sing N N 31  
ARG CZ  NH1  sing N N 32  
ARG CZ  NH2  doub N N 33  
ARG NH1 HH11 sing N N 34  
ARG NH1 HH12 sing N N 35  
ARG NH2 HH21 sing N N 36  
ARG NH2 HH22 sing N N 37  
ARG OXT HXT  sing N N 38  
ASN N   CA   sing N N 39  
ASN N   H    sing N N 40  
ASN N   H2   sing N N 41  
ASN CA  C    sing N N 42  
ASN CA  CB   sing N N 43  
ASN CA  HA   sing N N 44  
ASN C   O    doub N N 45  
ASN C   OXT  sing N N 46  
ASN CB  CG   sing N N 47  
ASN CB  HB2  sing N N 48  
ASN CB  HB3  sing N N 49  
ASN CG  OD1  doub N N 50  
ASN CG  ND2  sing N N 51  
ASN ND2 HD21 sing N N 52  
ASN ND2 HD22 sing N N 53  
ASN OXT HXT  sing N N 54  
ASP N   CA   sing N N 55  
ASP N   H    sing N N 56  
ASP N   H2   sing N N 57  
ASP CA  C    sing N N 58  
ASP CA  CB   sing N N 59  
ASP CA  HA   sing N N 60  
ASP C   O    doub N N 61  
ASP C   OXT  sing N N 62  
ASP CB  CG   sing N N 63  
ASP CB  HB2  sing N N 64  
ASP CB  HB3  sing N N 65  
ASP CG  OD1  doub N N 66  
ASP CG  OD2  sing N N 67  
ASP OD2 HD2  sing N N 68  
ASP OXT HXT  sing N N 69  
CYS N   CA   sing N N 70  
CYS N   H    sing N N 71  
CYS N   H2   sing N N 72  
CYS CA  C    sing N N 73  
CYS CA  CB   sing N N 74  
CYS CA  HA   sing N N 75  
CYS C   O    doub N N 76  
CYS C   OXT  sing N N 77  
CYS CB  SG   sing N N 78  
CYS CB  HB2  sing N N 79  
CYS CB  HB3  sing N N 80  
CYS SG  HG   sing N N 81  
CYS OXT HXT  sing N N 82  
GLN N   CA   sing N N 83  
GLN N   H    sing N N 84  
GLN N   H2   sing N N 85  
GLN CA  C    sing N N 86  
GLN CA  CB   sing N N 87  
GLN CA  HA   sing N N 88  
GLN C   O    doub N N 89  
GLN C   OXT  sing N N 90  
GLN CB  CG   sing N N 91  
GLN CB  HB2  sing N N 92  
GLN CB  HB3  sing N N 93  
GLN CG  CD   sing N N 94  
GLN CG  HG2  sing N N 95  
GLN CG  HG3  sing N N 96  
GLN CD  OE1  doub N N 97  
GLN CD  NE2  sing N N 98  
GLN NE2 HE21 sing N N 99  
GLN NE2 HE22 sing N N 100 
GLN OXT HXT  sing N N 101 
GLU N   CA   sing N N 102 
GLU N   H    sing N N 103 
GLU N   H2   sing N N 104 
GLU CA  C    sing N N 105 
GLU CA  CB   sing N N 106 
GLU CA  HA   sing N N 107 
GLU C   O    doub N N 108 
GLU C   OXT  sing N N 109 
GLU CB  CG   sing N N 110 
GLU CB  HB2  sing N N 111 
GLU CB  HB3  sing N N 112 
GLU CG  CD   sing N N 113 
GLU CG  HG2  sing N N 114 
GLU CG  HG3  sing N N 115 
GLU CD  OE1  doub N N 116 
GLU CD  OE2  sing N N 117 
GLU OE2 HE2  sing N N 118 
GLU OXT HXT  sing N N 119 
GLY N   CA   sing N N 120 
GLY N   H    sing N N 121 
GLY N   H2   sing N N 122 
GLY CA  C    sing N N 123 
GLY CA  HA2  sing N N 124 
GLY CA  HA3  sing N N 125 
GLY C   O    doub N N 126 
GLY C   OXT  sing N N 127 
GLY OXT HXT  sing N N 128 
HIS N   CA   sing N N 129 
HIS N   H    sing N N 130 
HIS N   H2   sing N N 131 
HIS CA  C    sing N N 132 
HIS CA  CB   sing N N 133 
HIS CA  HA   sing N N 134 
HIS C   O    doub N N 135 
HIS C   OXT  sing N N 136 
HIS CB  CG   sing N N 137 
HIS CB  HB2  sing N N 138 
HIS CB  HB3  sing N N 139 
HIS CG  ND1  sing Y N 140 
HIS CG  CD2  doub Y N 141 
HIS ND1 CE1  doub Y N 142 
HIS ND1 HD1  sing N N 143 
HIS CD2 NE2  sing Y N 144 
HIS CD2 HD2  sing N N 145 
HIS CE1 NE2  sing Y N 146 
HIS CE1 HE1  sing N N 147 
HIS NE2 HE2  sing N N 148 
HIS OXT HXT  sing N N 149 
ILE N   CA   sing N N 150 
ILE N   H    sing N N 151 
ILE N   H2   sing N N 152 
ILE CA  C    sing N N 153 
ILE CA  CB   sing N N 154 
ILE CA  HA   sing N N 155 
ILE C   O    doub N N 156 
ILE C   OXT  sing N N 157 
ILE CB  CG1  sing N N 158 
ILE CB  CG2  sing N N 159 
ILE CB  HB   sing N N 160 
ILE CG1 CD1  sing N N 161 
ILE CG1 HG12 sing N N 162 
ILE CG1 HG13 sing N N 163 
ILE CG2 HG21 sing N N 164 
ILE CG2 HG22 sing N N 165 
ILE CG2 HG23 sing N N 166 
ILE CD1 HD11 sing N N 167 
ILE CD1 HD12 sing N N 168 
ILE CD1 HD13 sing N N 169 
ILE OXT HXT  sing N N 170 
LEU N   CA   sing N N 171 
LEU N   H    sing N N 172 
LEU N   H2   sing N N 173 
LEU CA  C    sing N N 174 
LEU CA  CB   sing N N 175 
LEU CA  HA   sing N N 176 
LEU C   O    doub N N 177 
LEU C   OXT  sing N N 178 
LEU CB  CG   sing N N 179 
LEU CB  HB2  sing N N 180 
LEU CB  HB3  sing N N 181 
LEU CG  CD1  sing N N 182 
LEU CG  CD2  sing N N 183 
LEU CG  HG   sing N N 184 
LEU CD1 HD11 sing N N 185 
LEU CD1 HD12 sing N N 186 
LEU CD1 HD13 sing N N 187 
LEU CD2 HD21 sing N N 188 
LEU CD2 HD22 sing N N 189 
LEU CD2 HD23 sing N N 190 
LEU OXT HXT  sing N N 191 
LYS N   CA   sing N N 192 
LYS N   H    sing N N 193 
LYS N   H2   sing N N 194 
LYS CA  C    sing N N 195 
LYS CA  CB   sing N N 196 
LYS CA  HA   sing N N 197 
LYS C   O    doub N N 198 
LYS C   OXT  sing N N 199 
LYS CB  CG   sing N N 200 
LYS CB  HB2  sing N N 201 
LYS CB  HB3  sing N N 202 
LYS CG  CD   sing N N 203 
LYS CG  HG2  sing N N 204 
LYS CG  HG3  sing N N 205 
LYS CD  CE   sing N N 206 
LYS CD  HD2  sing N N 207 
LYS CD  HD3  sing N N 208 
LYS CE  NZ   sing N N 209 
LYS CE  HE2  sing N N 210 
LYS CE  HE3  sing N N 211 
LYS NZ  HZ1  sing N N 212 
LYS NZ  HZ2  sing N N 213 
LYS NZ  HZ3  sing N N 214 
LYS OXT HXT  sing N N 215 
MET N   CA   sing N N 216 
MET N   H    sing N N 217 
MET N   H2   sing N N 218 
MET CA  C    sing N N 219 
MET CA  CB   sing N N 220 
MET CA  HA   sing N N 221 
MET C   O    doub N N 222 
MET C   OXT  sing N N 223 
MET CB  CG   sing N N 224 
MET CB  HB2  sing N N 225 
MET CB  HB3  sing N N 226 
MET CG  SD   sing N N 227 
MET CG  HG2  sing N N 228 
MET CG  HG3  sing N N 229 
MET SD  CE   sing N N 230 
MET CE  HE1  sing N N 231 
MET CE  HE2  sing N N 232 
MET CE  HE3  sing N N 233 
MET OXT HXT  sing N N 234 
PHE N   CA   sing N N 235 
PHE N   H    sing N N 236 
PHE N   H2   sing N N 237 
PHE CA  C    sing N N 238 
PHE CA  CB   sing N N 239 
PHE CA  HA   sing N N 240 
PHE C   O    doub N N 241 
PHE C   OXT  sing N N 242 
PHE CB  CG   sing N N 243 
PHE CB  HB2  sing N N 244 
PHE CB  HB3  sing N N 245 
PHE CG  CD1  doub Y N 246 
PHE CG  CD2  sing Y N 247 
PHE CD1 CE1  sing Y N 248 
PHE CD1 HD1  sing N N 249 
PHE CD2 CE2  doub Y N 250 
PHE CD2 HD2  sing N N 251 
PHE CE1 CZ   doub Y N 252 
PHE CE1 HE1  sing N N 253 
PHE CE2 CZ   sing Y N 254 
PHE CE2 HE2  sing N N 255 
PHE CZ  HZ   sing N N 256 
PHE OXT HXT  sing N N 257 
PRO N   CA   sing N N 258 
PRO N   CD   sing N N 259 
PRO N   H    sing N N 260 
PRO CA  C    sing N N 261 
PRO CA  CB   sing N N 262 
PRO CA  HA   sing N N 263 
PRO C   O    doub N N 264 
PRO C   OXT  sing N N 265 
PRO CB  CG   sing N N 266 
PRO CB  HB2  sing N N 267 
PRO CB  HB3  sing N N 268 
PRO CG  CD   sing N N 269 
PRO CG  HG2  sing N N 270 
PRO CG  HG3  sing N N 271 
PRO CD  HD2  sing N N 272 
PRO CD  HD3  sing N N 273 
PRO OXT HXT  sing N N 274 
SER N   CA   sing N N 275 
SER N   H    sing N N 276 
SER N   H2   sing N N 277 
SER CA  C    sing N N 278 
SER CA  CB   sing N N 279 
SER CA  HA   sing N N 280 
SER C   O    doub N N 281 
SER C   OXT  sing N N 282 
SER CB  OG   sing N N 283 
SER CB  HB2  sing N N 284 
SER CB  HB3  sing N N 285 
SER OG  HG   sing N N 286 
SER OXT HXT  sing N N 287 
THR N   CA   sing N N 288 
THR N   H    sing N N 289 
THR N   H2   sing N N 290 
THR CA  C    sing N N 291 
THR CA  CB   sing N N 292 
THR CA  HA   sing N N 293 
THR C   O    doub N N 294 
THR C   OXT  sing N N 295 
THR CB  OG1  sing N N 296 
THR CB  CG2  sing N N 297 
THR CB  HB   sing N N 298 
THR OG1 HG1  sing N N 299 
THR CG2 HG21 sing N N 300 
THR CG2 HG22 sing N N 301 
THR CG2 HG23 sing N N 302 
THR OXT HXT  sing N N 303 
TRP N   CA   sing N N 304 
TRP N   H    sing N N 305 
TRP N   H2   sing N N 306 
TRP CA  C    sing N N 307 
TRP CA  CB   sing N N 308 
TRP CA  HA   sing N N 309 
TRP C   O    doub N N 310 
TRP C   OXT  sing N N 311 
TRP CB  CG   sing N N 312 
TRP CB  HB2  sing N N 313 
TRP CB  HB3  sing N N 314 
TRP CG  CD1  doub Y N 315 
TRP CG  CD2  sing Y N 316 
TRP CD1 NE1  sing Y N 317 
TRP CD1 HD1  sing N N 318 
TRP CD2 CE2  doub Y N 319 
TRP CD2 CE3  sing Y N 320 
TRP NE1 CE2  sing Y N 321 
TRP NE1 HE1  sing N N 322 
TRP CE2 CZ2  sing Y N 323 
TRP CE3 CZ3  doub Y N 324 
TRP CE3 HE3  sing N N 325 
TRP CZ2 CH2  doub Y N 326 
TRP CZ2 HZ2  sing N N 327 
TRP CZ3 CH2  sing Y N 328 
TRP CZ3 HZ3  sing N N 329 
TRP CH2 HH2  sing N N 330 
TRP OXT HXT  sing N N 331 
TYR N   CA   sing N N 332 
TYR N   H    sing N N 333 
TYR N   H2   sing N N 334 
TYR CA  C    sing N N 335 
TYR CA  CB   sing N N 336 
TYR CA  HA   sing N N 337 
TYR C   O    doub N N 338 
TYR C   OXT  sing N N 339 
TYR CB  CG   sing N N 340 
TYR CB  HB2  sing N N 341 
TYR CB  HB3  sing N N 342 
TYR CG  CD1  doub Y N 343 
TYR CG  CD2  sing Y N 344 
TYR CD1 CE1  sing Y N 345 
TYR CD1 HD1  sing N N 346 
TYR CD2 CE2  doub Y N 347 
TYR CD2 HD2  sing N N 348 
TYR CE1 CZ   doub Y N 349 
TYR CE1 HE1  sing N N 350 
TYR CE2 CZ   sing Y N 351 
TYR CE2 HE2  sing N N 352 
TYR CZ  OH   sing N N 353 
TYR OH  HH   sing N N 354 
TYR OXT HXT  sing N N 355 
VAL N   CA   sing N N 356 
VAL N   H    sing N N 357 
VAL N   H2   sing N N 358 
VAL CA  C    sing N N 359 
VAL CA  CB   sing N N 360 
VAL CA  HA   sing N N 361 
VAL C   O    doub N N 362 
VAL C   OXT  sing N N 363 
VAL CB  CG1  sing N N 364 
VAL CB  CG2  sing N N 365 
VAL CB  HB   sing N N 366 
VAL CG1 HG11 sing N N 367 
VAL CG1 HG12 sing N N 368 
VAL CG1 HG13 sing N N 369 
VAL CG2 HG21 sing N N 370 
VAL CG2 HG22 sing N N 371 
VAL CG2 HG23 sing N N 372 
VAL OXT HXT  sing N N 373 
# 
loop_
_pdbx_nmr_spectrometer.field_strength 
_pdbx_nmr_spectrometer.manufacturer 
_pdbx_nmr_spectrometer.model 
_pdbx_nmr_spectrometer.spectrometer_id 
_pdbx_nmr_spectrometer.type 
600 Varian INOVA 1 'Varian INOVA' 
900 Varian INOVA 2 'Varian INOVA' 
# 
_atom_sites.entry_id                    2M7Y 
_atom_sites.fract_transf_matrix[1][1]   1.000000 
_atom_sites.fract_transf_matrix[1][2]   0.000000 
_atom_sites.fract_transf_matrix[1][3]   0.000000 
_atom_sites.fract_transf_matrix[2][1]   0.000000 
_atom_sites.fract_transf_matrix[2][2]   1.000000 
_atom_sites.fract_transf_matrix[2][3]   0.000000 
_atom_sites.fract_transf_matrix[3][1]   0.000000 
_atom_sites.fract_transf_matrix[3][2]   0.000000 
_atom_sites.fract_transf_matrix[3][3]   1.000000 
_atom_sites.fract_transf_vector[1]      0.00000 
_atom_sites.fract_transf_vector[2]      0.00000 
_atom_sites.fract_transf_vector[3]      0.00000 
# 
loop_
_atom_type.symbol 
C  
H  
N  
O  
S  
ZN 
# 
loop_
_atom_site.group_PDB 
_atom_site.id 
_atom_site.type_symbol 
_atom_site.label_atom_id 
_atom_site.label_alt_id 
_atom_site.label_comp_id 
_atom_site.label_asym_id 
_atom_site.label_entity_id 
_atom_site.label_seq_id 
_atom_site.pdbx_PDB_ins_code 
_atom_site.Cartn_x 
_atom_site.Cartn_y 
_atom_site.Cartn_z 
_atom_site.occupancy 
_atom_site.B_iso_or_equiv 
_atom_site.pdbx_formal_charge 
_atom_site.auth_seq_id 
_atom_site.auth_comp_id 
_atom_site.auth_asym_id 
_atom_site.auth_atom_id 
_atom_site.pdbx_PDB_model_num 
ATOM   1    N  N    . GLY A 1 1  ? -5.929  17.565  -4.860  1.00 11.00 ? 1   GLY A N    1 
ATOM   2    C  CA   . GLY A 1 1  ? -4.989  17.693  -5.960  1.00 43.05 ? 1   GLY A CA   1 
ATOM   3    C  C    . GLY A 1 1  ? -4.566  19.151  -6.153  1.00 44.22 ? 1   GLY A C    1 
ATOM   4    O  O    . GLY A 1 1  ? -5.315  19.950  -6.711  1.00 64.33 ? 1   GLY A O    1 
ATOM   5    H  H1   . GLY A 1 1  ? -6.043  16.636  -4.508  1.00 1.00  ? 1   GLY A H1   1 
ATOM   6    H  HA2  . GLY A 1 1  ? -4.110  17.078  -5.765  1.00 64.55 ? 1   GLY A HA2  1 
ATOM   7    H  HA3  . GLY A 1 1  ? -5.443  17.318  -6.877  1.00 53.15 ? 1   GLY A HA3  1 
ATOM   8    N  N    . SER A 1 2  ? -3.365  19.452  -5.680  1.00 53.32 ? 2   SER A N    1 
ATOM   9    C  CA   . SER A 1 2  ? -2.833  20.800  -5.792  1.00 71.31 ? 2   SER A CA   1 
ATOM   10   C  C    . SER A 1 2  ? -3.797  21.799  -5.148  1.00 41.45 ? 2   SER A C    1 
ATOM   11   O  O    . SER A 1 2  ? -4.387  22.630  -5.837  1.00 73.23 ? 2   SER A O    1 
ATOM   12   C  CB   . SER A 1 2  ? -2.583  21.172  -7.255  1.00 71.15 ? 2   SER A CB   1 
ATOM   13   O  OG   . SER A 1 2  ? -2.236  20.036  -8.044  1.00 53.30 ? 2   SER A OG   1 
ATOM   14   H  H    . SER A 1 2  ? -2.761  18.796  -5.227  1.00 74.11 ? 2   SER A H    1 
ATOM   15   H  HA   . SER A 1 2  ? -1.885  20.782  -5.255  1.00 62.41 ? 2   SER A HA   1 
ATOM   16   H  HB2  . SER A 1 2  ? -3.476  21.641  -7.669  1.00 13.44 ? 2   SER A HB2  1 
ATOM   17   H  HB3  . SER A 1 2  ? -1.781  21.910  -7.310  1.00 21.22 ? 2   SER A HB3  1 
ATOM   18   H  HG   . SER A 1 2  ? -2.668  20.101  -8.944  1.00 5.44  ? 2   SER A HG   1 
ATOM   19   N  N    . THR A 1 3  ? -3.926  21.684  -3.835  1.00 33.02 ? 3   THR A N    1 
ATOM   20   C  CA   . THR A 1 3  ? -4.808  22.567  -3.090  1.00 61.43 ? 3   THR A CA   1 
ATOM   21   C  C    . THR A 1 3  ? -4.022  23.748  -2.518  1.00 60.22 ? 3   THR A C    1 
ATOM   22   O  O    . THR A 1 3  ? -4.250  24.894  -2.902  1.00 30.11 ? 3   THR A O    1 
ATOM   23   C  CB   . THR A 1 3  ? -5.517  21.734  -2.020  1.00 72.22 ? 3   THR A CB   1 
ATOM   24   O  OG1  . THR A 1 3  ? -6.827  21.534  -2.548  1.00 64.01 ? 3   THR A OG1  1 
ATOM   25   C  CG2  . THR A 1 3  ? -5.753  22.518  -0.728  1.00 51.21 ? 3   THR A CG2  1 
ATOM   26   H  H    . THR A 1 3  ? -3.443  21.005  -3.282  1.00 71.20 ? 3   THR A H    1 
ATOM   27   H  HA   . THR A 1 3  ? -5.546  22.978  -3.780  1.00 1.23  ? 3   THR A HA   1 
ATOM   28   H  HB   . THR A 1 3  ? -4.973  20.810  -1.823  1.00 13.14 ? 3   THR A HB   1 
ATOM   29   H  HG1  . THR A 1 3  ? -7.426  21.160  -1.840  1.00 74.30 ? 3   THR A HG1  1 
ATOM   30   H  HG21 . THR A 1 3  ? -4.885  22.414  -0.077  1.00 42.41 ? 3   THR A HG21 1 
ATOM   31   H  HG22 . THR A 1 3  ? -5.906  23.571  -0.965  1.00 52.33 ? 3   THR A HG22 1 
ATOM   32   H  HG23 . THR A 1 3  ? -6.635  22.128  -0.221  1.00 70.30 ? 3   THR A HG23 1 
ATOM   33   N  N    . ALA A 1 4  ? -3.112  23.427  -1.609  1.00 72.15 ? 4   ALA A N    1 
ATOM   34   C  CA   . ALA A 1 4  ? -2.290  24.447  -0.981  1.00 74.11 ? 4   ALA A CA   1 
ATOM   35   C  C    . ALA A 1 4  ? -0.828  23.997  -0.992  1.00 32.21 ? 4   ALA A C    1 
ATOM   36   O  O    . ALA A 1 4  ? -0.112  24.180  -0.009  1.00 3.04  ? 4   ALA A O    1 
ATOM   37   C  CB   . ALA A 1 4  ? -2.807  24.719  0.434   1.00 44.21 ? 4   ALA A CB   1 
ATOM   38   H  H    . ALA A 1 4  ? -2.933  22.493  -1.304  1.00 3.43  ? 4   ALA A H    1 
ATOM   39   H  HA   . ALA A 1 4  ? -2.386  25.360  -1.569  1.00 65.13 ? 4   ALA A HA   1 
ATOM   40   H  HB1  . ALA A 1 4  ? -2.965  25.789  0.564   1.00 32.10 ? 4   ALA A HB1  1 
ATOM   41   H  HB2  . ALA A 1 4  ? -3.749  24.191  0.584   1.00 44.33 ? 4   ALA A HB2  1 
ATOM   42   H  HB3  . ALA A 1 4  ? -2.074  24.368  1.161   1.00 51.32 ? 4   ALA A HB3  1 
ATOM   43   N  N    . MET A 1 5  ? -0.429  23.417  -2.115  1.00 73.11 ? 5   MET A N    1 
ATOM   44   C  CA   . MET A 1 5  ? 0.935   22.940  -2.266  1.00 73.32 ? 5   MET A CA   1 
ATOM   45   C  C    . MET A 1 5  ? 1.738   23.860  -3.188  1.00 11.12 ? 5   MET A C    1 
ATOM   46   O  O    . MET A 1 5  ? 1.165   24.616  -3.970  1.00 62.42 ? 5   MET A O    1 
ATOM   47   C  CB   . MET A 1 5  ? 0.918   21.524  -2.846  1.00 74.34 ? 5   MET A CB   1 
ATOM   48   C  CG   . MET A 1 5  ? -0.103  20.646  -2.120  1.00 70.24 ? 5   MET A CG   1 
ATOM   49   S  SD   . MET A 1 5  ? -0.130  19.016  -2.845  1.00 24.04 ? 5   MET A SD   1 
ATOM   50   C  CE   . MET A 1 5  ? 0.247   18.030  -1.405  1.00 34.11 ? 5   MET A CE   1 
ATOM   51   H  H    . MET A 1 5  ? -1.019  23.274  -2.909  1.00 61.20 ? 5   MET A H    1 
ATOM   52   H  HA   . MET A 1 5  ? 1.362   22.954  -1.264  1.00 2.14  ? 5   MET A HA   1 
ATOM   53   H  HB2  . MET A 1 5  ? 0.677   21.566  -3.909  1.00 32.23 ? 5   MET A HB2  1 
ATOM   54   H  HB3  . MET A 1 5  ? 1.910   21.081  -2.761  1.00 21.20 ? 5   MET A HB3  1 
ATOM   55   H  HG2  . MET A 1 5  ? 0.150   20.579  -1.062  1.00 70.05 ? 5   MET A HG2  1 
ATOM   56   H  HG3  . MET A 1 5  ? -1.094  21.097  -2.183  1.00 70.05 ? 5   MET A HG3  1 
ATOM   57   H  HE1  . MET A 1 5  ? 1.328   17.940  -1.300  1.00 4.22  ? 5   MET A HE1  1 
ATOM   58   H  HE2  . MET A 1 5  ? -0.165  18.510  -0.518  1.00 72.21 ? 5   MET A HE2  1 
ATOM   59   H  HE3  . MET A 1 5  ? -0.191  17.039  -1.518  1.00 21.14 ? 5   MET A HE3  1 
ATOM   60   N  N    . ALA A 1 6  ? 3.054   23.765  -3.064  1.00 20.03 ? 6   ALA A N    1 
ATOM   61   C  CA   . ALA A 1 6  ? 3.942   24.580  -3.875  1.00 1.10  ? 6   ALA A CA   1 
ATOM   62   C  C    . ALA A 1 6  ? 5.364   24.486  -3.318  1.00 74.44 ? 6   ALA A C    1 
ATOM   63   O  O    . ALA A 1 6  ? 6.335   24.538  -4.072  1.00 43.20 ? 6   ALA A O    1 
ATOM   64   C  CB   . ALA A 1 6  ? 3.424   26.019  -3.914  1.00 13.24 ? 6   ALA A CB   1 
ATOM   65   H  H    . ALA A 1 6  ? 3.512   23.147  -2.425  1.00 41.35 ? 6   ALA A H    1 
ATOM   66   H  HA   . ALA A 1 6  ? 3.931   24.176  -4.888  1.00 65.01 ? 6   ALA A HA   1 
ATOM   67   H  HB1  . ALA A 1 6  ? 4.262   26.709  -3.811  1.00 74.43 ? 6   ALA A HB1  1 
ATOM   68   H  HB2  . ALA A 1 6  ? 2.919   26.198  -4.863  1.00 12.43 ? 6   ALA A HB2  1 
ATOM   69   H  HB3  . ALA A 1 6  ? 2.724   26.174  -3.093  1.00 73.43 ? 6   ALA A HB3  1 
ATOM   70   N  N    . THR A 1 7  ? 5.442   24.350  -2.002  1.00 52.23 ? 7   THR A N    1 
ATOM   71   C  CA   . THR A 1 7  ? 6.729   24.249  -1.335  1.00 54.05 ? 7   THR A CA   1 
ATOM   72   C  C    . THR A 1 7  ? 7.692   23.393  -2.160  1.00 14.04 ? 7   THR A C    1 
ATOM   73   O  O    . THR A 1 7  ? 8.490   23.919  -2.933  1.00 22.41 ? 7   THR A O    1 
ATOM   74   C  CB   . THR A 1 7  ? 6.489   23.708  0.075   1.00 50.21 ? 7   THR A CB   1 
ATOM   75   O  OG1  . THR A 1 7  ? 7.672   22.969  0.369   1.00 55.41 ? 7   THR A OG1  1 
ATOM   76   C  CG2  . THR A 1 7  ? 5.375   22.659  0.118   1.00 41.41 ? 7   THR A CG2  1 
ATOM   77   H  H    . THR A 1 7  ? 4.648   24.310  -1.396  1.00 62.43 ? 7   THR A H    1 
ATOM   78   H  HA   . THR A 1 7  ? 7.163   25.248  -1.272  1.00 61.32 ? 7   THR A HA   1 
ATOM   79   H  HB   . THR A 1 7  ? 6.288   24.519  0.775   1.00 32.42 ? 7   THR A HB   1 
ATOM   80   H  HG1  . THR A 1 7  ? 8.283   23.518  0.941   1.00 1.24  ? 7   THR A HG1  1 
ATOM   81   H  HG21 . THR A 1 7  ? 5.122   22.357  -0.898  1.00 3.15  ? 7   THR A HG21 1 
ATOM   82   H  HG22 . THR A 1 7  ? 5.716   21.790  0.681   1.00 1.45  ? 7   THR A HG22 1 
ATOM   83   H  HG23 . THR A 1 7  ? 4.495   23.083  0.601   1.00 10.43 ? 7   THR A HG23 1 
ATOM   84   N  N    . THR A 1 8  ? 7.584   22.087  -1.966  1.00 63.40 ? 8   THR A N    1 
ATOM   85   C  CA   . THR A 1 8  ? 8.434   21.151  -2.684  1.00 15.35 ? 8   THR A CA   1 
ATOM   86   C  C    . THR A 1 8  ? 7.644   19.900  -3.070  1.00 64.02 ? 8   THR A C    1 
ATOM   87   O  O    . THR A 1 8  ? 7.371   19.673  -4.248  1.00 5.04  ? 8   THR A O    1 
ATOM   88   C  CB   . THR A 1 8  ? 9.653   20.854  -1.807  1.00 32.03 ? 8   THR A CB   1 
ATOM   89   O  OG1  . THR A 1 8  ? 9.892   19.463  -2.007  1.00 1.51  ? 8   THR A OG1  1 
ATOM   90   C  CG2  . THR A 1 8  ? 9.341   20.967  -0.313  1.00 72.03 ? 8   THR A CG2  1 
ATOM   91   H  H    . THR A 1 8  ? 6.931   21.666  -1.337  1.00 11.44 ? 8   THR A H    1 
ATOM   92   H  HA   . THR A 1 8  ? 8.759   21.624  -3.610  1.00 65.31 ? 8   THR A HA   1 
ATOM   93   H  HB   . THR A 1 8  ? 10.493  21.492  -2.078  1.00 63.32 ? 8   THR A HB   1 
ATOM   94   H  HG1  . THR A 1 8  ? 9.425   18.931  -1.301  1.00 44.40 ? 8   THR A HG1  1 
ATOM   95   H  HG21 . THR A 1 8  ? 9.879   20.190  0.230   1.00 12.45 ? 8   THR A HG21 1 
ATOM   96   H  HG22 . THR A 1 8  ? 9.653   21.946  0.050   1.00 44.52 ? 8   THR A HG22 1 
ATOM   97   H  HG23 . THR A 1 8  ? 8.269   20.846  -0.155  1.00 12.11 ? 8   THR A HG23 1 
ATOM   98   N  N    . MET A 1 9  ? 7.298   19.120  -2.056  1.00 13.01 ? 9   MET A N    1 
ATOM   99   C  CA   . MET A 1 9  ? 6.544   17.897  -2.275  1.00 60.25 ? 9   MET A CA   1 
ATOM   100  C  C    . MET A 1 9  ? 5.119   18.207  -2.735  1.00 33.41 ? 9   MET A C    1 
ATOM   101  O  O    . MET A 1 9  ? 4.470   19.105  -2.199  1.00 42.31 ? 9   MET A O    1 
ATOM   102  C  CB   . MET A 1 9  ? 6.498   17.086  -0.979  1.00 55.43 ? 9   MET A CB   1 
ATOM   103  C  CG   . MET A 1 9  ? 7.904   16.661  -0.547  1.00 74.42 ? 9   MET A CG   1 
ATOM   104  S  SD   . MET A 1 9  ? 8.394   17.568  0.910   1.00 52.12 ? 9   MET A SD   1 
ATOM   105  C  CE   . MET A 1 9  ? 10.138  17.188  0.939   1.00 24.42 ? 9   MET A CE   1 
ATOM   106  H  H    . MET A 1 9  ? 7.524   19.312  -1.101  1.00 12.41 ? 9   MET A H    1 
ATOM   107  H  HA   . MET A 1 9  ? 7.078   17.361  -3.060  1.00 2.23  ? 9   MET A HA   1 
ATOM   108  H  HB2  . MET A 1 9  ? 6.036   17.681  -0.191  1.00 4.44  ? 9   MET A HB2  1 
ATOM   109  H  HB3  . MET A 1 9  ? 5.875   16.203  -1.119  1.00 33.10 ? 9   MET A HB3  1 
ATOM   110  H  HG2  . MET A 1 9  ? 7.922   15.591  -0.343  1.00 55.24 ? 9   MET A HG2  1 
ATOM   111  H  HG3  . MET A 1 9  ? 8.612   16.845  -1.355  1.00 20.32 ? 9   MET A HG3  1 
ATOM   112  H  HE1  . MET A 1 9  ? 10.298  16.183  0.545   1.00 12.23 ? 9   MET A HE1  1 
ATOM   113  H  HE2  . MET A 1 9  ? 10.678  17.908  0.325   1.00 23.30 ? 9   MET A HE2  1 
ATOM   114  H  HE3  . MET A 1 9  ? 10.505  17.238  1.964   1.00 33.02 ? 9   MET A HE3  1 
ATOM   115  N  N    . GLU A 1 10 ? 4.671   17.446  -3.723  1.00 40.32 ? 10  GLU A N    1 
ATOM   116  C  CA   . GLU A 1 10 ? 3.334   17.629  -4.262  1.00 34.14 ? 10  GLU A CA   1 
ATOM   117  C  C    . GLU A 1 10 ? 2.613   16.282  -4.357  1.00 72.34 ? 10  GLU A C    1 
ATOM   118  O  O    . GLU A 1 10 ? 1.653   16.141  -5.115  1.00 12.45 ? 10  GLU A O    1 
ATOM   119  C  CB   . GLU A 1 10 ? 3.380   18.324  -5.623  1.00 52.24 ? 10  GLU A CB   1 
ATOM   120  C  CG   . GLU A 1 10 ? 2.673   19.679  -5.571  1.00 61.24 ? 10  GLU A CG   1 
ATOM   121  C  CD   . GLU A 1 10 ? 1.957   19.975  -6.891  1.00 11.13 ? 10  GLU A CD   1 
ATOM   122  O  OE1  . GLU A 1 10 ? 1.961   21.124  -7.355  1.00 75.31 ? 10  GLU A OE1  1 
ATOM   123  O  OE2  . GLU A 1 10 ? 1.381   18.958  -7.439  1.00 41.41 ? 10  GLU A OE2  1 
ATOM   124  H  H    . GLU A 1 10 ? 5.204   16.718  -4.154  1.00 51.12 ? 10  GLU A H    1 
ATOM   125  H  HA   . GLU A 1 10 ? 2.820   18.274  -3.548  1.00 22.41 ? 10  GLU A HA   1 
ATOM   126  H  HB2  . GLU A 1 10 ? 4.417   18.463  -5.930  1.00 0.42  ? 10  GLU A HB2  1 
ATOM   127  H  HB3  . GLU A 1 10 ? 2.909   17.692  -6.375  1.00 31.31 ? 10  GLU A HB3  1 
ATOM   128  H  HG2  . GLU A 1 10 ? 1.952   19.686  -4.753  1.00 52.52 ? 10  GLU A HG2  1 
ATOM   129  H  HG3  . GLU A 1 10 ? 3.399   20.466  -5.364  1.00 21.44 ? 10  GLU A HG3  1 
ATOM   130  H  HE2  . GLU A 1 10 ? 0.544   18.730  -6.941  1.00 3.53  ? 10  GLU A HE2  1 
ATOM   131  N  N    . GLN A 1 11 ? 3.103   15.328  -3.580  1.00 64.31 ? 11  GLN A N    1 
ATOM   132  C  CA   . GLN A 1 11 ? 2.517   13.999  -3.568  1.00 63.01 ? 11  GLN A CA   1 
ATOM   133  C  C    . GLN A 1 11 ? 2.184   13.577  -2.135  1.00 73.32 ? 11  GLN A C    1 
ATOM   134  O  O    . GLN A 1 11 ? 1.820   12.428  -1.891  1.00 0.50  ? 11  GLN A O    1 
ATOM   135  C  CB   . GLN A 1 11 ? 3.447   12.983  -4.236  1.00 42.22 ? 11  GLN A CB   1 
ATOM   136  C  CG   . GLN A 1 11 ? 3.026   12.722  -5.683  1.00 32.23 ? 11  GLN A CG   1 
ATOM   137  C  CD   . GLN A 1 11 ? 3.332   11.280  -6.091  1.00 64.12 ? 11  GLN A CD   1 
ATOM   138  O  OE1  . GLN A 1 11 ? 2.452   10.446  -6.226  1.00 63.41 ? 11  GLN A OE1  1 
ATOM   139  N  NE2  . GLN A 1 11 ? 4.625   11.033  -6.280  1.00 33.12 ? 11  GLN A NE2  1 
ATOM   140  H  H    . GLN A 1 11 ? 3.884   15.452  -2.968  1.00 21.44 ? 11  GLN A H    1 
ATOM   141  H  HA   . GLN A 1 11 ? 1.600   14.080  -4.152  1.00 71.03 ? 11  GLN A HA   1 
ATOM   142  H  HB2  . GLN A 1 11 ? 4.471   13.354  -4.213  1.00 44.33 ? 11  GLN A HB2  1 
ATOM   143  H  HB3  . GLN A 1 11 ? 3.434   12.048  -3.675  1.00 72.24 ? 11  GLN A HB3  1 
ATOM   144  H  HG2  . GLN A 1 11 ? 1.960   12.918  -5.796  1.00 22.31 ? 11  GLN A HG2  1 
ATOM   145  H  HG3  . GLN A 1 11 ? 3.548   13.410  -6.347  1.00 63.44 ? 11  GLN A HG3  1 
ATOM   146  H  HE21 . GLN A 1 11 ? 5.296   11.763  -6.152  1.00 52.43 ? 11  GLN A HE21 1 
ATOM   147  H  HE22 . GLN A 1 11 ? 4.925   10.118  -6.549  1.00 51.42 ? 11  GLN A HE22 1 
ATOM   148  N  N    . GLU A 1 12 ? 2.319   14.532  -1.227  1.00 3.44  ? 12  GLU A N    1 
ATOM   149  C  CA   . GLU A 1 12 ? 2.037   14.275  0.176   1.00 41.52 ? 12  GLU A CA   1 
ATOM   150  C  C    . GLU A 1 12 ? 0.619   13.724  0.339   1.00 51.40 ? 12  GLU A C    1 
ATOM   151  O  O    . GLU A 1 12 ? 0.289   13.148  1.375   1.00 75.32 ? 12  GLU A O    1 
ATOM   152  C  CB   . GLU A 1 12 ? 2.235   15.538  1.016   1.00 63.33 ? 12  GLU A CB   1 
ATOM   153  C  CG   . GLU A 1 12 ? 3.662   16.074  0.874   1.00 23.43 ? 12  GLU A CG   1 
ATOM   154  C  CD   . GLU A 1 12 ? 4.474   15.812  2.144   1.00 73.13 ? 12  GLU A CD   1 
ATOM   155  O  OE1  . GLU A 1 12 ? 4.707   14.650  2.502   1.00 3.43  ? 12  GLU A OE1  1 
ATOM   156  O  OE2  . GLU A 1 12 ? 4.868   16.872  2.765   1.00 40.42 ? 12  GLU A OE2  1 
ATOM   157  H  H    . GLU A 1 12 ? 2.614   15.464  -1.434  1.00 42.33 ? 12  GLU A H    1 
ATOM   158  H  HA   . GLU A 1 12 ? 2.764   13.523  0.484   1.00 13.21 ? 12  GLU A HA   1 
ATOM   159  H  HB2  . GLU A 1 12 ? 1.524   16.302  0.702   1.00 14.42 ? 12  GLU A HB2  1 
ATOM   160  H  HB3  . GLU A 1 12 ? 2.028   15.319  2.063   1.00 61.25 ? 12  GLU A HB3  1 
ATOM   161  H  HG2  . GLU A 1 12 ? 4.149   15.598  0.023   1.00 64.52 ? 12  GLU A HG2  1 
ATOM   162  H  HG3  . GLU A 1 12 ? 3.634   17.143  0.668   1.00 11.40 ? 12  GLU A HG3  1 
ATOM   163  H  HE2  . GLU A 1 12 ? 4.657   16.795  3.740   1.00 42.51 ? 12  GLU A HE2  1 
ATOM   164  N  N    . ILE A 1 13 ? -0.182  13.921  -0.697  1.00 63.15 ? 13  ILE A N    1 
ATOM   165  C  CA   . ILE A 1 13 ? -1.556  13.451  -0.682  1.00 55.11 ? 13  ILE A CA   1 
ATOM   166  C  C    . ILE A 1 13 ? -1.938  12.955  -2.078  1.00 42.04 ? 13  ILE A C    1 
ATOM   167  O  O    . ILE A 1 13 ? -1.965  13.733  -3.030  1.00 73.32 ? 13  ILE A O    1 
ATOM   168  C  CB   . ILE A 1 13 ? -2.487  14.538  -0.140  1.00 3.14  ? 13  ILE A CB   1 
ATOM   169  C  CG1  . ILE A 1 13 ? -1.824  15.308  1.003   1.00 41.54 ? 13  ILE A CG1  1 
ATOM   170  C  CG2  . ILE A 1 13 ? -3.836  13.947  0.276   1.00 45.23 ? 13  ILE A CG2  1 
ATOM   171  C  CD1  . ILE A 1 13 ? -1.760  14.460  2.274   1.00 2.34  ? 13  ILE A CD1  1 
ATOM   172  H  H    . ILE A 1 13 ? 0.095   14.390  -1.537  1.00 12.52 ? 13  ILE A H    1 
ATOM   173  H  HA   . ILE A 1 13 ? -1.606  12.610  0.009   1.00 4.32  ? 13  ILE A HA   1 
ATOM   174  H  HB   . ILE A 1 13 ? -2.682  15.251  -0.939  1.00 61.34 ? 13  ILE A HB   1 
ATOM   175  H  HG12 . ILE A 1 13 ? -0.816  15.605  0.709   1.00 52.14 ? 13  ILE A HG12 1 
ATOM   176  H  HG13 . ILE A 1 13 ? -2.380  16.225  1.200   1.00 12.34 ? 13  ILE A HG13 1 
ATOM   177  H  HG21 . ILE A 1 13 ? -3.724  13.413  1.219   1.00 11.42 ? 13  ILE A HG21 1 
ATOM   178  H  HG22 . ILE A 1 13 ? -4.563  14.750  0.397   1.00 1.04  ? 13  ILE A HG22 1 
ATOM   179  H  HG23 . ILE A 1 13 ? -4.182  13.256  -0.493  1.00 33.41 ? 13  ILE A HG23 1 
ATOM   180  H  HD11 . ILE A 1 13 ? -0.792  14.598  2.756   1.00 0.23  ? 13  ILE A HD11 1 
ATOM   181  H  HD12 . ILE A 1 13 ? -2.553  14.767  2.956   1.00 61.25 ? 13  ILE A HD12 1 
ATOM   182  H  HD13 . ILE A 1 13 ? -1.890  13.408  2.016   1.00 35.12 ? 13  ILE A HD13 1 
ATOM   183  N  N    . CYS A 1 14 ? -2.222  11.664  -2.155  1.00 32.33 ? 14  CYS A N    1 
ATOM   184  C  CA   . CYS A 1 14 ? -2.601  11.055  -3.419  1.00 43.51 ? 14  CYS A CA   1 
ATOM   185  C  C    . CYS A 1 14 ? -3.873  11.741  -3.920  1.00 24.25 ? 14  CYS A C    1 
ATOM   186  O  O    . CYS A 1 14 ? -4.524  12.471  -3.175  1.00 53.50 ? 14  CYS A O    1 
ATOM   187  C  CB   . CYS A 1 14 ? -2.782  9.542   -3.286  1.00 30.22 ? 14  CYS A CB   1 
ATOM   188  S  SG   . CYS A 1 14 ? -1.500  8.669   -4.258  1.00 53.00 ? 14  CYS A SG   1 
ATOM   189  H  H    . CYS A 1 14 ? -2.197  11.038  -1.376  1.00 32.15 ? 14  CYS A H    1 
ATOM   190  H  HA   . CYS A 1 14 ? -1.773  11.223  -4.108  1.00 42.42 ? 14  CYS A HA   1 
ATOM   191  H  HB2  . CYS A 1 14 ? -2.717  9.250   -2.238  1.00 11.52 ? 14  CYS A HB2  1 
ATOM   192  H  HB3  . CYS A 1 14 ? -3.774  9.253   -3.635  1.00 52.43 ? 14  CYS A HB3  1 
ATOM   193  N  N    . ALA A 1 15 ? -4.189  11.481  -5.181  1.00 21.45 ? 15  ALA A N    1 
ATOM   194  C  CA   . ALA A 1 15 ? -5.372  12.064  -5.790  1.00 23.40 ? 15  ALA A CA   1 
ATOM   195  C  C    . ALA A 1 15 ? -6.623  11.450  -5.157  1.00 1.45  ? 15  ALA A C    1 
ATOM   196  O  O    . ALA A 1 15 ? -7.742  11.842  -5.481  1.00 34.34 ? 15  ALA A O    1 
ATOM   197  C  CB   . ALA A 1 15 ? -5.323  11.853  -7.305  1.00 73.52 ? 15  ALA A CB   1 
ATOM   198  H  H    . ALA A 1 15 ? -3.655  10.886  -5.780  1.00 44.15 ? 15  ALA A H    1 
ATOM   199  H  HA   . ALA A 1 15 ? -5.359  13.134  -5.585  1.00 10.40 ? 15  ALA A HA   1 
ATOM   200  H  HB1  . ALA A 1 15 ? -4.293  11.671  -7.613  1.00 22.25 ? 15  ALA A HB1  1 
ATOM   201  H  HB2  . ALA A 1 15 ? -5.940  10.995  -7.573  1.00 51.41 ? 15  ALA A HB2  1 
ATOM   202  H  HB3  . ALA A 1 15 ? -5.701  12.743  -7.808  1.00 53.30 ? 15  ALA A HB3  1 
ATOM   203  N  N    . HIS A 1 16 ? -6.389  10.499  -4.266  1.00 5.33  ? 16  HIS A N    1 
ATOM   204  C  CA   . HIS A 1 16 ? -7.482  9.826   -3.584  1.00 60.12 ? 16  HIS A CA   1 
ATOM   205  C  C    . HIS A 1 16 ? -7.863  10.612  -2.327  1.00 1.45  ? 16  HIS A C    1 
ATOM   206  O  O    . HIS A 1 16 ? -8.288  10.028  -1.331  1.00 1.04  ? 16  HIS A O    1 
ATOM   207  C  CB   . HIS A 1 16 ? -7.124  8.369   -3.288  1.00 13.43 ? 16  HIS A CB   1 
ATOM   208  C  CG   . HIS A 1 16 ? -5.815  7.922   -3.894  1.00 73.13 ? 16  HIS A CG   1 
ATOM   209  N  ND1  . HIS A 1 16 ? -5.394  8.328   -5.148  1.00 70.33 ? 16  HIS A ND1  1 
ATOM   210  C  CD2  . HIS A 1 16 ? -4.841  7.103   -3.406  1.00 44.24 ? 16  HIS A CD2  1 
ATOM   211  C  CE1  . HIS A 1 16 ? -4.217  7.770   -5.395  1.00 74.43 ? 16  HIS A CE1  1 
ATOM   212  N  NE2  . HIS A 1 16 ? -3.876  7.011   -4.314  1.00 63.15 ? 16  HIS A NE2  1 
ATOM   213  H  H    . HIS A 1 16 ? -5.474  10.185  -4.008  1.00 70.51 ? 16  HIS A H    1 
ATOM   214  H  HA   . HIS A 1 16 ? -8.328  9.828   -4.272  1.00 3.34  ? 16  HIS A HA   1 
ATOM   215  H  HB2  . HIS A 1 16 ? -7.078  8.230   -2.207  1.00 42.31 ? 16  HIS A HB2  1 
ATOM   216  H  HB3  . HIS A 1 16 ? -7.922  7.726   -3.657  1.00 73.11 ? 16  HIS A HB3  1 
ATOM   217  H  HD1  . HIS A 1 16 ? -5.893  8.938   -5.765  1.00 2.41  ? 16  HIS A HD1  1 
ATOM   218  H  HD2  . HIS A 1 16 ? -4.851  6.607   -2.436  1.00 32.33 ? 16  HIS A HD2  1 
ATOM   219  H  HE1  . HIS A 1 16 ? -3.626  7.897   -6.302  1.00 21.43 ? 16  HIS A HE1  1 
ATOM   220  N  N    . SER A 1 17 ? -7.695  11.923  -2.414  1.00 32.43 ? 17  SER A N    1 
ATOM   221  C  CA   . SER A 1 17 ? -8.016  12.794  -1.296  1.00 1.32  ? 17  SER A CA   1 
ATOM   222  C  C    . SER A 1 17 ? -7.495  12.185  0.008   1.00 35.50 ? 17  SER A C    1 
ATOM   223  O  O    . SER A 1 17 ? -8.245  12.040  0.972   1.00 32.11 ? 17  SER A O    1 
ATOM   224  C  CB   . SER A 1 17 ? -9.524  13.038  -1.202  1.00 52.30 ? 17  SER A CB   1 
ATOM   225  O  OG   . SER A 1 17 ? -9.830  14.415  -1.006  1.00 51.24 ? 17  SER A OG   1 
ATOM   226  H  H    . SER A 1 17 ? -7.350  12.390  -3.227  1.00 44.14 ? 17  SER A H    1 
ATOM   227  H  HA   . SER A 1 17 ? -7.509  13.735  -1.508  1.00 4.30  ? 17  SER A HA   1 
ATOM   228  H  HB2  . SER A 1 17 ? -10.005 12.685  -2.114  1.00 54.02 ? 17  SER A HB2  1 
ATOM   229  H  HB3  . SER A 1 17 ? -9.935  12.455  -0.379  1.00 23.24 ? 17  SER A HB3  1 
ATOM   230  H  HG   . SER A 1 17 ? -9.912  14.876  -1.890  1.00 74.12 ? 17  SER A HG   1 
ATOM   231  N  N    . MET A 1 18 ? -6.215  11.845  -0.005  1.00 63.31 ? 18  MET A N    1 
ATOM   232  C  CA   . MET A 1 18 ? -5.585  11.255  1.164   1.00 14.14 ? 18  MET A CA   1 
ATOM   233  C  C    . MET A 1 18 ? -4.085  11.055  0.937   1.00 22.12 ? 18  MET A C    1 
ATOM   234  O  O    . MET A 1 18 ? -3.606  11.151  -0.192  1.00 33.43 ? 18  MET A O    1 
ATOM   235  C  CB   . MET A 1 18 ? -6.240  9.907   1.471   1.00 21.13 ? 18  MET A CB   1 
ATOM   236  C  CG   . MET A 1 18 ? -6.940  9.934   2.831   1.00 14.41 ? 18  MET A CG   1 
ATOM   237  S  SD   . MET A 1 18 ? -6.475  8.500   3.786   1.00 25.44 ? 18  MET A SD   1 
ATOM   238  C  CE   . MET A 1 18 ? -8.004  8.197   4.655   1.00 15.14 ? 18  MET A CE   1 
ATOM   239  H  H    . MET A 1 18 ? -5.612  11.966  -0.794  1.00 13.41 ? 18  MET A H    1 
ATOM   240  H  HA   . MET A 1 18 ? -5.745  11.968  1.974   1.00 30.40 ? 18  MET A HA   1 
ATOM   241  H  HB2  . MET A 1 18 ? -6.962  9.663   0.692   1.00 42.01 ? 18  MET A HB2  1 
ATOM   242  H  HB3  . MET A 1 18 ? -5.484  9.121   1.462   1.00 13.13 ? 18  MET A HB3  1 
ATOM   243  H  HG2  . MET A 1 18 ? -6.670  10.842  3.371   1.00 42.12 ? 18  MET A HG2  1 
ATOM   244  H  HG3  . MET A 1 18 ? -8.020  9.956   2.693   1.00 22.44 ? 18  MET A HG3  1 
ATOM   245  H  HE1  . MET A 1 18 ? -8.832  8.635   4.097   1.00 23.53 ? 18  MET A HE1  1 
ATOM   246  H  HE2  . MET A 1 18 ? -8.160  7.123   4.754   1.00 34.32 ? 18  MET A HE2  1 
ATOM   247  H  HE3  . MET A 1 18 ? -7.955  8.649   5.646   1.00 33.41 ? 18  MET A HE3  1 
ATOM   248  N  N    . THR A 1 19 ? -3.386  10.779  2.027   1.00 55.44 ? 19  THR A N    1 
ATOM   249  C  CA   . THR A 1 19 ? -1.950  10.565  1.961   1.00 14.52 ? 19  THR A CA   1 
ATOM   250  C  C    . THR A 1 19 ? -1.617  9.509   0.906   1.00 32.00 ? 19  THR A C    1 
ATOM   251  O  O    . THR A 1 19 ? -2.320  8.507   0.782   1.00 54.22 ? 19  THR A O    1 
ATOM   252  C  CB   . THR A 1 19 ? -1.462  10.198  3.364   1.00 62.12 ? 19  THR A CB   1 
ATOM   253  O  OG1  . THR A 1 19 ? -1.058  11.442  3.929   1.00 75.13 ? 19  THR A OG1  1 
ATOM   254  C  CG2  . THR A 1 19 ? -0.177  9.367   3.338   1.00 64.20 ? 19  THR A CG2  1 
ATOM   255  H  H    . THR A 1 19 ? -3.783  10.703  2.942   1.00 52.40 ? 19  THR A H    1 
ATOM   256  H  HA   . THR A 1 19 ? -1.478  11.494  1.644   1.00 73.23 ? 19  THR A HA   1 
ATOM   257  H  HB   . THR A 1 19 ? -2.243  9.688   3.927   1.00 33.32 ? 19  THR A HB   1 
ATOM   258  H  HG1  . THR A 1 19 ? -1.543  11.600  4.789   1.00 54.34 ? 19  THR A HG1  1 
ATOM   259  H  HG21 . THR A 1 19 ? 0.028   8.984   4.337   1.00 24.12 ? 19  THR A HG21 1 
ATOM   260  H  HG22 . THR A 1 19 ? -0.298  8.533   2.646   1.00 33.12 ? 19  THR A HG22 1 
ATOM   261  H  HG23 . THR A 1 19 ? 0.654   9.992   3.011   1.00 31.40 ? 19  THR A HG23 1 
ATOM   262  N  N    . PHE A 1 20 ? -0.545  9.769   0.172   1.00 12.41 ? 20  PHE A N    1 
ATOM   263  C  CA   . PHE A 1 20 ? -0.110  8.853   -0.869  1.00 71.13 ? 20  PHE A CA   1 
ATOM   264  C  C    . PHE A 1 20 ? 0.412   7.548   -0.267  1.00 45.22 ? 20  PHE A C    1 
ATOM   265  O  O    . PHE A 1 20 ? 0.115   6.465   -0.770  1.00 50.05 ? 20  PHE A O    1 
ATOM   266  C  CB   . PHE A 1 20 ? 1.027   9.543   -1.625  1.00 40.43 ? 20  PHE A CB   1 
ATOM   267  C  CG   . PHE A 1 20 ? 2.326   9.659   -0.824  1.00 61.12 ? 20  PHE A CG   1 
ATOM   268  C  CD1  . PHE A 1 20 ? 2.519   10.714  0.012   1.00 32.31 ? 20  PHE A CD1  1 
ATOM   269  C  CD2  . PHE A 1 20 ? 3.289   8.706   -0.948  1.00 60.41 ? 20  PHE A CD2  1 
ATOM   270  C  CE1  . PHE A 1 20 ? 3.724   10.821  0.754   1.00 11.01 ? 20  PHE A CE1  1 
ATOM   271  C  CE2  . PHE A 1 20 ? 4.494   8.813   -0.206  1.00 62.01 ? 20  PHE A CE2  1 
ATOM   272  C  CZ   . PHE A 1 20 ? 4.687   9.869   0.630   1.00 32.32 ? 20  PHE A CZ   1 
ATOM   273  H  H    . PHE A 1 20 ? 0.021   10.587  0.279   1.00 2.01  ? 20  PHE A H    1 
ATOM   274  H  HA   . PHE A 1 20 ? -0.976  8.642   -1.496  1.00 12.31 ? 20  PHE A HA   1 
ATOM   275  H  HB2  . PHE A 1 20 ? 1.227   8.992   -2.543  1.00 32.23 ? 20  PHE A HB2  1 
ATOM   276  H  HB3  . PHE A 1 20 ? 0.703   10.542  -1.917  1.00 40.32 ? 20  PHE A HB3  1 
ATOM   277  H  HD1  . PHE A 1 20 ? 1.747   11.478  0.111   1.00 23.01 ? 20  PHE A HD1  1 
ATOM   278  H  HD2  . PHE A 1 20 ? 3.135   7.860   -1.619  1.00 41.23 ? 20  PHE A HD2  1 
ATOM   279  H  HE1  . PHE A 1 20 ? 3.878   11.667  1.424   1.00 11.53 ? 20  PHE A HE1  1 
ATOM   280  H  HE2  . PHE A 1 20 ? 5.266   8.049   -0.305  1.00 73.41 ? 20  PHE A HE2  1 
ATOM   281  H  HZ   . PHE A 1 20 ? 5.612   9.951   1.200   1.00 22.25 ? 20  PHE A HZ   1 
ATOM   282  N  N    . GLU A 1 21 ? 1.181   7.691   0.802   1.00 55.51 ? 21  GLU A N    1 
ATOM   283  C  CA   . GLU A 1 21 ? 1.746   6.536   1.478   1.00 42.41 ? 21  GLU A CA   1 
ATOM   284  C  C    . GLU A 1 21 ? 0.689   5.864   2.356   1.00 4.01  ? 21  GLU A C    1 
ATOM   285  O  O    . GLU A 1 21 ? 1.007   4.980   3.150   1.00 34.14 ? 21  GLU A O    1 
ATOM   286  C  CB   . GLU A 1 21 ? 2.973   6.931   2.304   1.00 43.04 ? 21  GLU A CB   1 
ATOM   287  C  CG   . GLU A 1 21 ? 3.539   5.724   3.055   1.00 44.45 ? 21  GLU A CG   1 
ATOM   288  C  CD   . GLU A 1 21 ? 3.463   4.459   2.198   1.00 50.35 ? 21  GLU A CD   1 
ATOM   289  O  OE1  . GLU A 1 21 ? 3.913   4.465   1.043   1.00 3.50  ? 21  GLU A OE1  1 
ATOM   290  O  OE2  . GLU A 1 21 ? 2.914   3.443   2.773   1.00 74.23 ? 21  GLU A OE2  1 
ATOM   291  H  H    . GLU A 1 21 ? 1.417   8.575   1.206   1.00 41.53 ? 21  GLU A H    1 
ATOM   292  H  HA   . GLU A 1 21 ? 2.055   5.857   0.683   1.00 74.42 ? 21  GLU A HA   1 
ATOM   293  H  HB2  . GLU A 1 21 ? 3.739   7.346   1.648   1.00 54.12 ? 21  GLU A HB2  1 
ATOM   294  H  HB3  . GLU A 1 21 ? 2.703   7.712   3.013   1.00 72.22 ? 21  GLU A HB3  1 
ATOM   295  H  HG2  . GLU A 1 21 ? 4.576   5.917   3.334   1.00 73.43 ? 21  GLU A HG2  1 
ATOM   296  H  HG3  . GLU A 1 21 ? 2.983   5.575   3.980   1.00 12.33 ? 21  GLU A HG3  1 
ATOM   297  H  HE2  . GLU A 1 21 ? 3.534   3.060   3.457   1.00 12.53 ? 21  GLU A HE2  1 
ATOM   298  N  N    . GLU A 1 22 ? -0.548  6.308   2.182   1.00 41.24 ? 22  GLU A N    1 
ATOM   299  C  CA   . GLU A 1 22 ? -1.654  5.760   2.949   1.00 63.45 ? 22  GLU A CA   1 
ATOM   300  C  C    . GLU A 1 22 ? -2.609  4.996   2.029   1.00 20.10 ? 22  GLU A C    1 
ATOM   301  O  O    . GLU A 1 22 ? -3.676  4.562   2.460   1.00 64.40 ? 22  GLU A O    1 
ATOM   302  C  CB   . GLU A 1 22 ? -2.391  6.861   3.712   1.00 51.33 ? 22  GLU A CB   1 
ATOM   303  C  CG   . GLU A 1 22 ? -2.219  6.690   5.222   1.00 35.11 ? 22  GLU A CG   1 
ATOM   304  C  CD   . GLU A 1 22 ? -0.754  6.432   5.583   1.00 35.52 ? 22  GLU A CD   1 
ATOM   305  O  OE1  . GLU A 1 22 ? -0.468  5.887   6.659   1.00 64.41 ? 22  GLU A OE1  1 
ATOM   306  O  OE2  . GLU A 1 22 ? 0.101   6.819   4.698   1.00 33.43 ? 22  GLU A OE2  1 
ATOM   307  H  H    . GLU A 1 22 ? -0.798  7.027   1.534   1.00 4.22  ? 22  GLU A H    1 
ATOM   308  H  HA   . GLU A 1 22 ? -1.199  5.073   3.662   1.00 33.13 ? 22  GLU A HA   1 
ATOM   309  H  HB2  . GLU A 1 22 ? -2.011  7.837   3.407   1.00 4.02  ? 22  GLU A HB2  1 
ATOM   310  H  HB3  . GLU A 1 22 ? -3.450  6.839   3.458   1.00 63.10 ? 22  GLU A HB3  1 
ATOM   311  H  HG2  . GLU A 1 22 ? -2.571  7.585   5.736   1.00 72.33 ? 22  GLU A HG2  1 
ATOM   312  H  HG3  . GLU A 1 22 ? -2.835  5.861   5.570   1.00 3.40  ? 22  GLU A HG3  1 
ATOM   313  H  HE2  . GLU A 1 22 ? 0.972   6.350   4.837   1.00 45.42 ? 22  GLU A HE2  1 
ATOM   314  N  N    . CYS A 1 23 ? -2.191  4.856   0.780   1.00 73.54 ? 23  CYS A N    1 
ATOM   315  C  CA   . CYS A 1 23 ? -2.998  4.154   -0.205  1.00 3.54  ? 23  CYS A CA   1 
ATOM   316  C  C    . CYS A 1 23 ? -2.425  2.744   -0.375  1.00 53.15 ? 23  CYS A C    1 
ATOM   317  O  O    . CYS A 1 23 ? -1.322  2.459   0.088   1.00 23.35 ? 23  CYS A O    1 
ATOM   318  C  CB   . CYS A 1 23 ? -3.057  4.910   -1.533  1.00 55.43 ? 23  CYS A CB   1 
ATOM   319  S  SG   . CYS A 1 23 ? -2.581  6.660   -1.278  1.00 25.15 ? 23  CYS A SG   1 
ATOM   320  H  H    . CYS A 1 23 ? -1.322  5.213   0.437   1.00 61.41 ? 23  CYS A H    1 
ATOM   321  H  HA   . CYS A 1 23 ? -4.011  4.113   0.192   1.00 34.45 ? 23  CYS A HA   1 
ATOM   322  H  HB2  . CYS A 1 23 ? -2.388  4.445   -2.257  1.00 11.24 ? 23  CYS A HB2  1 
ATOM   323  H  HB3  . CYS A 1 23 ? -4.063  4.856   -1.947  1.00 32.22 ? 23  CYS A HB3  1 
ATOM   324  H  HG   . CYS A 1 23 ? -3.549  6.941   -0.411  1.00 55.13 ? 23  CYS A HG   1 
ATOM   325  N  N    . PRO A 1 24 ? -3.220  1.881   -1.061  1.00 24.15 ? 24  PRO A N    1 
ATOM   326  C  CA   . PRO A 1 24 ? -2.804  0.509   -1.299  1.00 73.41 ? 24  PRO A CA   1 
ATOM   327  C  C    . PRO A 1 24 ? -1.733  0.443   -2.391  1.00 1.15  ? 24  PRO A C    1 
ATOM   328  O  O    . PRO A 1 24 ? -0.564  0.195   -2.102  1.00 43.23 ? 24  PRO A O    1 
ATOM   329  C  CB   . PRO A 1 24 ? -4.079  -0.230  -1.673  1.00 20.23 ? 24  PRO A CB   1 
ATOM   330  C  CG   . PRO A 1 24 ? -5.077  0.842   -2.083  1.00 4.33  ? 24  PRO A CG   1 
ATOM   331  C  CD   . PRO A 1 24 ? -4.532  2.185   -1.625  1.00 21.45 ? 24  PRO A CD   1 
ATOM   332  H  HA   . PRO A 1 24 ? -2.382  0.126   -0.478  1.00 41.22 ? 24  PRO A HA   1 
ATOM   333  H  HB2  . PRO A 1 24 ? -3.900  -0.929  -2.489  1.00 62.43 ? 24  PRO A HB2  1 
ATOM   334  H  HB3  . PRO A 1 24 ? -4.454  -0.811  -0.831  1.00 22.53 ? 24  PRO A HB3  1 
ATOM   335  H  HG2  . PRO A 1 24 ? -5.221  0.836   -3.162  1.00 63.44 ? 24  PRO A HG2  1 
ATOM   336  H  HG3  . PRO A 1 24 ? -6.050  0.649   -1.630  1.00 75.15 ? 24  PRO A HG3  1 
ATOM   337  H  HD2  . PRO A 1 24 ? -4.453  2.884   -2.458  1.00 40.02 ? 24  PRO A HD2  1 
ATOM   338  H  HD3  . PRO A 1 24 ? -5.185  2.646   -0.884  1.00 23.03 ? 24  PRO A HD3  1 
ATOM   339  N  N    . LYS A 1 25 ? -2.172  0.668   -3.620  1.00 21.12 ? 25  LYS A N    1 
ATOM   340  C  CA   . LYS A 1 25 ? -1.265  0.636   -4.755  1.00 74.11 ? 25  LYS A CA   1 
ATOM   341  C  C    . LYS A 1 25 ? -0.015  1.455   -4.427  1.00 21.53 ? 25  LYS A C    1 
ATOM   342  O  O    . LYS A 1 25 ? 1.056   1.208   -4.979  1.00 21.23 ? 25  LYS A O    1 
ATOM   343  C  CB   . LYS A 1 25 ? -1.983  1.094   -6.026  1.00 21.21 ? 25  LYS A CB   1 
ATOM   344  C  CG   . LYS A 1 25 ? -1.882  0.033   -7.124  1.00 74.55 ? 25  LYS A CG   1 
ATOM   345  C  CD   . LYS A 1 25 ? -2.961  0.242   -8.189  1.00 63.54 ? 25  LYS A CD   1 
ATOM   346  C  CE   . LYS A 1 25 ? -2.695  1.513   -8.998  1.00 51.11 ? 25  LYS A CE   1 
ATOM   347  N  NZ   . LYS A 1 25 ? -1.456  1.370   -9.795  1.00 13.22 ? 25  LYS A NZ   1 
ATOM   348  H  H    . LYS A 1 25 ? -3.125  0.868   -3.846  1.00 33.13 ? 25  LYS A H    1 
ATOM   349  H  HA   . LYS A 1 25 ? -0.969  -0.401  -4.908  1.00 20.14 ? 25  LYS A HA   1 
ATOM   350  H  HB2  . LYS A 1 25 ? -3.032  1.294   -5.805  1.00 50.14 ? 25  LYS A HB2  1 
ATOM   351  H  HB3  . LYS A 1 25 ? -1.548  2.029   -6.378  1.00 71.02 ? 25  LYS A HB3  1 
ATOM   352  H  HG2  . LYS A 1 25 ? -0.896  0.078   -7.588  1.00 23.45 ? 25  LYS A HG2  1 
ATOM   353  H  HG3  . LYS A 1 25 ? -1.986  -0.960  -6.687  1.00 52.55 ? 25  LYS A HG3  1 
ATOM   354  H  HD2  . LYS A 1 25 ? -2.991  -0.619  -8.857  1.00 44.34 ? 25  LYS A HD2  1 
ATOM   355  H  HD3  . LYS A 1 25 ? -3.940  0.308   -7.713  1.00 13.31 ? 25  LYS A HD3  1 
ATOM   356  H  HE2  . LYS A 1 25 ? -3.538  1.714   -9.659  1.00 25.10 ? 25  LYS A HE2  1 
ATOM   357  H  HE3  . LYS A 1 25 ? -2.607  2.367   -8.327  1.00 10.11 ? 25  LYS A HE3  1 
ATOM   358  H  HZ1  . LYS A 1 25 ? -1.211  2.230   -10.272 1.00 62.45 ? 25  LYS A HZ1  1 
ATOM   359  H  HZ3  . LYS A 1 25 ? -1.542  0.653   -10.506 1.00 42.41 ? 25  LYS A HZ3  1 
ATOM   360  N  N    . CYS A 1 26 ? -0.193  2.412   -3.528  1.00 43.43 ? 26  CYS A N    1 
ATOM   361  C  CA   . CYS A 1 26 ? 0.908   3.269   -3.120  1.00 2.11  ? 26  CYS A CA   1 
ATOM   362  C  C    . CYS A 1 26 ? 1.901   2.424   -2.319  1.00 14.43 ? 26  CYS A C    1 
ATOM   363  O  O    . CYS A 1 26 ? 3.110   2.519   -2.526  1.00 14.11 ? 26  CYS A O    1 
ATOM   364  C  CB   . CYS A 1 26 ? 0.417   4.480   -2.325  1.00 23.01 ? 26  CYS A CB   1 
ATOM   365  S  SG   . CYS A 1 26 ? 0.231   5.923   -3.435  1.00 34.35 ? 26  CYS A SG   1 
ATOM   366  H  H    . CYS A 1 26 ? -1.067  2.607   -3.084  1.00 1.31  ? 26  CYS A H    1 
ATOM   367  H  HA   . CYS A 1 26 ? 1.368   3.644   -4.034  1.00 55.43 ? 26  CYS A HA   1 
ATOM   368  H  HB2  . CYS A 1 26 ? -0.537  4.252   -1.849  1.00 3.15  ? 26  CYS A HB2  1 
ATOM   369  H  HB3  . CYS A 1 26 ? 1.123   4.713   -1.528  1.00 1.01  ? 26  CYS A HB3  1 
ATOM   370  H  HG   . CYS A 1 26 ? 0.124   5.221   -4.559  1.00 25.20 ? 26  CYS A HG   1 
ATOM   371  N  N    . SER A 1 27 ? 1.354   1.619   -1.421  1.00 45.30 ? 27  SER A N    1 
ATOM   372  C  CA   . SER A 1 27 ? 2.177   0.758   -0.587  1.00 73.31 ? 27  SER A CA   1 
ATOM   373  C  C    . SER A 1 27 ? 2.572   -0.499  -1.363  1.00 23.44 ? 27  SER A C    1 
ATOM   374  O  O    . SER A 1 27 ? 3.511   -1.198  -0.985  1.00 31.04 ? 27  SER A O    1 
ATOM   375  C  CB   . SER A 1 27 ? 1.447   0.379   0.703   1.00 42.44 ? 27  SER A CB   1 
ATOM   376  O  OG   . SER A 1 27 ? 0.965   -0.961  0.669   1.00 2.05  ? 27  SER A OG   1 
ATOM   377  H  H    . SER A 1 27 ? 0.370   1.548   -1.259  1.00 24.32 ? 27  SER A H    1 
ATOM   378  H  HA   . SER A 1 27 ? 3.059   1.350   -0.344  1.00 41.21 ? 27  SER A HA   1 
ATOM   379  H  HB2  . SER A 1 27 ? 2.123   0.500   1.550   1.00 32.44 ? 27  SER A HB2  1 
ATOM   380  H  HB3  . SER A 1 27 ? 0.612   1.061   0.860   1.00 11.45 ? 27  SER A HB3  1 
ATOM   381  H  HG   . SER A 1 27 ? 1.316   -1.471  1.455   1.00 65.14 ? 27  SER A HG   1 
ATOM   382  N  N    . ALA A 1 28 ? 1.835   -0.751  -2.435  1.00 70.53 ? 28  ALA A N    1 
ATOM   383  C  CA   . ALA A 1 28 ? 2.097   -1.913  -3.268  1.00 35.33 ? 28  ALA A CA   1 
ATOM   384  C  C    . ALA A 1 28 ? 3.399   -1.698  -4.041  1.00 2.22  ? 28  ALA A C    1 
ATOM   385  O  O    . ALA A 1 28 ? 4.060   -2.660  -4.430  1.00 2.44  ? 28  ALA A O    1 
ATOM   386  C  CB   . ALA A 1 28 ? 0.903   -2.156  -4.195  1.00 52.53 ? 28  ALA A CB   1 
ATOM   387  H  H    . ALA A 1 28 ? 1.073   -0.177  -2.738  1.00 1.44  ? 28  ALA A H    1 
ATOM   388  H  HA   . ALA A 1 28 ? 2.211   -2.773  -2.609  1.00 65.51 ? 28  ALA A HA   1 
ATOM   389  H  HB1  . ALA A 1 28 ? -0.017  -2.145  -3.611  1.00 75.42 ? 28  ALA A HB1  1 
ATOM   390  H  HB2  . ALA A 1 28 ? 0.864   -1.372  -4.950  1.00 53.14 ? 28  ALA A HB2  1 
ATOM   391  H  HB3  . ALA A 1 28 ? 1.013   -3.125  -4.681  1.00 71.22 ? 28  ALA A HB3  1 
ATOM   392  N  N    . LEU A 1 29 ? 3.731   -0.431  -4.240  1.00 30.35 ? 29  LEU A N    1 
ATOM   393  C  CA   . LEU A 1 29 ? 4.943   -0.079  -4.959  1.00 50.25 ? 29  LEU A CA   1 
ATOM   394  C  C    . LEU A 1 29 ? 6.150   -0.691  -4.246  1.00 32.10 ? 29  LEU A C    1 
ATOM   395  O  O    . LEU A 1 29 ? 7.227   -0.803  -4.828  1.00 45.51 ? 29  LEU A O    1 
ATOM   396  C  CB   . LEU A 1 29 ? 5.038   1.439   -5.137  1.00 2.03  ? 29  LEU A CB   1 
ATOM   397  C  CG   . LEU A 1 29 ? 4.908   1.955   -6.571  1.00 65.43 ? 29  LEU A CG   1 
ATOM   398  C  CD1  . LEU A 1 29 ? 5.902   1.254   -7.499  1.00 64.30 ? 29  LEU A CD1  1 
ATOM   399  C  CD2  . LEU A 1 29 ? 3.468   1.825   -7.072  1.00 33.34 ? 29  LEU A CD2  1 
ATOM   400  H  H    . LEU A 1 29 ? 3.188   0.346   -3.921  1.00 32.44 ? 29  LEU A H    1 
ATOM   401  H  HA   . LEU A 1 29 ? 4.871   -0.516  -5.955  1.00 42.21 ? 29  LEU A HA   1 
ATOM   402  H  HB2  . LEU A 1 29 ? 4.261   1.905   -4.532  1.00 2.13  ? 29  LEU A HB2  1 
ATOM   403  H  HB3  . LEU A 1 29 ? 5.996   1.771   -4.738  1.00 13.12 ? 29  LEU A HB3  1 
ATOM   404  H  HG   . LEU A 1 29 ? 5.156   3.016   -6.577  1.00 14.42 ? 29  LEU A HG   1 
ATOM   405  H  HD11 . LEU A 1 29 ? 6.686   1.955   -7.788  1.00 22.44 ? 29  LEU A HD11 1 
ATOM   406  H  HD12 . LEU A 1 29 ? 6.348   0.406   -6.980  1.00 44.30 ? 29  LEU A HD12 1 
ATOM   407  H  HD13 . LEU A 1 29 ? 5.383   0.902   -8.390  1.00 35.14 ? 29  LEU A HD13 1 
ATOM   408  H  HD21 . LEU A 1 29 ? 2.790   1.784   -6.220  1.00 22.33 ? 29  LEU A HD21 1 
ATOM   409  H  HD22 . LEU A 1 29 ? 3.220   2.686   -7.692  1.00 62.01 ? 29  LEU A HD22 1 
ATOM   410  H  HD23 . LEU A 1 29 ? 3.369   0.913   -7.660  1.00 73.42 ? 29  LEU A HD23 1 
ATOM   411  N  N    . GLN A 1 30 ? 5.929   -1.071  -2.997  1.00 14.43 ? 30  GLN A N    1 
ATOM   412  C  CA   . GLN A 1 30 ? 6.985   -1.669  -2.198  1.00 2.15  ? 30  GLN A CA   1 
ATOM   413  C  C    . GLN A 1 30 ? 7.801   -0.581  -1.496  1.00 33.12 ? 30  GLN A C    1 
ATOM   414  O  O    . GLN A 1 30 ? 9.006   -0.467  -1.714  1.00 25.32 ? 30  GLN A O    1 
ATOM   415  C  CB   . GLN A 1 30 ? 7.884   -2.561  -3.057  1.00 35.14 ? 30  GLN A CB   1 
ATOM   416  C  CG   . GLN A 1 30 ? 8.536   -3.656  -2.212  1.00 45.21 ? 30  GLN A CG   1 
ATOM   417  C  CD   . GLN A 1 30 ? 7.746   -4.963  -2.301  1.00 33.34 ? 30  GLN A CD   1 
ATOM   418  O  OE1  . GLN A 1 30 ? 6.652   -5.094  -1.777  1.00 12.31 ? 30  GLN A OE1  1 
ATOM   419  N  NE2  . GLN A 1 30 ? 8.357   -5.920  -2.992  1.00 60.22 ? 30  GLN A NE2  1 
ATOM   420  H  H    . GLN A 1 30 ? 5.048   -0.975  -2.530  1.00 5.42  ? 30  GLN A H    1 
ATOM   421  H  HA   . GLN A 1 30 ? 6.475   -2.284  -1.456  1.00 33.32 ? 30  GLN A HA   1 
ATOM   422  H  HB2  . GLN A 1 30 ? 7.296   -3.014  -3.854  1.00 24.52 ? 30  GLN A HB2  1 
ATOM   423  H  HB3  . GLN A 1 30 ? 8.654   -1.956  -3.533  1.00 31.10 ? 30  GLN A HB3  1 
ATOM   424  H  HG2  . GLN A 1 30 ? 9.559   -3.823  -2.552  1.00 51.33 ? 30  GLN A HG2  1 
ATOM   425  H  HG3  . GLN A 1 30 ? 8.595   -3.333  -1.172  1.00 45.21 ? 30  GLN A HG3  1 
ATOM   426  H  HE21 . GLN A 1 30 ? 9.255   -5.748  -3.398  1.00 11.32 ? 30  GLN A HE21 1 
ATOM   427  H  HE22 . GLN A 1 30 ? 7.920   -6.812  -3.107  1.00 72.24 ? 30  GLN A HE22 1 
ATOM   428  N  N    . TYR A 1 31 ? 7.112   0.190   -0.669  1.00 31.30 ? 31  TYR A N    1 
ATOM   429  C  CA   . TYR A 1 31 ? 7.757   1.265   0.066   1.00 64.24 ? 31  TYR A CA   1 
ATOM   430  C  C    . TYR A 1 31 ? 7.979   0.874   1.528   1.00 60.41 ? 31  TYR A C    1 
ATOM   431  O  O    . TYR A 1 31 ? 8.570   1.632   2.294   1.00 44.31 ? 31  TYR A O    1 
ATOM   432  C  CB   . TYR A 1 31 ? 6.795   2.453   0.008   1.00 44.11 ? 31  TYR A CB   1 
ATOM   433  C  CG   . TYR A 1 31 ? 7.395   3.765   0.516   1.00 2.41  ? 31  TYR A CG   1 
ATOM   434  C  CD1  . TYR A 1 31 ? 8.555   4.257   -0.046  1.00 45.41 ? 31  TYR A CD1  1 
ATOM   435  C  CD2  . TYR A 1 31 ? 6.776   4.456   1.538   1.00 53.44 ? 31  TYR A CD2  1 
ATOM   436  C  CE1  . TYR A 1 31 ? 9.120   5.493   0.434   1.00 25.15 ? 31  TYR A CE1  1 
ATOM   437  C  CE2  . TYR A 1 31 ? 7.341   5.692   2.017   1.00 33.11 ? 31  TYR A CE2  1 
ATOM   438  C  CZ   . TYR A 1 31 ? 8.485   6.149   1.442   1.00 63.42 ? 31  TYR A CZ   1 
ATOM   439  O  OH   . TYR A 1 31 ? 9.018   7.315   1.894   1.00 24.21 ? 31  TYR A OH   1 
ATOM   440  H  H    . TYR A 1 31 ? 6.131   0.091   -0.498  1.00 20.12 ? 31  TYR A H    1 
ATOM   441  H  HA   . TYR A 1 31 ? 8.723   1.459   -0.401  1.00 24.12 ? 31  TYR A HA   1 
ATOM   442  H  HB2  . TYR A 1 31 ? 6.466   2.591   -1.022  1.00 51.05 ? 31  TYR A HB2  1 
ATOM   443  H  HB3  . TYR A 1 31 ? 5.909   2.218   0.596   1.00 32.21 ? 31  TYR A HB3  1 
ATOM   444  H  HD1  . TYR A 1 31 ? 9.045   3.711   -0.852  1.00 72.34 ? 31  TYR A HD1  1 
ATOM   445  H  HD2  . TYR A 1 31 ? 5.859   4.067   1.982   1.00 55.24 ? 31  TYR A HD2  1 
ATOM   446  H  HE1  . TYR A 1 31 ? 10.036  5.892   -0.002  1.00 4.12  ? 31  TYR A HE1  1 
ATOM   447  H  HE2  . TYR A 1 31 ? 6.862   6.248   2.822   1.00 14.45 ? 31  TYR A HE2  1 
ATOM   448  H  HH   . TYR A 1 31 ? 8.631   8.086   1.389   1.00 52.14 ? 31  TYR A HH   1 
ATOM   449  N  N    . ARG A 1 32 ? 7.491   -0.309  1.871   1.00 25.42 ? 32  ARG A N    1 
ATOM   450  C  CA   . ARG A 1 32 ? 7.628   -0.810  3.228   1.00 11.01 ? 32  ARG A CA   1 
ATOM   451  C  C    . ARG A 1 32 ? 8.737   -1.861  3.296   1.00 42.23 ? 32  ARG A C    1 
ATOM   452  O  O    . ARG A 1 32 ? 9.201   -2.348  2.266   1.00 52.12 ? 32  ARG A O    1 
ATOM   453  C  CB   . ARG A 1 32 ? 6.318   -1.428  3.722   1.00 5.14  ? 32  ARG A CB   1 
ATOM   454  C  CG   . ARG A 1 32 ? 5.177   -0.410  3.669   1.00 64.44 ? 32  ARG A CG   1 
ATOM   455  C  CD   . ARG A 1 32 ? 3.985   -0.879  4.505   1.00 21.12 ? 32  ARG A CD   1 
ATOM   456  N  NE   . ARG A 1 32 ? 3.518   0.220   5.380   1.00 3.33  ? 32  ARG A NE   1 
ATOM   457  C  CZ   . ARG A 1 32 ? 2.463   0.124   6.216   1.00 53.41 ? 32  ARG A CZ   1 
ATOM   458  N  NH1  . ARG A 1 32 ? 1.755   -1.022  6.299   1.00 40.50 ? 32  ARG A NH1  1 
ATOM   459  N  NH2  . ARG A 1 32 ? 2.134   1.169   6.953   1.00 42.21 ? 32  ARG A NH2  1 
ATOM   460  H  H    . ARG A 1 32 ? 7.010   -0.920  1.242   1.00 42.33 ? 32  ARG A H    1 
ATOM   461  H  HA   . ARG A 1 32 ? 7.881   0.066   3.824   1.00 34.34 ? 32  ARG A HA   1 
ATOM   462  H  HB2  . ARG A 1 32 ? 6.067   -2.295  3.110   1.00 51.04 ? 32  ARG A HB2  1 
ATOM   463  H  HB3  . ARG A 1 32 ? 6.443   -1.786  4.744   1.00 42.52 ? 32  ARG A HB3  1 
ATOM   464  H  HG2  . ARG A 1 32 ? 5.528   0.553   4.036   1.00 55.14 ? 32  ARG A HG2  1 
ATOM   465  H  HG3  . ARG A 1 32 ? 4.865   -0.263  2.635   1.00 63.32 ? 32  ARG A HG3  1 
ATOM   466  H  HD2  . ARG A 1 32 ? 3.175   -1.203  3.851   1.00 54.24 ? 32  ARG A HD2  1 
ATOM   467  H  HD3  . ARG A 1 32 ? 4.270   -1.740  5.110   1.00 61.14 ? 32  ARG A HD3  1 
ATOM   468  H  HE   . ARG A 1 32 ? 4.016   1.087   5.350   1.00 22.13 ? 32  ARG A HE   1 
ATOM   469  H  HH11 . ARG A 1 32 ? 2.010   -1.809  5.738   1.00 65.03 ? 32  ARG A HH11 1 
ATOM   470  H  HH12 . ARG A 1 32 ? 0.975   -1.084  6.922   1.00 64.12 ? 32  ARG A HH12 1 
ATOM   471  H  HH22 . ARG A 1 32 ? 1.369   1.181   7.597   1.00 71.55 ? 32  ARG A HH22 1 
ATOM   472  N  N    . ASN A 1 33 ? 9.132   -2.181  4.521   1.00 23.41 ? 33  ASN A N    1 
ATOM   473  C  CA   . ASN A 1 33 ? 10.178  -3.166  4.736   1.00 72.21 ? 33  ASN A CA   1 
ATOM   474  C  C    . ASN A 1 33 ? 10.462  -3.281  6.235   1.00 31.33 ? 33  ASN A C    1 
ATOM   475  O  O    . ASN A 1 33 ? 11.617  -3.260  6.656   1.00 44.42 ? 33  ASN A O    1 
ATOM   476  C  CB   . ASN A 1 33 ? 11.476  -2.752  4.040   1.00 40.32 ? 33  ASN A CB   1 
ATOM   477  C  CG   . ASN A 1 33 ? 12.124  -1.562  4.752   1.00 64.11 ? 33  ASN A CG   1 
ATOM   478  O  OD1  . ASN A 1 33 ? 13.306  -1.557  5.055   1.00 35.50 ? 33  ASN A OD1  1 
ATOM   479  N  ND2  . ASN A 1 33 ? 11.288  -0.559  4.999   1.00 73.34 ? 33  ASN A ND2  1 
ATOM   480  H  H    . ASN A 1 33 ? 8.749   -1.782  5.354   1.00 73.25 ? 33  ASN A H    1 
ATOM   481  H  HA   . ASN A 1 33 ? 9.791   -4.092  4.312   1.00 43.52 ? 33  ASN A HA   1 
ATOM   482  H  HB2  . ASN A 1 33 ? 12.169  -3.593  4.025   1.00 41.02 ? 33  ASN A HB2  1 
ATOM   483  H  HB3  . ASN A 1 33 ? 11.269  -2.491  3.002   1.00 34.41 ? 33  ASN A HB3  1 
ATOM   484  H  HD21 . ASN A 1 33 ? 10.329  -0.626  4.723   1.00 24.23 ? 33  ASN A HD21 1 
ATOM   485  H  HD22 . ASN A 1 33 ? 11.617  0.266   5.460   1.00 3.24  ? 33  ASN A HD22 1 
ATOM   486  N  N    . GLY A 1 34 ? 9.387   -3.401  7.001   1.00 4.01  ? 34  GLY A N    1 
ATOM   487  C  CA   . GLY A 1 34 ? 9.506   -3.522  8.444   1.00 75.23 ? 34  GLY A CA   1 
ATOM   488  C  C    . GLY A 1 34 ? 10.464  -4.652  8.824   1.00 61.54 ? 34  GLY A C    1 
ATOM   489  O  O    . GLY A 1 34 ? 11.214  -4.536  9.792   1.00 50.44 ? 34  GLY A O    1 
ATOM   490  H  H    . GLY A 1 34 ? 8.451   -3.418  6.651   1.00 32.41 ? 34  GLY A H    1 
ATOM   491  H  HA2  . GLY A 1 34 ? 9.863   -2.580  8.862   1.00 40.13 ? 34  GLY A HA2  1 
ATOM   492  H  HA3  . GLY A 1 34 ? 8.524   -3.710  8.879   1.00 71.15 ? 34  GLY A HA3  1 
ATOM   493  N  N    . PHE A 1 35 ? 10.408  -5.720  8.042   1.00 71.33 ? 35  PHE A N    1 
ATOM   494  C  CA   . PHE A 1 35 ? 11.262  -6.870  8.284   1.00 22.10 ? 35  PHE A CA   1 
ATOM   495  C  C    . PHE A 1 35 ? 12.261  -7.061  7.142   1.00 70.23 ? 35  PHE A C    1 
ATOM   496  O  O    . PHE A 1 35 ? 12.945  -8.082  7.074   1.00 42.14 ? 35  PHE A O    1 
ATOM   497  C  CB   . PHE A 1 35 ? 10.349  -8.096  8.358   1.00 63.45 ? 35  PHE A CB   1 
ATOM   498  C  CG   . PHE A 1 35 ? 10.929  -9.256  9.172   1.00 53.24 ? 35  PHE A CG   1 
ATOM   499  C  CD1  . PHE A 1 35 ? 11.773  -10.144 8.584   1.00 62.33 ? 35  PHE A CD1  1 
ATOM   500  C  CD2  . PHE A 1 35 ? 10.600  -9.396  10.484  1.00 21.21 ? 35  PHE A CD2  1 
ATOM   501  C  CE1  . PHE A 1 35 ? 12.311  -11.219 9.338   1.00 0.35  ? 35  PHE A CE1  1 
ATOM   502  C  CE2  . PHE A 1 35 ? 11.137  -10.471 11.239  1.00 51.41 ? 35  PHE A CE2  1 
ATOM   503  C  CZ   . PHE A 1 35 ? 11.982  -11.360 10.651  1.00 64.10 ? 35  PHE A CZ   1 
ATOM   504  H  H    . PHE A 1 35 ? 9.794   -5.806  7.257   1.00 42.33 ? 35  PHE A H    1 
ATOM   505  H  HA   . PHE A 1 35 ? 11.803  -6.682  9.211   1.00 60.34 ? 35  PHE A HA   1 
ATOM   506  H  HB2  . PHE A 1 35 ? 9.395   -7.801  8.794   1.00 40.35 ? 35  PHE A HB2  1 
ATOM   507  H  HB3  . PHE A 1 35 ? 10.143  -8.444  7.345   1.00 11.13 ? 35  PHE A HB3  1 
ATOM   508  H  HD1  . PHE A 1 35 ? 12.037  -10.032 7.532   1.00 52.23 ? 35  PHE A HD1  1 
ATOM   509  H  HD2  . PHE A 1 35 ? 9.923   -8.684  10.955  1.00 75.10 ? 35  PHE A HD2  1 
ATOM   510  H  HE1  . PHE A 1 35 ? 12.988  -11.933 8.867   1.00 54.24 ? 35  PHE A HE1  1 
ATOM   511  H  HE2  . PHE A 1 35 ? 10.874  -10.584 12.291  1.00 63.11 ? 35  PHE A HE2  1 
ATOM   512  H  HZ   . PHE A 1 35 ? 12.395  -12.186 11.230  1.00 15.30 ? 35  PHE A HZ   1 
ATOM   513  N  N    . TYR A 1 36 ? 12.315  -6.063  6.272   1.00 22.40 ? 36  TYR A N    1 
ATOM   514  C  CA   . TYR A 1 36 ? 13.220  -6.108  5.136   1.00 24.21 ? 36  TYR A CA   1 
ATOM   515  C  C    . TYR A 1 36 ? 13.354  -7.534  4.598   1.00 3.42  ? 36  TYR A C    1 
ATOM   516  O  O    . TYR A 1 36 ? 14.463  -8.010  4.361   1.00 24.32 ? 36  TYR A O    1 
ATOM   517  C  CB   . TYR A 1 36 ? 14.580  -5.644  5.661   1.00 31.25 ? 36  TYR A CB   1 
ATOM   518  C  CG   . TYR A 1 36 ? 15.600  -5.340  4.563   1.00 41.25 ? 36  TYR A CG   1 
ATOM   519  C  CD1  . TYR A 1 36 ? 15.235  -4.576  3.473   1.00 4.32  ? 36  TYR A CD1  1 
ATOM   520  C  CD2  . TYR A 1 36 ? 16.888  -5.829  4.662   1.00 33.43 ? 36  TYR A CD2  1 
ATOM   521  C  CE1  . TYR A 1 36 ? 16.195  -4.291  2.439   1.00 54.44 ? 36  TYR A CE1  1 
ATOM   522  C  CE2  . TYR A 1 36 ? 17.848  -5.543  3.629   1.00 71.33 ? 36  TYR A CE2  1 
ATOM   523  C  CZ   . TYR A 1 36 ? 17.455  -4.788  2.569   1.00 72.43 ? 36  TYR A CZ   1 
ATOM   524  O  OH   . TYR A 1 36 ? 18.362  -4.517  1.592   1.00 3.14  ? 36  TYR A OH   1 
ATOM   525  H  H    . TYR A 1 36 ? 11.756  -5.237  6.334   1.00 54.42 ? 36  TYR A H    1 
ATOM   526  H  HA   . TYR A 1 36 ? 12.810  -5.470  4.353   1.00 14.24 ? 36  TYR A HA   1 
ATOM   527  H  HB2  . TYR A 1 36 ? 14.438  -4.750  6.268   1.00 14.11 ? 36  TYR A HB2  1 
ATOM   528  H  HB3  . TYR A 1 36 ? 14.987  -6.414  6.318   1.00 33.11 ? 36  TYR A HB3  1 
ATOM   529  H  HD1  . TYR A 1 36 ? 14.218  -4.190  3.395   1.00 63.22 ? 36  TYR A HD1  1 
ATOM   530  H  HD2  . TYR A 1 36 ? 17.176  -6.432  5.523   1.00 44.11 ? 36  TYR A HD2  1 
ATOM   531  H  HE1  . TYR A 1 36 ? 15.920  -3.688  1.573   1.00 3.13  ? 36  TYR A HE1  1 
ATOM   532  H  HE2  . TYR A 1 36 ? 18.867  -5.923  3.694   1.00 41.42 ? 36  TYR A HE2  1 
ATOM   533  H  HH   . TYR A 1 36 ? 19.251  -4.308  1.999   1.00 23.12 ? 36  TYR A HH   1 
ATOM   534  N  N    . LEU A 1 37 ? 12.208  -8.176  4.422   1.00 61.04 ? 37  LEU A N    1 
ATOM   535  C  CA   . LEU A 1 37 ? 12.183  -9.538  3.916   1.00 44.04 ? 37  LEU A CA   1 
ATOM   536  C  C    . LEU A 1 37 ? 11.420  -9.572  2.590   1.00 40.13 ? 37  LEU A C    1 
ATOM   537  O  O    . LEU A 1 37 ? 10.956  -10.628 2.164   1.00 50.32 ? 37  LEU A O    1 
ATOM   538  C  CB   . LEU A 1 37 ? 11.623  -10.492 4.973   1.00 42.34 ? 37  LEU A CB   1 
ATOM   539  C  CG   . LEU A 1 37 ? 12.640  -11.409 5.655   1.00 24.25 ? 37  LEU A CG   1 
ATOM   540  C  CD1  . LEU A 1 37 ? 12.998  -12.594 4.756   1.00 3.22  ? 37  LEU A CD1  1 
ATOM   541  C  CD2  . LEU A 1 37 ? 13.879  -10.626 6.092   1.00 62.55 ? 37  LEU A CD2  1 
ATOM   542  H  H    . LEU A 1 37 ? 11.310  -7.781  4.617   1.00 4.21  ? 37  LEU A H    1 
ATOM   543  H  HA   . LEU A 1 37 ? 13.215  -9.836  3.728   1.00 53.33 ? 37  LEU A HA   1 
ATOM   544  H  HB2  . LEU A 1 37 ? 11.126  -9.899  5.741   1.00 32.53 ? 37  LEU A HB2  1 
ATOM   545  H  HB3  . LEU A 1 37 ? 10.859  -11.112 4.504   1.00 3.41  ? 37  LEU A HB3  1 
ATOM   546  H  HG   . LEU A 1 37 ? 12.181  -11.816 6.556   1.00 42.53 ? 37  LEU A HG   1 
ATOM   547  H  HD11 . LEU A 1 37 ? 13.783  -12.298 4.060   1.00 73.24 ? 37  LEU A HD11 1 
ATOM   548  H  HD12 . LEU A 1 37 ? 13.352  -13.422 5.371   1.00 25.12 ? 37  LEU A HD12 1 
ATOM   549  H  HD13 . LEU A 1 37 ? 12.116  -12.907 4.199   1.00 62.34 ? 37  LEU A HD13 1 
ATOM   550  H  HD21 . LEU A 1 37 ? 13.805  -9.599  5.733   1.00 13.31 ? 37  LEU A HD21 1 
ATOM   551  H  HD22 . LEU A 1 37 ? 13.945  -10.627 7.180   1.00 23.20 ? 37  LEU A HD22 1 
ATOM   552  H  HD23 . LEU A 1 37 ? 14.771  -11.093 5.673   1.00 31.34 ? 37  LEU A HD23 1 
ATOM   553  N  N    . LEU A 1 38 ? 11.314  -8.403  1.975   1.00 42.11 ? 38  LEU A N    1 
ATOM   554  C  CA   . LEU A 1 38 ? 10.616  -8.285  0.707   1.00 32.23 ? 38  LEU A CA   1 
ATOM   555  C  C    . LEU A 1 38 ? 9.113   -8.459  0.939   1.00 25.23 ? 38  LEU A C    1 
ATOM   556  O  O    . LEU A 1 38 ? 8.327   -8.423  -0.006  1.00 23.20 ? 38  LEU A O    1 
ATOM   557  C  CB   . LEU A 1 38 ? 11.197  -9.261  -0.318  1.00 42.12 ? 38  LEU A CB   1 
ATOM   558  C  CG   . LEU A 1 38 ? 10.239  -9.732  -1.415  1.00 71.04 ? 38  LEU A CG   1 
ATOM   559  C  CD1  . LEU A 1 38 ? 9.177   -10.675 -0.848  1.00 54.14 ? 38  LEU A CD1  1 
ATOM   560  C  CD2  . LEU A 1 38 ? 9.617   -8.540  -2.146  1.00 43.31 ? 38  LEU A CD2  1 
ATOM   561  H  H    . LEU A 1 38 ? 11.695  -7.549  2.329   1.00 72.33 ? 38  LEU A H    1 
ATOM   562  H  HA   . LEU A 1 38 ? 10.792  -7.279  0.329   1.00 54.53 ? 38  LEU A HA   1 
ATOM   563  H  HB2  . LEU A 1 38 ? 12.058  -8.789  -0.792  1.00 11.11 ? 38  LEU A HB2  1 
ATOM   564  H  HB3  . LEU A 1 38 ? 11.566  -10.138 0.214   1.00 45.35 ? 38  LEU A HB3  1 
ATOM   565  H  HG   . LEU A 1 38 ? 10.813  -10.296 -2.149  1.00 24.32 ? 38  LEU A HG   1 
ATOM   566  H  HD11 . LEU A 1 38 ? 9.309   -11.669 -1.274  1.00 44.03 ? 38  LEU A HD11 1 
ATOM   567  H  HD12 . LEU A 1 38 ? 9.278   -10.728 0.236   1.00 44.45 ? 38  LEU A HD12 1 
ATOM   568  H  HD13 . LEU A 1 38 ? 8.186   -10.300 -1.102  1.00 32.42 ? 38  LEU A HD13 1 
ATOM   569  H  HD21 . LEU A 1 38 ? 10.056  -8.455  -3.140  1.00 53.02 ? 38  LEU A HD21 1 
ATOM   570  H  HD22 . LEU A 1 38 ? 8.541   -8.691  -2.236  1.00 11.21 ? 38  LEU A HD22 1 
ATOM   571  H  HD23 . LEU A 1 38 ? 9.810   -7.627  -1.584  1.00 50.32 ? 38  LEU A HD23 1 
ATOM   572  N  N    . LYS A 1 39 ? 8.760   -8.646  2.203   1.00 61.51 ? 39  LYS A N    1 
ATOM   573  C  CA   . LYS A 1 39 ? 7.366   -8.827  2.571   1.00 71.31 ? 39  LYS A CA   1 
ATOM   574  C  C    . LYS A 1 39 ? 7.190   -8.505  4.057   1.00 43.11 ? 39  LYS A C    1 
ATOM   575  O  O    . LYS A 1 39 ? 8.158   -8.182  4.744   1.00 74.31 ? 39  LYS A O    1 
ATOM   576  C  CB   . LYS A 1 39 ? 6.887   -10.227 2.185   1.00 61.45 ? 39  LYS A CB   1 
ATOM   577  C  CG   . LYS A 1 39 ? 7.045   -11.203 3.352   1.00 41.15 ? 39  LYS A CG   1 
ATOM   578  C  CD   . LYS A 1 39 ? 8.523   -11.445 3.667   1.00 11.03 ? 39  LYS A CD   1 
ATOM   579  C  CE   . LYS A 1 39 ? 8.701   -11.963 5.096   1.00 75.23 ? 39  LYS A CE   1 
ATOM   580  N  NZ   . LYS A 1 39 ? 7.503   -12.718 5.526   1.00 63.01 ? 39  LYS A NZ   1 
ATOM   581  H  H    . LYS A 1 39 ? 9.406   -8.674  2.966   1.00 63.31 ? 39  LYS A H    1 
ATOM   582  H  HA   . LYS A 1 39 ? 6.780   -8.114  1.991   1.00 54.32 ? 39  LYS A HA   1 
ATOM   583  H  HB2  . LYS A 1 39 ? 5.841   -10.186 1.878   1.00 1.35  ? 39  LYS A HB2  1 
ATOM   584  H  HB3  . LYS A 1 39 ? 7.455   -10.586 1.326   1.00 54.23 ? 39  LYS A HB3  1 
ATOM   585  H  HG2  . LYS A 1 39 ? 6.542   -10.806 4.232   1.00 11.45 ? 39  LYS A HG2  1 
ATOM   586  H  HG3  . LYS A 1 39 ? 6.563   -12.150 3.108   1.00 72.33 ? 39  LYS A HG3  1 
ATOM   587  H  HD2  . LYS A 1 39 ? 8.936   -12.165 2.961   1.00 5.51  ? 39  LYS A HD2  1 
ATOM   588  H  HD3  . LYS A 1 39 ? 9.082   -10.518 3.540   1.00 33.12 ? 39  LYS A HD3  1 
ATOM   589  H  HE2  . LYS A 1 39 ? 9.581   -12.603 5.150   1.00 1.21  ? 39  LYS A HE2  1 
ATOM   590  H  HE3  . LYS A 1 39 ? 8.873   -11.126 5.773   1.00 60.00 ? 39  LYS A HE3  1 
ATOM   591  H  HZ1  . LYS A 1 39 ? 6.831   -12.127 6.002   1.00 52.03 ? 39  LYS A HZ1  1 
ATOM   592  H  HZ3  . LYS A 1 39 ? 7.738   -13.469 6.166   1.00 31.34 ? 39  LYS A HZ3  1 
ATOM   593  N  N    . TYR A 1 40 ? 5.949   -8.605  4.507   1.00 34.45 ? 40  TYR A N    1 
ATOM   594  C  CA   . TYR A 1 40 ? 5.633   -8.329  5.899   1.00 53.34 ? 40  TYR A CA   1 
ATOM   595  C  C    . TYR A 1 40 ? 4.713   -9.406  6.477   1.00 62.43 ? 40  TYR A C    1 
ATOM   596  O  O    . TYR A 1 40 ? 4.951   -9.908  7.575   1.00 52.14 ? 40  TYR A O    1 
ATOM   597  C  CB   . TYR A 1 40 ? 4.896   -6.988  5.906   1.00 74.21 ? 40  TYR A CB   1 
ATOM   598  C  CG   . TYR A 1 40 ? 4.587   -6.440  4.511   1.00 23.22 ? 40  TYR A CG   1 
ATOM   599  C  CD1  . TYR A 1 40 ? 5.515   -5.656  3.857   1.00 43.20 ? 40  TYR A CD1  1 
ATOM   600  C  CD2  . TYR A 1 40 ? 3.381   -6.730  3.908   1.00 23.21 ? 40  TYR A CD2  1 
ATOM   601  C  CE1  . TYR A 1 40 ? 5.225   -5.140  2.544   1.00 11.23 ? 40  TYR A CE1  1 
ATOM   602  C  CE2  . TYR A 1 40 ? 3.090   -6.214  2.595   1.00 31.34 ? 40  TYR A CE2  1 
ATOM   603  C  CZ   . TYR A 1 40 ? 4.026   -5.445  1.978   1.00 43.40 ? 40  TYR A CZ   1 
ATOM   604  O  OH   . TYR A 1 40 ? 3.752   -4.958  0.738   1.00 4.42  ? 40  TYR A OH   1 
ATOM   605  H  H    . TYR A 1 40 ? 5.167   -8.869  3.942   1.00 61.14 ? 40  TYR A H    1 
ATOM   606  H  HA   . TYR A 1 40 ? 6.568   -8.319  6.460   1.00 21.23 ? 40  TYR A HA   1 
ATOM   607  H  HB2  . TYR A 1 40 ? 3.961   -7.102  6.455   1.00 54.13 ? 40  TYR A HB2  1 
ATOM   608  H  HB3  . TYR A 1 40 ? 5.497   -6.257  6.447   1.00 61.21 ? 40  TYR A HB3  1 
ATOM   609  H  HD1  . TYR A 1 40 ? 6.468   -5.428  4.334   1.00 54.03 ? 40  TYR A HD1  1 
ATOM   610  H  HD2  . TYR A 1 40 ? 2.647   -7.350  4.424   1.00 52.21 ? 40  TYR A HD2  1 
ATOM   611  H  HE1  . TYR A 1 40 ? 5.949   -4.520  2.016   1.00 42.14 ? 40  TYR A HE1  1 
ATOM   612  H  HE2  . TYR A 1 40 ? 2.141   -6.436  2.107   1.00 75.31 ? 40  TYR A HE2  1 
ATOM   613  H  HH   . TYR A 1 40 ? 4.078   -4.016  0.661   1.00 33.11 ? 40  TYR A HH   1 
ATOM   614  N  N    . ASP A 1 41 ? 3.682   -9.731  5.712   1.00 33.51 ? 41  ASP A N    1 
ATOM   615  C  CA   . ASP A 1 41 ? 2.725   -10.739 6.134   1.00 25.34 ? 41  ASP A CA   1 
ATOM   616  C  C    . ASP A 1 41 ? 1.824   -11.108 4.954   1.00 33.01 ? 41  ASP A C    1 
ATOM   617  O  O    . ASP A 1 41 ? 1.678   -10.329 4.013   1.00 23.01 ? 41  ASP A O    1 
ATOM   618  C  CB   . ASP A 1 41 ? 1.834   -10.216 7.263   1.00 1.10  ? 41  ASP A CB   1 
ATOM   619  C  CG   . ASP A 1 41 ? 2.322   -10.544 8.676   1.00 75.41 ? 41  ASP A CG   1 
ATOM   620  O  OD1  . ASP A 1 41 ? 1.909   -11.547 9.277   1.00 73.22 ? 41  ASP A OD1  1 
ATOM   621  O  OD2  . ASP A 1 41 ? 3.172   -9.708  9.167   1.00 61.32 ? 41  ASP A OD2  1 
ATOM   622  H  H    . ASP A 1 41 ? 3.495   -9.319  4.820   1.00 32.04 ? 41  ASP A H    1 
ATOM   623  H  HA   . ASP A 1 41 ? 3.328   -11.580 6.477   1.00 11.20 ? 41  ASP A HA   1 
ATOM   624  H  HB2  . ASP A 1 41 ? 1.749   -9.133  7.165   1.00 3.15  ? 41  ASP A HB2  1 
ATOM   625  H  HB3  . ASP A 1 41 ? 0.833   -10.627 7.135   1.00 33.11 ? 41  ASP A HB3  1 
ATOM   626  H  HD2  . ASP A 1 41 ? 3.937   -10.201 9.579   1.00 41.53 ? 41  ASP A HD2  1 
ATOM   627  N  N    . GLU A 1 42 ? 1.243   -12.296 5.042   1.00 32.13 ? 42  GLU A N    1 
ATOM   628  C  CA   . GLU A 1 42 ? 0.361   -12.777 3.993   1.00 75.22 ? 42  GLU A CA   1 
ATOM   629  C  C    . GLU A 1 42 ? 0.062   -14.264 4.191   1.00 45.12 ? 42  GLU A C    1 
ATOM   630  O  O    . GLU A 1 42 ? 0.769   -14.950 4.928   1.00 35.14 ? 42  GLU A O    1 
ATOM   631  C  CB   . GLU A 1 42 ? 0.961   -12.517 2.610   1.00 25.51 ? 42  GLU A CB   1 
ATOM   632  C  CG   . GLU A 1 42 ? 2.474   -12.744 2.618   1.00 63.15 ? 42  GLU A CG   1 
ATOM   633  C  CD   . GLU A 1 42 ? 2.985   -13.081 1.216   1.00 41.00 ? 42  GLU A CD   1 
ATOM   634  O  OE1  . GLU A 1 42 ? 3.398   -12.179 0.472   1.00 73.12 ? 42  GLU A OE1  1 
ATOM   635  O  OE2  . GLU A 1 42 ? 2.946   -14.333 0.908   1.00 63.30 ? 42  GLU A OE2  1 
ATOM   636  H  H    . GLU A 1 42 ? 1.367   -12.923 5.811   1.00 12.14 ? 42  GLU A H    1 
ATOM   637  H  HA   . GLU A 1 42 ? -0.557  -12.198 4.098   1.00 53.21 ? 42  GLU A HA   1 
ATOM   638  H  HB2  . GLU A 1 42 ? 0.494   -13.177 1.878   1.00 43.42 ? 42  GLU A HB2  1 
ATOM   639  H  HB3  . GLU A 1 42 ? 0.744   -11.495 2.301   1.00 34.12 ? 42  GLU A HB3  1 
ATOM   640  H  HG2  . GLU A 1 42 ? 2.977   -11.850 2.987   1.00 51.12 ? 42  GLU A HG2  1 
ATOM   641  H  HG3  . GLU A 1 42 ? 2.721   -13.554 3.304   1.00 72.53 ? 42  GLU A HG3  1 
ATOM   642  H  HE2  . GLU A 1 42 ? 3.207   -14.888 1.698   1.00 40.14 ? 42  GLU A HE2  1 
ATOM   643  N  N    . GLU A 1 43 ? -0.986  -14.720 3.520   1.00 34.01 ? 43  GLU A N    1 
ATOM   644  C  CA   . GLU A 1 43 ? -1.386  -16.113 3.614   1.00 60.33 ? 43  GLU A CA   1 
ATOM   645  C  C    . GLU A 1 43 ? -2.284  -16.488 2.432   1.00 54.01 ? 43  GLU A C    1 
ATOM   646  O  O    . GLU A 1 43 ? -3.095  -17.407 2.531   1.00 44.43 ? 43  GLU A O    1 
ATOM   647  C  CB   . GLU A 1 43 ? -2.086  -16.395 4.944   1.00 75.21 ? 43  GLU A CB   1 
ATOM   648  C  CG   . GLU A 1 43 ? -3.604  -16.264 4.804   1.00 24.42 ? 43  GLU A CG   1 
ATOM   649  C  CD   . GLU A 1 43 ? -4.236  -15.778 6.110   1.00 62.23 ? 43  GLU A CD   1 
ATOM   650  O  OE1  . GLU A 1 43 ? -4.502  -16.589 7.009   1.00 52.11 ? 43  GLU A OE1  1 
ATOM   651  O  OE2  . GLU A 1 43 ? -4.449  -14.508 6.172   1.00 11.42 ? 43  GLU A OE2  1 
ATOM   652  H  H    . GLU A 1 43 ? -1.555  -14.156 2.922   1.00 55.02 ? 43  GLU A H    1 
ATOM   653  H  HA   . GLU A 1 43 ? -0.459  -16.685 3.569   1.00 54.32 ? 43  GLU A HA   1 
ATOM   654  H  HB2  . GLU A 1 43 ? -1.834  -17.398 5.287   1.00 62.24 ? 43  GLU A HB2  1 
ATOM   655  H  HB3  . GLU A 1 43 ? -1.726  -15.699 5.703   1.00 21.21 ? 43  GLU A HB3  1 
ATOM   656  H  HG2  . GLU A 1 43 ? -3.840  -15.568 4.000   1.00 21.13 ? 43  GLU A HG2  1 
ATOM   657  H  HG3  . GLU A 1 43 ? -4.031  -17.228 4.526   1.00 4.22  ? 43  GLU A HG3  1 
ATOM   658  H  HE2  . GLU A 1 43 ? -4.588  -14.231 7.123   1.00 52.40 ? 43  GLU A HE2  1 
ATOM   659  N  N    . TRP A 1 44 ? -2.109  -15.756 1.342   1.00 42.25 ? 44  TRP A N    1 
ATOM   660  C  CA   . TRP A 1 44 ? -2.892  -15.999 0.143   1.00 32.31 ? 44  TRP A CA   1 
ATOM   661  C  C    . TRP A 1 44 ? -1.950  -15.935 -1.060  1.00 73.25 ? 44  TRP A C    1 
ATOM   662  O  O    . TRP A 1 44 ? -1.530  -14.851 -1.467  1.00 2.12  ? 44  TRP A O    1 
ATOM   663  C  CB   . TRP A 1 44 ? -4.060  -15.015 0.041   1.00 21.22 ? 44  TRP A CB   1 
ATOM   664  C  CG   . TRP A 1 44 ? -5.104  -15.395 -1.010  1.00 21.21 ? 44  TRP A CG   1 
ATOM   665  C  CD1  . TRP A 1 44 ? -5.197  -16.536 -1.707  1.00 13.41 ? 44  TRP A CD1  1 
ATOM   666  C  CD2  . TRP A 1 44 ? -6.208  -14.580 -1.459  1.00 42.01 ? 44  TRP A CD2  1 
ATOM   667  N  NE1  . TRP A 1 44 ? -6.275  -16.517 -2.568  1.00 52.00 ? 44  TRP A NE1  1 
ATOM   668  C  CE2  . TRP A 1 44 ? -6.909  -15.289 -2.413  1.00 21.11 ? 44  TRP A CE2  1 
ATOM   669  C  CE3  . TRP A 1 44 ? -6.600  -13.286 -1.072  1.00 64.52 ? 44  TRP A CE3  1 
ATOM   670  C  CZ2  . TRP A 1 44 ? -8.045  -14.788 -3.059  1.00 23.11 ? 44  TRP A CZ2  1 
ATOM   671  C  CZ3  . TRP A 1 44 ? -7.737  -12.800 -1.728  1.00 71.41 ? 44  TRP A CZ3  1 
ATOM   672  C  CH2  . TRP A 1 44 ? -8.455  -13.501 -2.690  1.00 12.41 ? 44  TRP A CH2  1 
ATOM   673  H  H    . TRP A 1 44 ? -1.447  -15.009 1.270   1.00 70.43 ? 44  TRP A H    1 
ATOM   674  H  HA   . TRP A 1 44 ? -3.325  -16.997 0.224   1.00 42.43 ? 44  TRP A HA   1 
ATOM   675  H  HB2  . TRP A 1 44 ? -4.548  -14.944 1.013   1.00 1.42  ? 44  TRP A HB2  1 
ATOM   676  H  HB3  . TRP A 1 44 ? -3.667  -14.025 -0.192  1.00 33.53 ? 44  TRP A HB3  1 
ATOM   677  H  HD1  . TRP A 1 44 ? -4.508  -17.375 -1.605  1.00 73.40 ? 44  TRP A HD1  1 
ATOM   678  H  HE1  . TRP A 1 44 ? -6.575  -17.316 -3.245  1.00 44.24 ? 44  TRP A HE1  1 
ATOM   679  H  HE3  . TRP A 1 44 ? -6.063  -12.706 -0.323  1.00 32.04 ? 44  TRP A HE3  1 
ATOM   680  H  HZ2  . TRP A 1 44 ? -8.582  -15.369 -3.809  1.00 60.45 ? 44  TRP A HZ2  1 
ATOM   681  H  HZ3  . TRP A 1 44 ? -8.085  -11.801 -1.465  1.00 42.44 ? 44  TRP A HZ3  1 
ATOM   682  H  HH2  . TRP A 1 44 ? -9.332  -13.051 -3.155  1.00 22.10 ? 44  TRP A HH2  1 
ATOM   683  N  N    . TYR A 1 45 ? -1.644  -17.107 -1.596  1.00 72.25 ? 45  TYR A N    1 
ATOM   684  C  CA   . TYR A 1 45 ? -0.758  -17.196 -2.745  1.00 32.12 ? 45  TYR A CA   1 
ATOM   685  C  C    . TYR A 1 45 ? -1.142  -16.172 -3.814  1.00 40.14 ? 45  TYR A C    1 
ATOM   686  O  O    . TYR A 1 45 ? -2.156  -15.488 -3.689  1.00 24.15 ? 45  TYR A O    1 
ATOM   687  C  CB   . TYR A 1 45 ? -0.947  -18.604 -3.313  1.00 42.33 ? 45  TYR A CB   1 
ATOM   688  C  CG   . TYR A 1 45 ? 0.201   -19.563 -2.991  1.00 4.44  ? 45  TYR A CG   1 
ATOM   689  C  CD1  . TYR A 1 45 ? 0.707   -19.628 -1.708  1.00 21.34 ? 45  TYR A CD1  1 
ATOM   690  C  CD2  . TYR A 1 45 ? 0.730   -20.365 -3.983  1.00 31.34 ? 45  TYR A CD2  1 
ATOM   691  C  CE1  . TYR A 1 45 ? 1.786   -20.532 -1.405  1.00 44.11 ? 45  TYR A CE1  1 
ATOM   692  C  CE2  . TYR A 1 45 ? 1.809   -21.268 -3.679  1.00 42.10 ? 45  TYR A CE2  1 
ATOM   693  C  CZ   . TYR A 1 45 ? 2.284   -21.307 -2.405  1.00 4.14  ? 45  TYR A CZ   1 
ATOM   694  O  OH   . TYR A 1 45 ? 3.304   -22.160 -2.119  1.00 33.13 ? 45  TYR A OH   1 
ATOM   695  H  H    . TYR A 1 45 ? -1.990  -17.983 -1.259  1.00 43.23 ? 45  TYR A H    1 
ATOM   696  H  HA   . TYR A 1 45 ? 0.256   -16.992 -2.403  1.00 45.11 ? 45  TYR A HA   1 
ATOM   697  H  HB2  . TYR A 1 45 ? -1.875  -19.021 -2.924  1.00 22.32 ? 45  TYR A HB2  1 
ATOM   698  H  HB3  . TYR A 1 45 ? -1.056  -18.537 -4.395  1.00 73.33 ? 45  TYR A HB3  1 
ATOM   699  H  HD1  . TYR A 1 45 ? 0.288   -18.997 -0.925  1.00 53.53 ? 45  TYR A HD1  1 
ATOM   700  H  HD2  . TYR A 1 45 ? 0.331   -20.314 -4.995  1.00 74.30 ? 45  TYR A HD2  1 
ATOM   701  H  HE1  . TYR A 1 45 ? 2.195   -20.593 -0.396  1.00 34.40 ? 45  TYR A HE1  1 
ATOM   702  H  HE2  . TYR A 1 45 ? 2.236   -21.907 -4.453  1.00 40.41 ? 45  TYR A HE2  1 
ATOM   703  H  HH   . TYR A 1 45 ? 3.469   -22.769 -2.895  1.00 50.25 ? 45  TYR A HH   1 
ATOM   704  N  N    . PRO A 1 46 ? -0.287  -16.095 -4.869  1.00 20.52 ? 46  PRO A N    1 
ATOM   705  C  CA   . PRO A 1 46 ? -0.526  -15.166 -5.960  1.00 55.22 ? 46  PRO A CA   1 
ATOM   706  C  C    . PRO A 1 46 ? -1.656  -15.662 -6.866  1.00 0.51  ? 46  PRO A C    1 
ATOM   707  O  O    . PRO A 1 46 ? -1.822  -16.866 -7.053  1.00 42.31 ? 46  PRO A O    1 
ATOM   708  C  CB   . PRO A 1 46 ? 0.808   -15.054 -6.681  1.00 34.14 ? 46  PRO A CB   1 
ATOM   709  C  CG   . PRO A 1 46 ? 1.615   -16.270 -6.255  1.00 73.45 ? 46  PRO A CG   1 
ATOM   710  C  CD   . PRO A 1 46 ? 0.924   -16.889 -5.052  1.00 3.54  ? 46  PRO A CD   1 
ATOM   711  H  HA   . PRO A 1 46 ? -0.830  -14.282 -5.603  1.00 64.31 ? 46  PRO A HA   1 
ATOM   712  H  HB2  . PRO A 1 46 ? 0.667   -15.036 -7.761  1.00 21.30 ? 46  PRO A HB2  1 
ATOM   713  H  HB3  . PRO A 1 46 ? 1.321   -14.131 -6.411  1.00 73.33 ? 46  PRO A HB3  1 
ATOM   714  H  HG2  . PRO A 1 46 ? 1.678   -16.990 -7.072  1.00 42.13 ? 46  PRO A HG2  1 
ATOM   715  H  HG3  . PRO A 1 46 ? 2.636   -15.982 -6.004  1.00 72.44 ? 46  PRO A HG3  1 
ATOM   716  H  HD2  . PRO A 1 46 ? 0.688   -17.938 -5.227  1.00 1.21  ? 46  PRO A HD2  1 
ATOM   717  H  HD3  . PRO A 1 46 ? 1.560   -16.850 -4.167  1.00 51.15 ? 46  PRO A HD3  1 
ATOM   718  N  N    . GLU A 1 47 ? -2.402  -14.708 -7.404  1.00 44.31 ? 47  GLU A N    1 
ATOM   719  C  CA   . GLU A 1 47 ? -3.510  -15.033 -8.286  1.00 14.42 ? 47  GLU A CA   1 
ATOM   720  C  C    . GLU A 1 47 ? -4.356  -13.787 -8.555  1.00 34.43 ? 47  GLU A C    1 
ATOM   721  O  O    . GLU A 1 47 ? -3.986  -12.683 -8.159  1.00 61.00 ? 47  GLU A O    1 
ATOM   722  C  CB   . GLU A 1 47 ? -4.363  -16.161 -7.701  1.00 52.51 ? 47  GLU A CB   1 
ATOM   723  C  CG   . GLU A 1 47 ? -4.337  -16.132 -6.171  1.00 50.24 ? 47  GLU A CG   1 
ATOM   724  C  CD   . GLU A 1 47 ? -5.722  -16.429 -5.594  1.00 14.43 ? 47  GLU A CD   1 
ATOM   725  O  OE1  . GLU A 1 47 ? -6.675  -15.678 -5.851  1.00 23.30 ? 47  GLU A OE1  1 
ATOM   726  O  OE2  . GLU A 1 47 ? -5.789  -17.483 -4.852  1.00 70.24 ? 47  GLU A OE2  1 
ATOM   727  H  H    . GLU A 1 47 ? -2.259  -13.731 -7.247  1.00 43.42 ? 47  GLU A H    1 
ATOM   728  H  HA   . GLU A 1 47 ? -3.051  -15.376 -9.213  1.00 33.22 ? 47  GLU A HA   1 
ATOM   729  H  HB2  . GLU A 1 47 ? -5.390  -16.063 -8.052  1.00 64.53 ? 47  GLU A HB2  1 
ATOM   730  H  HB3  . GLU A 1 47 ? -3.994  -17.123 -8.056  1.00 72.24 ? 47  GLU A HB3  1 
ATOM   731  H  HG2  . GLU A 1 47 ? -3.619  -16.865 -5.803  1.00 32.32 ? 47  GLU A HG2  1 
ATOM   732  H  HG3  . GLU A 1 47 ? -3.998  -15.154 -5.829  1.00 41.31 ? 47  GLU A HG3  1 
ATOM   733  H  HE2  . GLU A 1 47 ? -5.637  -18.300 -5.408  1.00 2.22  ? 47  GLU A HE2  1 
ATOM   734  N  N    . GLU A 1 48 ? -5.478  -14.007 -9.225  1.00 13.11 ? 48  GLU A N    1 
ATOM   735  C  CA   . GLU A 1 48 ? -6.381  -12.916 -9.552  1.00 53.42 ? 48  GLU A CA   1 
ATOM   736  C  C    . GLU A 1 48 ? -5.925  -11.627 -8.865  1.00 32.33 ? 48  GLU A C    1 
ATOM   737  O  O    . GLU A 1 48 ? -6.383  -11.308 -7.768  1.00 30.20 ? 48  GLU A O    1 
ATOM   738  C  CB   . GLU A 1 48 ? -7.821  -13.262 -9.168  1.00 50.04 ? 48  GLU A CB   1 
ATOM   739  C  CG   . GLU A 1 48 ? -8.378  -14.363 -10.071 1.00 61.51 ? 48  GLU A CG   1 
ATOM   740  C  CD   . GLU A 1 48 ? -9.072  -15.450 -9.247  1.00 60.12 ? 48  GLU A CD   1 
ATOM   741  O  OE1  . GLU A 1 48 ? -8.933  -16.643 -9.553  1.00 24.42 ? 48  GLU A OE1  1 
ATOM   742  O  OE2  . GLU A 1 48 ? -9.775  -15.017 -8.256  1.00 61.55 ? 48  GLU A OE2  1 
ATOM   743  H  H    . GLU A 1 48 ? -5.772  -14.908 -9.543  1.00 25.44 ? 48  GLU A H    1 
ATOM   744  H  HA   . GLU A 1 48 ? -6.316  -12.801 -10.634 1.00 32.00 ? 48  GLU A HA   1 
ATOM   745  H  HB2  . GLU A 1 48 ? -7.856  -13.587 -8.129  1.00 14.23 ? 48  GLU A HB2  1 
ATOM   746  H  HB3  . GLU A 1 48 ? -8.445  -12.372 -9.245  1.00 22.40 ? 48  GLU A HB3  1 
ATOM   747  H  HG2  . GLU A 1 48 ? -9.085  -13.934 -10.781 1.00 35.32 ? 48  GLU A HG2  1 
ATOM   748  H  HG3  . GLU A 1 48 ? -7.570  -14.805 -10.655 1.00 30.44 ? 48  GLU A HG3  1 
ATOM   749  H  HE2  . GLU A 1 48 ? -9.992  -15.770 -7.635  1.00 24.01 ? 48  GLU A HE2  1 
ATOM   750  N  N    . LEU A 1 49 ? -5.029  -10.921 -9.538  1.00 73.14 ? 49  LEU A N    1 
ATOM   751  C  CA   . LEU A 1 49 ? -4.507  -9.673  -9.006  1.00 44.31 ? 49  LEU A CA   1 
ATOM   752  C  C    . LEU A 1 49 ? -5.643  -8.654  -8.898  1.00 14.21 ? 49  LEU A C    1 
ATOM   753  O  O    . LEU A 1 49 ? -6.797  -8.973  -9.180  1.00 43.14 ? 49  LEU A O    1 
ATOM   754  C  CB   . LEU A 1 49 ? -3.323  -9.187  -9.844  1.00 63.32 ? 49  LEU A CB   1 
ATOM   755  C  CG   . LEU A 1 49 ? -2.320  -8.282  -9.127  1.00 50.41 ? 49  LEU A CG   1 
ATOM   756  C  CD1  . LEU A 1 49 ? -0.932  -8.925  -9.085  1.00 2.14  ? 49  LEU A CD1  1 
ATOM   757  C  CD2  . LEU A 1 49 ? -2.287  -6.890  -9.761  1.00 45.44 ? 49  LEU A CD2  1 
ATOM   758  H  H    . LEU A 1 49 ? -4.661  -11.186 -10.429 1.00 22.33 ? 49  LEU A H    1 
ATOM   759  H  HA   . LEU A 1 49 ? -4.130  -9.877  -8.004  1.00 41.52 ? 49  LEU A HA   1 
ATOM   760  H  HB2  . LEU A 1 49 ? -2.789  -10.059 -10.223 1.00 42.10 ? 49  LEU A HB2  1 
ATOM   761  H  HB3  . LEU A 1 49 ? -3.711  -8.650  -10.710 1.00 30.54 ? 49  LEU A HB3  1 
ATOM   762  H  HG   . LEU A 1 49 ? -2.648  -8.157  -8.095  1.00 60.20 ? 49  LEU A HG   1 
ATOM   763  H  HD11 . LEU A 1 49 ? -0.499  -8.790  -8.094  1.00 55.31 ? 49  LEU A HD11 1 
ATOM   764  H  HD12 . LEU A 1 49 ? -1.019  -9.991  -9.299  1.00 70.55 ? 49  LEU A HD12 1 
ATOM   765  H  HD13 . LEU A 1 49 ? -0.291  -8.456  -9.831  1.00 10.35 ? 49  LEU A HD13 1 
ATOM   766  H  HD21 . LEU A 1 49 ? -2.032  -6.150  -9.001  1.00 34.14 ? 49  LEU A HD21 1 
ATOM   767  H  HD22 . LEU A 1 49 ? -1.537  -6.869  -10.552 1.00 60.35 ? 49  LEU A HD22 1 
ATOM   768  H  HD23 . LEU A 1 49 ? -3.265  -6.658  -10.180 1.00 64.21 ? 49  LEU A HD23 1 
ATOM   769  N  N    . LEU A 1 50 ? -5.277  -7.449  -8.488  1.00 73.31 ? 50  LEU A N    1 
ATOM   770  C  CA   . LEU A 1 50 ? -6.251  -6.381  -8.339  1.00 52.12 ? 50  LEU A CA   1 
ATOM   771  C  C    . LEU A 1 50 ? -6.809  -6.009  -9.715  1.00 11.34 ? 50  LEU A C    1 
ATOM   772  O  O    . LEU A 1 50 ? -6.459  -4.970  -10.271 1.00 1.31  ? 50  LEU A O    1 
ATOM   773  C  CB   . LEU A 1 50 ? -5.640  -5.199  -7.584  1.00 74.14 ? 50  LEU A CB   1 
ATOM   774  C  CG   . LEU A 1 50 ? -4.360  -4.610  -8.182  1.00 65.32 ? 50  LEU A CG   1 
ATOM   775  C  CD1  . LEU A 1 50 ? -4.681  -3.460  -9.140  1.00 12.44 ? 50  LEU A CD1  1 
ATOM   776  C  CD2  . LEU A 1 50 ? -3.385  -4.185  -7.082  1.00 22.43 ? 50  LEU A CD2  1 
ATOM   777  H  H    . LEU A 1 50 ? -4.336  -7.197  -8.260  1.00 14.41 ? 50  LEU A H    1 
ATOM   778  H  HA   . LEU A 1 50 ? -7.068  -6.766  -7.728  1.00 45.11 ? 50  LEU A HA   1 
ATOM   779  H  HB2  . LEU A 1 50 ? -6.386  -4.407  -7.523  1.00 64.11 ? 50  LEU A HB2  1 
ATOM   780  H  HB3  . LEU A 1 50 ? -5.427  -5.516  -6.563  1.00 32.32 ? 50  LEU A HB3  1 
ATOM   781  H  HG   . LEU A 1 50 ? -3.867  -5.388  -8.766  1.00 70.44 ? 50  LEU A HG   1 
ATOM   782  H  HD11 . LEU A 1 50 ? -4.592  -3.808  -10.168 1.00 45.01 ? 50  LEU A HD11 1 
ATOM   783  H  HD12 . LEU A 1 50 ? -5.698  -3.112  -8.960  1.00 70.01 ? 50  LEU A HD12 1 
ATOM   784  H  HD13 . LEU A 1 50 ? -3.981  -2.642  -8.971  1.00 15.24 ? 50  LEU A HD13 1 
ATOM   785  H  HD21 . LEU A 1 50 ? -3.197  -5.029  -6.418  1.00 21.41 ? 50  LEU A HD21 1 
ATOM   786  H  HD22 . LEU A 1 50 ? -2.448  -3.861  -7.533  1.00 24.12 ? 50  LEU A HD22 1 
ATOM   787  H  HD23 . LEU A 1 50 ? -3.818  -3.363  -6.511  1.00 21.13 ? 50  LEU A HD23 1 
ATOM   788  N  N    . THR A 1 51 ? -7.668  -6.880  -10.224 1.00 24.31 ? 51  THR A N    1 
ATOM   789  C  CA   . THR A 1 51 ? -8.277  -6.656  -11.524 1.00 23.44 ? 51  THR A CA   1 
ATOM   790  C  C    . THR A 1 51 ? -7.205  -6.613  -12.615 1.00 34.44 ? 51  THR A C    1 
ATOM   791  O  O    . THR A 1 51 ? -7.463  -6.149  -13.724 1.00 71.04 ? 51  THR A O    1 
ATOM   792  C  CB   . THR A 1 51 ? -9.113  -5.378  -11.441 1.00 14.33 ? 51  THR A CB   1 
ATOM   793  O  OG1  . THR A 1 51 ? -9.863  -5.530  -10.239 1.00 11.03 ? 51  THR A OG1  1 
ATOM   794  C  CG2  . THR A 1 51 ? -10.177 -5.301  -12.537 1.00 62.31 ? 51  THR A CG2  1 
ATOM   795  H  H    . THR A 1 51 ? -7.948  -7.723  -9.766  1.00 12.43 ? 51  THR A H    1 
ATOM   796  H  HA   . THR A 1 51 ? -8.928  -7.502  -11.748 1.00 63.31 ? 51  THR A HA   1 
ATOM   797  H  HB   . THR A 1 51 ? -8.474  -4.495  -11.456 1.00 55.43 ? 51  THR A HB   1 
ATOM   798  H  HG1  . THR A 1 51 ? -9.863  -4.672  -9.725  1.00 74.41 ? 51  THR A HG1  1 
ATOM   799  H  HG21 . THR A 1 51 ? -10.349 -4.259  -12.805 1.00 75.12 ? 51  THR A HG21 1 
ATOM   800  H  HG22 . THR A 1 51 ? -9.835  -5.850  -13.415 1.00 11.31 ? 51  THR A HG22 1 
ATOM   801  H  HG23 . THR A 1 51 ? -11.106 -5.740  -12.173 1.00 61.52 ? 51  THR A HG23 1 
ATOM   802  N  N    . ASP A 1 52 ? -6.027  -7.104  -12.261 1.00 71.32 ? 52  ASP A N    1 
ATOM   803  C  CA   . ASP A 1 52 ? -4.915  -7.128  -13.197 1.00 73.50 ? 52  ASP A CA   1 
ATOM   804  C  C    . ASP A 1 52 ? -4.588  -8.578  -13.557 1.00 10.31 ? 52  ASP A C    1 
ATOM   805  O  O    . ASP A 1 52 ? -3.767  -8.833  -14.437 1.00 74.21 ? 52  ASP A O    1 
ATOM   806  C  CB   . ASP A 1 52 ? -3.664  -6.499  -12.581 1.00 35.22 ? 52  ASP A CB   1 
ATOM   807  C  CG   . ASP A 1 52 ? -2.737  -5.796  -13.575 1.00 23.05 ? 52  ASP A CG   1 
ATOM   808  O  OD1  . ASP A 1 52 ? -1.774  -5.121  -13.183 1.00 20.11 ? 52  ASP A OD1  1 
ATOM   809  O  OD2  . ASP A 1 52 ? -3.041  -5.966  -14.817 1.00 2.01  ? 52  ASP A OD2  1 
ATOM   810  H  H    . ASP A 1 52 ? -5.826  -7.480  -11.357 1.00 23.33 ? 52  ASP A H    1 
ATOM   811  H  HA   . ASP A 1 52 ? -5.253  -6.550  -14.058 1.00 30.22 ? 52  ASP A HA   1 
ATOM   812  H  HB2  . ASP A 1 52 ? -3.973  -5.778  -11.824 1.00 11.24 ? 52  ASP A HB2  1 
ATOM   813  H  HB3  . ASP A 1 52 ? -3.100  -7.277  -12.068 1.00 52.43 ? 52  ASP A HB3  1 
ATOM   814  H  HD2  . ASP A 1 52 ? -2.211  -6.122  -15.354 1.00 74.13 ? 52  ASP A HD2  1 
ATOM   815  N  N    . GLY A 1 53 ? -5.245  -9.491  -12.857 1.00 75.31 ? 53  GLY A N    1 
ATOM   816  C  CA   . GLY A 1 53 ? -5.034  -10.909 -13.092 1.00 73.41 ? 53  GLY A CA   1 
ATOM   817  C  C    . GLY A 1 53 ? -3.561  -11.203 -13.384 1.00 61.14 ? 53  GLY A C    1 
ATOM   818  O  O    . GLY A 1 53 ? -3.245  -12.140 -14.116 1.00 53.13 ? 53  GLY A O    1 
ATOM   819  H  H    . GLY A 1 53 ? -5.911  -9.275  -12.143 1.00 34.42 ? 53  GLY A H    1 
ATOM   820  H  HA2  . GLY A 1 53 ? -5.356  -11.478 -12.220 1.00 71.33 ? 53  GLY A HA2  1 
ATOM   821  H  HA3  . GLY A 1 53 ? -5.647  -11.238 -13.932 1.00 55.21 ? 53  GLY A HA3  1 
ATOM   822  N  N    . GLU A 1 54 ? -2.700  -10.385 -12.796 1.00 65.43 ? 54  GLU A N    1 
ATOM   823  C  CA   . GLU A 1 54 ? -1.268  -10.545 -12.985 1.00 2.12  ? 54  GLU A CA   1 
ATOM   824  C  C    . GLU A 1 54 ? -0.776  -11.801 -12.262 1.00 62.12 ? 54  GLU A C    1 
ATOM   825  O  O    . GLU A 1 54 ? 0.363   -12.225 -12.455 1.00 20.34 ? 54  GLU A O    1 
ATOM   826  C  CB   . GLU A 1 54 ? -0.510  -9.305  -12.507 1.00 2.04  ? 54  GLU A CB   1 
ATOM   827  C  CG   . GLU A 1 54 ? 0.838   -9.689  -11.894 1.00 31.15 ? 54  GLU A CG   1 
ATOM   828  C  CD   . GLU A 1 54 ? 1.618   -8.446  -11.463 1.00 52.31 ? 54  GLU A CD   1 
ATOM   829  O  OE1  . GLU A 1 54 ? 1.520   -7.395  -12.114 1.00 31.53 ? 54  GLU A OE1  1 
ATOM   830  O  OE2  . GLU A 1 54 ? 2.347   -8.597  -10.409 1.00 44.30 ? 54  GLU A OE2  1 
ATOM   831  H  H    . GLU A 1 54 ? -2.966  -9.626  -12.204 1.00 15.41 ? 54  GLU A H    1 
ATOM   832  H  HA   . GLU A 1 54 ? -1.127  -10.658 -14.059 1.00 70.43 ? 54  GLU A HA   1 
ATOM   833  H  HB2  . GLU A 1 54 ? -0.352  -8.625  -13.344 1.00 4.15  ? 54  GLU A HB2  1 
ATOM   834  H  HB3  . GLU A 1 54 ? -1.109  -8.770  -11.770 1.00 22.31 ? 54  GLU A HB3  1 
ATOM   835  H  HG2  . GLU A 1 54 ? 0.679   -10.339 -11.033 1.00 31.03 ? 54  GLU A HG2  1 
ATOM   836  H  HG3  . GLU A 1 54 ? 1.423   -10.257 -12.618 1.00 11.34 ? 54  GLU A HG3  1 
ATOM   837  H  HE2  . GLU A 1 54 ? 1.843   -8.301  -9.599  1.00 11.33 ? 54  GLU A HE2  1 
ATOM   838  N  N    . ASP A 1 55 ? -1.658  -12.360 -11.447 1.00 5.20  ? 55  ASP A N    1 
ATOM   839  C  CA   . ASP A 1 55 ? -1.327  -13.559 -10.696 1.00 10.31 ? 55  ASP A CA   1 
ATOM   840  C  C    . ASP A 1 55 ? -0.504  -13.174 -9.464  1.00 72.55 ? 55  ASP A C    1 
ATOM   841  O  O    . ASP A 1 55 ? 0.698   -13.429 -9.411  1.00 32.24 ? 55  ASP A O    1 
ATOM   842  C  CB   . ASP A 1 55 ? -0.491  -14.525 -11.539 1.00 54.31 ? 55  ASP A CB   1 
ATOM   843  C  CG   . ASP A 1 55 ? -0.605  -15.997 -11.138 1.00 65.31 ? 55  ASP A CG   1 
ATOM   844  O  OD1  . ASP A 1 55 ? 0.384   -16.745 -11.169 1.00 20.25 ? 55  ASP A OD1  1 
ATOM   845  O  OD2  . ASP A 1 55 ? -1.785  -16.375 -10.778 1.00 43.33 ? 55  ASP A OD2  1 
ATOM   846  H  H    . ASP A 1 55 ? -2.581  -12.010 -11.297 1.00 74.04 ? 55  ASP A H    1 
ATOM   847  H  HA   . ASP A 1 55 ? -2.285  -14.007 -10.433 1.00 55.24 ? 55  ASP A HA   1 
ATOM   848  H  HB2  . ASP A 1 55 ? -0.788  -14.423 -12.582 1.00 35.44 ? 55  ASP A HB2  1 
ATOM   849  H  HB3  . ASP A 1 55 ? 0.555   -14.226 -11.475 1.00 45.45 ? 55  ASP A HB3  1 
ATOM   850  H  HD2  . ASP A 1 55 ? -1.784  -17.354 -10.579 1.00 4.04  ? 55  ASP A HD2  1 
ATOM   851  N  N    . ASP A 1 56 ? -1.185  -12.564 -8.505  1.00 61.32 ? 56  ASP A N    1 
ATOM   852  C  CA   . ASP A 1 56 ? -0.533  -12.140 -7.278  1.00 10.34 ? 56  ASP A CA   1 
ATOM   853  C  C    . ASP A 1 56 ? -1.532  -11.369 -6.414  1.00 70.25 ? 56  ASP A C    1 
ATOM   854  O  O    . ASP A 1 56 ? -1.594  -10.141 -6.475  1.00 45.15 ? 56  ASP A O    1 
ATOM   855  C  CB   . ASP A 1 56 ? 0.650   -11.215 -7.573  1.00 74.14 ? 56  ASP A CB   1 
ATOM   856  C  CG   . ASP A 1 56 ? 2.028   -11.814 -7.284  1.00 74.22 ? 56  ASP A CG   1 
ATOM   857  O  OD1  . ASP A 1 56 ? 2.484   -11.840 -6.132  1.00 21.32 ? 56  ASP A OD1  1 
ATOM   858  O  OD2  . ASP A 1 56 ? 2.650   -12.273 -8.317  1.00 3.32  ? 56  ASP A OD2  1 
ATOM   859  H  H    . ASP A 1 56 ? -2.163  -12.359 -8.557  1.00 1.22  ? 56  ASP A H    1 
ATOM   860  H  HA   . ASP A 1 56 ? -0.193  -13.060 -6.802  1.00 22.11 ? 56  ASP A HA   1 
ATOM   861  H  HB2  . ASP A 1 56 ? 0.609   -10.924 -8.623  1.00 52.42 ? 56  ASP A HB2  1 
ATOM   862  H  HB3  . ASP A 1 56 ? 0.535   -10.304 -6.985  1.00 24.01 ? 56  ASP A HB3  1 
ATOM   863  H  HD2  . ASP A 1 56 ? 2.058   -12.228 -9.122  1.00 54.43 ? 56  ASP A HD2  1 
ATOM   864  N  N    . VAL A 1 57 ? -2.290  -12.120 -5.629  1.00 72.12 ? 57  VAL A N    1 
ATOM   865  C  CA   . VAL A 1 57 ? -3.284  -11.521 -4.754  1.00 50.11 ? 57  VAL A CA   1 
ATOM   866  C  C    . VAL A 1 57 ? -2.824  -11.655 -3.301  1.00 52.34 ? 57  VAL A C    1 
ATOM   867  O  O    . VAL A 1 57 ? -3.563  -12.158 -2.455  1.00 41.04 ? 57  VAL A O    1 
ATOM   868  C  CB   . VAL A 1 57 ? -4.654  -12.154 -5.007  1.00 61.32 ? 57  VAL A CB   1 
ATOM   869  C  CG1  . VAL A 1 57 ? -4.777  -13.501 -4.292  1.00 50.13 ? 57  VAL A CG1  1 
ATOM   870  C  CG2  . VAL A 1 57 ? -5.782  -11.207 -4.591  1.00 43.25 ? 57  VAL A CG2  1 
ATOM   871  H  H    . VAL A 1 57 ? -2.235  -13.117 -5.585  1.00 50.41 ? 57  VAL A H    1 
ATOM   872  H  HA   . VAL A 1 57 ? -3.350  -10.462 -5.005  1.00 63.22 ? 57  VAL A HA   1 
ATOM   873  H  HB   . VAL A 1 57 ? -4.747  -12.335 -6.079  1.00 50.41 ? 57  VAL A HB   1 
ATOM   874  H  HG11 . VAL A 1 57 ? -5.430  -14.158 -4.865  1.00 25.24 ? 57  VAL A HG11 1 
ATOM   875  H  HG12 . VAL A 1 57 ? -3.789  -13.956 -4.203  1.00 34.34 ? 57  VAL A HG12 1 
ATOM   876  H  HG13 . VAL A 1 57 ? -5.197  -13.348 -3.298  1.00 54.44 ? 57  VAL A HG13 1 
ATOM   877  H  HG21 . VAL A 1 57 ? -6.008  -10.528 -5.413  1.00 43.34 ? 57  VAL A HG21 1 
ATOM   878  H  HG22 . VAL A 1 57 ? -6.670  -11.787 -4.344  1.00 32.52 ? 57  VAL A HG22 1 
ATOM   879  H  HG23 . VAL A 1 57 ? -5.469  -10.631 -3.720  1.00 41.21 ? 57  VAL A HG23 1 
ATOM   880  N  N    . PHE A 1 58 ? -1.606  -11.194 -3.055  1.00 51.13 ? 58  PHE A N    1 
ATOM   881  C  CA   . PHE A 1 58 ? -1.039  -11.255 -1.718  1.00 63.21 ? 58  PHE A CA   1 
ATOM   882  C  C    . PHE A 1 58 ? -2.055  -10.797 -0.669  1.00 65.32 ? 58  PHE A C    1 
ATOM   883  O  O    . PHE A 1 58 ? -2.383  -9.614  -0.594  1.00 23.44 ? 58  PHE A O    1 
ATOM   884  C  CB   . PHE A 1 58 ? 0.160   -10.306 -1.698  1.00 0.51  ? 58  PHE A CB   1 
ATOM   885  C  CG   . PHE A 1 58 ? -0.160  -8.888  -2.175  1.00 12.50 ? 58  PHE A CG   1 
ATOM   886  C  CD1  . PHE A 1 58 ? -0.065  -8.576  -3.495  1.00 41.22 ? 58  PHE A CD1  1 
ATOM   887  C  CD2  . PHE A 1 58 ? -0.541  -7.939  -1.278  1.00 50.12 ? 58  PHE A CD2  1 
ATOM   888  C  CE1  . PHE A 1 58 ? -0.361  -7.260  -3.937  1.00 20.43 ? 58  PHE A CE1  1 
ATOM   889  C  CE2  . PHE A 1 58 ? -0.838  -6.622  -1.720  1.00 31.53 ? 58  PHE A CE2  1 
ATOM   890  C  CZ   . PHE A 1 58 ? -0.743  -6.311  -3.041  1.00 2.21  ? 58  PHE A CZ   1 
ATOM   891  H  H    . PHE A 1 58 ? -1.012  -10.786 -3.747  1.00 62.43 ? 58  PHE A H    1 
ATOM   892  H  HA   . PHE A 1 58 ? -0.768  -12.294 -1.529  1.00 64.12 ? 58  PHE A HA   1 
ATOM   893  H  HB2  . PHE A 1 58 ? 0.555   -10.256 -0.683  1.00 34.50 ? 58  PHE A HB2  1 
ATOM   894  H  HB3  . PHE A 1 58 ? 0.949   -10.720 -2.326  1.00 52.25 ? 58  PHE A HB3  1 
ATOM   895  H  HD1  . PHE A 1 58 ? 0.241   -9.337  -4.214  1.00 11.04 ? 58  PHE A HD1  1 
ATOM   896  H  HD2  . PHE A 1 58 ? -0.618  -8.188  -0.220  1.00 13.22 ? 58  PHE A HD2  1 
ATOM   897  H  HE1  . PHE A 1 58 ? -0.286  -7.010  -4.996  1.00 43.51 ? 58  PHE A HE1  1 
ATOM   898  H  HE2  . PHE A 1 58 ? -1.144  -5.862  -1.001  1.00 61.33 ? 58  PHE A HE2  1 
ATOM   899  H  HZ   . PHE A 1 58 ? -0.971  -5.301  -3.381  1.00 12.11 ? 58  PHE A HZ   1 
ATOM   900  N  N    . ASP A 1 59 ? -2.524  -11.758 0.112   1.00 21.32 ? 59  ASP A N    1 
ATOM   901  C  CA   . ASP A 1 59 ? -3.495  -11.469 1.153   1.00 33.12 ? 59  ASP A CA   1 
ATOM   902  C  C    . ASP A 1 59 ? -2.891  -10.476 2.148   1.00 63.34 ? 59  ASP A C    1 
ATOM   903  O  O    . ASP A 1 59 ? -1.803  -10.705 2.674   1.00 1.30  ? 59  ASP A O    1 
ATOM   904  C  CB   . ASP A 1 59 ? -3.874  -12.737 1.921   1.00 72.41 ? 59  ASP A CB   1 
ATOM   905  C  CG   . ASP A 1 59 ? -3.927  -12.579 3.442   1.00 23.55 ? 59  ASP A CG   1 
ATOM   906  O  OD1  . ASP A 1 59 ? -3.419  -13.428 4.189   1.00 14.22 ? 59  ASP A OD1  1 
ATOM   907  O  OD2  . ASP A 1 59 ? -4.531  -11.520 3.860   1.00 54.33 ? 59  ASP A OD2  1 
ATOM   908  H  H    . ASP A 1 59 ? -2.252  -12.718 0.044   1.00 43.03 ? 59  ASP A H    1 
ATOM   909  H  HA   . ASP A 1 59 ? -4.361  -11.061 0.631   1.00 13.21 ? 59  ASP A HA   1 
ATOM   910  H  HB2  . ASP A 1 59 ? -4.850  -13.078 1.572   1.00 45.54 ? 59  ASP A HB2  1 
ATOM   911  H  HB3  . ASP A 1 59 ? -3.157  -13.520 1.677   1.00 51.15 ? 59  ASP A HB3  1 
ATOM   912  H  HD2  . ASP A 1 59 ? -5.520  -11.666 3.860   1.00 32.15 ? 59  ASP A HD2  1 
ATOM   913  N  N    . PRO A 1 60 ? -3.641  -9.367  2.382   1.00 34.40 ? 60  PRO A N    1 
ATOM   914  C  CA   . PRO A 1 60 ? -3.191  -8.339  3.304   1.00 41.43 ? 60  PRO A CA   1 
ATOM   915  C  C    . PRO A 1 60 ? -3.352  -8.795  4.755   1.00 2.31  ? 60  PRO A C    1 
ATOM   916  O  O    . PRO A 1 60 ? -4.000  -8.121  5.554   1.00 2.11  ? 60  PRO A O    1 
ATOM   917  C  CB   . PRO A 1 60 ? -4.029  -7.116  2.970   1.00 55.14 ? 60  PRO A CB   1 
ATOM   918  C  CG   . PRO A 1 60 ? -5.231  -7.633  2.196   1.00 11.24 ? 60  PRO A CG   1 
ATOM   919  C  CD   . PRO A 1 60 ? -4.935  -9.063  1.776   1.00 5.02  ? 60  PRO A CD   1 
ATOM   920  H  HA   . PRO A 1 60 ? -2.213  -8.164  3.179   1.00 32.44 ? 60  PRO A HA   1 
ATOM   921  H  HB2  . PRO A 1 60 ? -4.341  -6.597  3.876   1.00 33.33 ? 60  PRO A HB2  1 
ATOM   922  H  HB3  . PRO A 1 60 ? -3.459  -6.402  2.374   1.00 2.23  ? 60  PRO A HB3  1 
ATOM   923  H  HG2  . PRO A 1 60 ? -6.128  -7.594  2.815   1.00 11.10 ? 60  PRO A HG2  1 
ATOM   924  H  HG3  . PRO A 1 60 ? -5.419  -7.009  1.322   1.00 22.25 ? 60  PRO A HG3  1 
ATOM   925  H  HD2  . PRO A 1 60 ? -5.708  -9.747  2.128   1.00 40.44 ? 60  PRO A HD2  1 
ATOM   926  H  HD3  . PRO A 1 60 ? -4.896  -9.157  0.690   1.00 1.53  ? 60  PRO A HD3  1 
ATOM   927  N  N    . ASP A 1 61 ? -2.751  -9.938  5.052   1.00 40.31 ? 61  ASP A N    1 
ATOM   928  C  CA   . ASP A 1 61 ? -2.818  -10.493 6.394   1.00 74.51 ? 61  ASP A CA   1 
ATOM   929  C  C    . ASP A 1 61 ? -1.886  -9.705  7.315   1.00 61.30 ? 61  ASP A C    1 
ATOM   930  O  O    . ASP A 1 61 ? -0.835  -9.232  6.884   1.00 33.34 ? 61  ASP A O    1 
ATOM   931  C  CB   . ASP A 1 61 ? -2.372  -11.956 6.408   1.00 62.31 ? 61  ASP A CB   1 
ATOM   932  C  CG   . ASP A 1 61 ? -1.244  -12.278 7.391   1.00 33.55 ? 61  ASP A CG   1 
ATOM   933  O  OD1  . ASP A 1 61 ? -0.201  -12.828 7.008   1.00 54.41 ? 61  ASP A OD1  1 
ATOM   934  O  OD2  . ASP A 1 61 ? -1.474  -11.937 8.614   1.00 44.54 ? 61  ASP A OD2  1 
ATOM   935  H  H    . ASP A 1 61 ? -2.226  -10.481 4.397   1.00 52.44 ? 61  ASP A H    1 
ATOM   936  H  HA   . ASP A 1 61 ? -3.865  -10.407 6.687   1.00 71.25 ? 61  ASP A HA   1 
ATOM   937  H  HB2  . ASP A 1 61 ? -3.232  -12.581 6.648   1.00 41.00 ? 61  ASP A HB2  1 
ATOM   938  H  HB3  . ASP A 1 61 ? -2.048  -12.231 5.404   1.00 42.32 ? 61  ASP A HB3  1 
ATOM   939  H  HD2  . ASP A 1 61 ? -1.250  -12.694 9.227   1.00 2.33  ? 61  ASP A HD2  1 
ATOM   940  N  N    . LEU A 1 62 ? -2.304  -9.587  8.567   1.00 62.31 ? 62  LEU A N    1 
ATOM   941  C  CA   . LEU A 1 62 ? -1.519  -8.864  9.553   1.00 41.13 ? 62  LEU A CA   1 
ATOM   942  C  C    . LEU A 1 62 ? -0.904  -7.624  8.900   1.00 72.31 ? 62  LEU A C    1 
ATOM   943  O  O    . LEU A 1 62 ? 0.314   -7.455  8.903   1.00 22.23 ? 62  LEU A O    1 
ATOM   944  C  CB   . LEU A 1 62 ? -0.489  -9.791  10.202  1.00 54.51 ? 62  LEU A CB   1 
ATOM   945  C  CG   . LEU A 1 62 ? 0.673   -9.103  10.922  1.00 42.11 ? 62  LEU A CG   1 
ATOM   946  C  CD1  . LEU A 1 62 ? 0.215   -7.804  11.586  1.00 33.11 ? 62  LEU A CD1  1 
ATOM   947  C  CD2  . LEU A 1 62 ? 1.341   -10.053 11.919  1.00 74.42 ? 62  LEU A CD2  1 
ATOM   948  H  H    . LEU A 1 62 ? -3.159  -9.974  8.909   1.00 33.24 ? 62  LEU A H    1 
ATOM   949  H  HA   . LEU A 1 62 ? -2.200  -8.538  10.339  1.00 22.24 ? 62  LEU A HA   1 
ATOM   950  H  HB2  . LEU A 1 62 ? -1.006  -10.431 10.918  1.00 53.12 ? 62  LEU A HB2  1 
ATOM   951  H  HB3  . LEU A 1 62 ? -0.079  -10.442 9.431   1.00 43.01 ? 62  LEU A HB3  1 
ATOM   952  H  HG   . LEU A 1 62 ? 1.425   -8.836  10.179  1.00 64.21 ? 62  LEU A HG   1 
ATOM   953  H  HD11 . LEU A 1 62 ? -0.875  -7.771  11.608  1.00 12.03 ? 62  LEU A HD11 1 
ATOM   954  H  HD12 . LEU A 1 62 ? 0.600   -7.761  12.606  1.00 62.33 ? 62  LEU A HD12 1 
ATOM   955  H  HD13 . LEU A 1 62 ? 0.592   -6.952  11.020  1.00 40.40 ? 62  LEU A HD13 1 
ATOM   956  H  HD21 . LEU A 1 62 ? 1.273   -9.632  12.921  1.00 0.41  ? 62  LEU A HD21 1 
ATOM   957  H  HD22 . LEU A 1 62 ? 0.834   -11.018 11.895  1.00 10.21 ? 62  LEU A HD22 1 
ATOM   958  H  HD23 . LEU A 1 62 ? 2.388   -10.186 11.649  1.00 54.14 ? 62  LEU A HD23 1 
ATOM   959  N  N    . ASP A 1 63 ? -1.776  -6.787  8.356   1.00 21.14 ? 63  ASP A N    1 
ATOM   960  C  CA   . ASP A 1 63 ? -1.335  -5.568  7.701   1.00 23.41 ? 63  ASP A CA   1 
ATOM   961  C  C    . ASP A 1 63 ? -2.524  -4.916  6.992   1.00 2.53  ? 63  ASP A C    1 
ATOM   962  O  O    . ASP A 1 63 ? -2.726  -5.120  5.796   1.00 75.22 ? 63  ASP A O    1 
ATOM   963  C  CB   . ASP A 1 63 ? -0.264  -5.865  6.650   1.00 41.42 ? 63  ASP A CB   1 
ATOM   964  C  CG   . ASP A 1 63 ? 1.165   -5.504  7.065   1.00 43.23 ? 63  ASP A CG   1 
ATOM   965  O  OD1  . ASP A 1 63 ? 1.384   -4.820  8.076   1.00 25.23 ? 63  ASP A OD1  1 
ATOM   966  O  OD2  . ASP A 1 63 ? 2.090   -5.962  6.289   1.00 34.13 ? 63  ASP A OD2  1 
ATOM   967  H  H    . ASP A 1 63 ? -2.765  -6.932  8.358   1.00 35.40 ? 63  ASP A H    1 
ATOM   968  H  HA   . ASP A 1 63 ? -0.932  -4.944  8.499   1.00 23.50 ? 63  ASP A HA   1 
ATOM   969  H  HB2  . ASP A 1 63 ? -0.298  -6.927  6.407   1.00 70.22 ? 63  ASP A HB2  1 
ATOM   970  H  HB3  . ASP A 1 63 ? -0.509  -5.320  5.738   1.00 14.35 ? 63  ASP A HB3  1 
ATOM   971  H  HD2  . ASP A 1 63 ? 2.142   -5.411  5.457   1.00 34.34 ? 63  ASP A HD2  1 
ATOM   972  N  N    . MET A 1 64 ? -3.280  -4.145  7.760   1.00 5.15  ? 64  MET A N    1 
ATOM   973  C  CA   . MET A 1 64 ? -4.444  -3.463  7.221   1.00 41.13 ? 64  MET A CA   1 
ATOM   974  C  C    . MET A 1 64 ? -4.634  -2.096  7.883   1.00 23.14 ? 64  MET A C    1 
ATOM   975  O  O    . MET A 1 64 ? -3.675  -1.504  8.376   1.00 74.31 ? 64  MET A O    1 
ATOM   976  C  CB   . MET A 1 64 ? -5.691  -4.319  7.450   1.00 23.13 ? 64  MET A CB   1 
ATOM   977  C  CG   . MET A 1 64 ? -6.658  -4.208  6.270   1.00 43.32 ? 64  MET A CG   1 
ATOM   978  S  SD   . MET A 1 64 ? -6.410  -5.573  5.146   1.00 33.15 ? 64  MET A SD   1 
ATOM   979  C  CE   . MET A 1 64 ? -8.059  -6.258  5.124   1.00 44.12 ? 64  MET A CE   1 
ATOM   980  H  H    . MET A 1 64 ? -3.110  -3.986  8.733   1.00 42.13 ? 64  MET A H    1 
ATOM   981  H  HA   . MET A 1 64 ? -4.241  -3.335  6.157   1.00 54.52 ? 64  MET A HA   1 
ATOM   982  H  HB2  . MET A 1 64 ? -5.401  -5.361  7.590   1.00 45.50 ? 64  MET A HB2  1 
ATOM   983  H  HB3  . MET A 1 64 ? -6.191  -4.002  8.366   1.00 65.43 ? 64  MET A HB3  1 
ATOM   984  H  HG2  . MET A 1 64 ? -7.686  -4.204  6.630   1.00 61.01 ? 64  MET A HG2  1 
ATOM   985  H  HG3  . MET A 1 64 ? -6.500  -3.264  5.748   1.00 61.34 ? 64  MET A HG3  1 
ATOM   986  H  HE1  . MET A 1 64 ? -8.489  -6.202  6.124   1.00 64.54 ? 64  MET A HE1  1 
ATOM   987  H  HE2  . MET A 1 64 ? -8.678  -5.690  4.429   1.00 1.54  ? 64  MET A HE2  1 
ATOM   988  H  HE3  . MET A 1 64 ? -8.015  -7.299  4.804   1.00 50.25 ? 64  MET A HE3  1 
ATOM   989  N  N    . GLU A 1 65 ? -5.876  -1.638  7.874   1.00 72.44 ? 65  GLU A N    1 
ATOM   990  C  CA   . GLU A 1 65 ? -6.204  -0.353  8.468   1.00 74.32 ? 65  GLU A CA   1 
ATOM   991  C  C    . GLU A 1 65 ? -6.565  -0.527  9.944   1.00 21.33 ? 65  GLU A C    1 
ATOM   992  O  O    . GLU A 1 65 ? -7.450  0.158   10.455  1.00 14.13 ? 65  GLU A O    1 
ATOM   993  C  CB   . GLU A 1 65 ? -7.339  0.331   7.703   1.00 64.04 ? 65  GLU A CB   1 
ATOM   994  C  CG   . GLU A 1 65 ? -6.788  1.283   6.639   1.00 51.34 ? 65  GLU A CG   1 
ATOM   995  C  CD   . GLU A 1 65 ? -6.753  2.722   7.157   1.00 54.41 ? 65  GLU A CD   1 
ATOM   996  O  OE1  . GLU A 1 65 ? -5.808  3.104   7.865   1.00 64.20 ? 65  GLU A OE1  1 
ATOM   997  O  OE2  . GLU A 1 65 ? -7.752  3.455   6.799   1.00 53.22 ? 65  GLU A OE2  1 
ATOM   998  H  H    . GLU A 1 65 ? -6.650  -2.127  7.471   1.00 61.44 ? 65  GLU A H    1 
ATOM   999  H  HA   . GLU A 1 65 ? -5.300  0.248   8.376   1.00 4.30  ? 65  GLU A HA   1 
ATOM   1000 H  HB2  . GLU A 1 65 ? -7.970  -0.422  7.229   1.00 11.32 ? 65  GLU A HB2  1 
ATOM   1001 H  HB3  . GLU A 1 65 ? -7.970  0.884   8.398   1.00 12.02 ? 65  GLU A HB3  1 
ATOM   1002 H  HG2  . GLU A 1 65 ? -5.784  0.971   6.352   1.00 51.44 ? 65  GLU A HG2  1 
ATOM   1003 H  HG3  . GLU A 1 65 ? -7.406  1.230   5.743   1.00 34.02 ? 65  GLU A HG3  1 
ATOM   1004 H  HE2  . GLU A 1 65 ? -8.331  3.654   7.589   1.00 52.44 ? 65  GLU A HE2  1 
ATOM   1005 N  N    . VAL A 1 66 ? -5.862  -1.447  10.587  1.00 3.14  ? 66  VAL A N    1 
ATOM   1006 C  CA   . VAL A 1 66 ? -6.098  -1.720  11.995  1.00 62.00 ? 66  VAL A CA   1 
ATOM   1007 C  C    . VAL A 1 66 ? -5.408  -3.030  12.379  1.00 61.02 ? 66  VAL A C    1 
ATOM   1008 O  O    . VAL A 1 66 ? -4.989  -3.205  13.522  1.00 54.45 ? 66  VAL A O    1 
ATOM   1009 C  CB   . VAL A 1 66 ? -7.600  -1.730  12.283  1.00 71.04 ? 66  VAL A CB   1 
ATOM   1010 C  CG1  . VAL A 1 66 ? -8.380  -2.313  11.103  1.00 61.20 ? 66  VAL A CG1  1 
ATOM   1011 C  CG2  . VAL A 1 66 ? -7.907  -2.491  13.573  1.00 2.21  ? 66  VAL A CG2  1 
ATOM   1012 H  H    . VAL A 1 66 ? -5.145  -2.000  10.165  1.00 50.04 ? 66  VAL A H    1 
ATOM   1013 H  HA   . VAL A 1 66 ? -5.650  -0.907  12.567  1.00 41.14 ? 66  VAL A HA   1 
ATOM   1014 H  HB   . VAL A 1 66 ? -7.921  -0.697  12.418  1.00 34.44 ? 66  VAL A HB   1 
ATOM   1015 H  HG11 . VAL A 1 66 ? -9.124  -3.019  11.472  1.00 73.30 ? 66  VAL A HG11 1 
ATOM   1016 H  HG12 . VAL A 1 66 ? -8.879  -1.508  10.563  1.00 62.43 ? 66  VAL A HG12 1 
ATOM   1017 H  HG13 . VAL A 1 66 ? -7.692  -2.828  10.432  1.00 21.25 ? 66  VAL A HG13 1 
ATOM   1018 H  HG21 . VAL A 1 66 ? -7.319  -2.073  14.390  1.00 31.33 ? 66  VAL A HG21 1 
ATOM   1019 H  HG22 . VAL A 1 66 ? -8.968  -2.399  13.805  1.00 22.15 ? 66  VAL A HG22 1 
ATOM   1020 H  HG23 . VAL A 1 66 ? -7.653  -3.543  13.444  1.00 22.31 ? 66  VAL A HG23 1 
ATOM   1021 N  N    . VAL A 1 67 ? -5.311  -3.919  11.401  1.00 44.02 ? 67  VAL A N    1 
ATOM   1022 C  CA   . VAL A 1 67 ? -4.679  -5.209  11.622  1.00 51.24 ? 67  VAL A CA   1 
ATOM   1023 C  C    . VAL A 1 67 ? -3.169  -5.073  11.417  1.00 4.24  ? 67  VAL A C    1 
ATOM   1024 O  O    . VAL A 1 67 ? -2.558  -5.881  10.719  1.00 63.10 ? 67  VAL A O    1 
ATOM   1025 C  CB   . VAL A 1 67 ? -5.312  -6.265  10.713  1.00 34.35 ? 67  VAL A CB   1 
ATOM   1026 C  CG1  . VAL A 1 67 ? -4.505  -7.564  10.737  1.00 33.41 ? 67  VAL A CG1  1 
ATOM   1027 C  CG2  . VAL A 1 67 ? -6.770  -6.518  11.102  1.00 61.12 ? 67  VAL A CG2  1 
ATOM   1028 H  H    . VAL A 1 67 ? -5.654  -3.770  10.474  1.00 23.25 ? 67  VAL A H    1 
ATOM   1029 H  HA   . VAL A 1 67 ? -4.868  -5.495  12.656  1.00 11.20 ? 67  VAL A HA   1 
ATOM   1030 H  HB   . VAL A 1 67 ? -5.299  -5.881  9.693   1.00 10.00 ? 67  VAL A HB   1 
ATOM   1031 H  HG11 . VAL A 1 67 ? -3.843  -7.565  11.603  1.00 55.34 ? 67  VAL A HG11 1 
ATOM   1032 H  HG12 . VAL A 1 67 ? -5.186  -8.414  10.799  1.00 52.44 ? 67  VAL A HG12 1 
ATOM   1033 H  HG13 . VAL A 1 67 ? -3.911  -7.639  9.826   1.00 14.23 ? 67  VAL A HG13 1 
ATOM   1034 H  HG21 . VAL A 1 67 ? -6.849  -6.597  12.186  1.00 12.14 ? 67  VAL A HG21 1 
ATOM   1035 H  HG22 . VAL A 1 67 ? -7.388  -5.691  10.753  1.00 73.23 ? 67  VAL A HG22 1 
ATOM   1036 H  HG23 . VAL A 1 67 ? -7.112  -7.446  10.643  1.00 15.22 ? 67  VAL A HG23 1 
ATOM   1037 N  N    . PHE A 1 68 ? -2.609  -4.046  12.040  1.00 21.21 ? 68  PHE A N    1 
ATOM   1038 C  CA   . PHE A 1 68 ? -1.182  -3.794  11.934  1.00 1.32  ? 68  PHE A CA   1 
ATOM   1039 C  C    . PHE A 1 68 ? -0.518  -3.816  13.313  1.00 54.12 ? 68  PHE A C    1 
ATOM   1040 O  O    . PHE A 1 68 ? 0.429   -3.072  13.562  1.00 42.44 ? 68  PHE A O    1 
ATOM   1041 C  CB   . PHE A 1 68 ? -1.017  -2.402  11.324  1.00 42.03 ? 68  PHE A CB   1 
ATOM   1042 C  CG   . PHE A 1 68 ? 0.438   -1.945  11.199  1.00 1.45  ? 68  PHE A CG   1 
ATOM   1043 C  CD1  . PHE A 1 68 ? 1.338   -2.715  10.531  1.00 4.33  ? 68  PHE A CD1  1 
ATOM   1044 C  CD2  . PHE A 1 68 ? 0.832   -0.769  11.757  1.00 12.20 ? 68  PHE A CD2  1 
ATOM   1045 C  CE1  . PHE A 1 68 ? 2.688   -2.292  10.416  1.00 73.24 ? 68  PHE A CE1  1 
ATOM   1046 C  CE2  . PHE A 1 68 ? 2.183   -0.345  11.641  1.00 21.44 ? 68  PHE A CE2  1 
ATOM   1047 C  CZ   . PHE A 1 68 ? 3.081   -1.115  10.973  1.00 4.52  ? 68  PHE A CZ   1 
ATOM   1048 H  H    . PHE A 1 68 ? -3.112  -3.393  12.606  1.00 24.31 ? 68  PHE A H    1 
ATOM   1049 H  HA   . PHE A 1 68 ? -0.758  -4.587  11.318  1.00 1.20  ? 68  PHE A HA   1 
ATOM   1050 H  HB2  . PHE A 1 68 ? -1.476  -2.394  10.335  1.00 54.34 ? 68  PHE A HB2  1 
ATOM   1051 H  HB3  . PHE A 1 68 ? -1.562  -1.681  11.935  1.00 65.53 ? 68  PHE A HB3  1 
ATOM   1052 H  HD1  . PHE A 1 68 ? 1.022   -3.658  10.084  1.00 4.33  ? 68  PHE A HD1  1 
ATOM   1053 H  HD2  . PHE A 1 68 ? 0.111   -0.152  12.293  1.00 53.32 ? 68  PHE A HD2  1 
ATOM   1054 H  HE1  . PHE A 1 68 ? 3.410   -2.909  9.880   1.00 72.41 ? 68  PHE A HE1  1 
ATOM   1055 H  HE2  . PHE A 1 68 ? 2.498   0.598   12.088  1.00 21.44 ? 68  PHE A HE2  1 
ATOM   1056 H  HZ   . PHE A 1 68 ? 4.119   -0.790  10.884  1.00 13.34 ? 68  PHE A HZ   1 
ATOM   1057 N  N    . GLU A 1 69 ? -1.043  -4.675  14.175  1.00 62.25 ? 69  GLU A N    1 
ATOM   1058 C  CA   . GLU A 1 69 ? -0.514  -4.803  15.521  1.00 2.04  ? 69  GLU A CA   1 
ATOM   1059 C  C    . GLU A 1 69 ? -1.428  -5.691  16.368  1.00 4.20  ? 69  GLU A C    1 
ATOM   1060 O  O    . GLU A 1 69 ? -0.958  -6.405  17.254  1.00 54.14 ? 69  GLU A O    1 
ATOM   1061 C  CB   . GLU A 1 69 ? -0.329  -3.430  16.170  1.00 0.02  ? 69  GLU A CB   1 
ATOM   1062 C  CG   . GLU A 1 69 ? 1.115   -3.233  16.635  1.00 42.43 ? 69  GLU A CG   1 
ATOM   1063 C  CD   . GLU A 1 69 ? 1.440   -4.149  17.817  1.00 1.20  ? 69  GLU A CD   1 
ATOM   1064 O  OE1  . GLU A 1 69 ? 0.542   -4.493  18.600  1.00 71.43 ? 69  GLU A OE1  1 
ATOM   1065 O  OE2  . GLU A 1 69 ? 2.677   -4.504  17.908  1.00 23.44 ? 69  GLU A OE2  1 
ATOM   1066 H  H    . GLU A 1 69 ? -1.814  -5.276  13.964  1.00 31.04 ? 69  GLU A H    1 
ATOM   1067 H  HA   . GLU A 1 69 ? 0.460   -5.277  15.405  1.00 1.44  ? 69  GLU A HA   1 
ATOM   1068 H  HB2  . GLU A 1 69 ? -0.595  -2.648  15.459  1.00 65.53 ? 69  GLU A HB2  1 
ATOM   1069 H  HB3  . GLU A 1 69 ? -1.005  -3.331  17.019  1.00 13.13 ? 69  GLU A HB3  1 
ATOM   1070 H  HG2  . GLU A 1 69 ? 1.798   -3.441  15.811  1.00 74.10 ? 69  GLU A HG2  1 
ATOM   1071 H  HG3  . GLU A 1 69 ? 1.270   -2.193  16.922  1.00 1.33  ? 69  GLU A HG3  1 
ATOM   1072 H  HE2  . GLU A 1 69 ? 2.816   -5.051  18.733  1.00 14.31 ? 69  GLU A HE2  1 
ATOM   1073 N  N    . THR A 1 70 ? -2.716  -5.619  16.067  1.00 42.45 ? 70  THR A N    1 
ATOM   1074 C  CA   . THR A 1 70 ? -3.699  -6.408  16.790  1.00 53.24 ? 70  THR A CA   1 
ATOM   1075 C  C    . THR A 1 70 ? -3.575  -7.886  16.417  1.00 61.52 ? 70  THR A C    1 
ATOM   1076 O  O    . THR A 1 70 ? -2.767  -8.611  16.994  1.00 65.13 ? 70  THR A O    1 
ATOM   1077 C  CB   . THR A 1 70 ? -5.082  -5.821  16.500  1.00 42.11 ? 70  THR A CB   1 
ATOM   1078 O  OG1  . THR A 1 70 ? -5.169  -4.694  17.367  1.00 32.01 ? 70  THR A OG1  1 
ATOM   1079 C  CG2  . THR A 1 70 ? -6.216  -6.737  16.964  1.00 43.25 ? 70  THR A CG2  1 
ATOM   1080 H  H    . THR A 1 70 ? -3.089  -5.036  15.345  1.00 74.12 ? 70  THR A H    1 
ATOM   1081 H  HA   . THR A 1 70 ? -3.486  -6.328  17.855  1.00 4.55  ? 70  THR A HA   1 
ATOM   1082 H  HB   . THR A 1 70 ? -5.187  -5.576  15.443  1.00 53.35 ? 70  THR A HB   1 
ATOM   1083 H  HG1  . THR A 1 70 ? -4.300  -4.198  17.374  1.00 3.11  ? 70  THR A HG1  1 
ATOM   1084 H  HG21 . THR A 1 70 ? -6.589  -7.311  16.115  1.00 75.12 ? 70  THR A HG21 1 
ATOM   1085 H  HG22 . THR A 1 70 ? -5.842  -7.419  17.727  1.00 2.42  ? 70  THR A HG22 1 
ATOM   1086 H  HG23 . THR A 1 70 ? -7.023  -6.134  17.378  1.00 0.43  ? 70  THR A HG23 1 
ATOM   1087 N  N    . GLN A 1 71 ? -4.390  -8.290  15.453  1.00 60.44 ? 71  GLN A N    1 
ATOM   1088 C  CA   . GLN A 1 71 ? -4.383  -9.669  14.995  1.00 43.04 ? 71  GLN A CA   1 
ATOM   1089 C  C    . GLN A 1 71 ? -4.870  -9.751  13.546  1.00 55.33 ? 71  GLN A C    1 
ATOM   1090 O  O    . GLN A 1 71 ? -5.906  -9.182  13.204  1.00 24.05 ? 71  GLN A O    1 
ATOM   1091 C  CB   . GLN A 1 71 ? -5.231  -10.555 15.909  1.00 72.14 ? 71  GLN A CB   1 
ATOM   1092 C  CG   . GLN A 1 71 ? -5.804  -11.747 15.141  1.00 51.14 ? 71  GLN A CG   1 
ATOM   1093 C  CD   . GLN A 1 71 ? -7.187  -11.420 14.573  1.00 5.41  ? 71  GLN A CD   1 
ATOM   1094 O  OE1  . GLN A 1 71 ? -7.746  -10.360 14.802  1.00 11.23 ? 71  GLN A OE1  1 
ATOM   1095 N  NE2  . GLN A 1 71 ? -7.705  -12.388 13.823  1.00 32.50 ? 71  GLN A NE2  1 
ATOM   1096 H  H    . GLN A 1 71 ? -5.046  -7.694  14.988  1.00 64.14 ? 71  GLN A H    1 
ATOM   1097 H  HA   . GLN A 1 71 ? -3.342  -9.988  15.053  1.00 54.25 ? 71  GLN A HA   1 
ATOM   1098 H  HB2  . GLN A 1 71 ? -4.623  -10.912 16.741  1.00 53.02 ? 71  GLN A HB2  1 
ATOM   1099 H  HB3  . GLN A 1 71 ? -6.044  -9.969  16.336  1.00 13.34 ? 71  GLN A HB3  1 
ATOM   1100 H  HG2  . GLN A 1 71 ? -5.129  -12.019 14.329  1.00 62.41 ? 71  GLN A HG2  1 
ATOM   1101 H  HG3  . GLN A 1 71 ? -5.872  -12.612 15.801  1.00 71.14 ? 71  GLN A HG3  1 
ATOM   1102 H  HE21 . GLN A 1 71 ? -7.195  -13.234 13.673  1.00 0.52  ? 71  GLN A HE21 1 
ATOM   1103 H  HE22 . GLN A 1 71 ? -8.608  -12.269 13.407  1.00 54.24 ? 71  GLN A HE22 1 
HETATM 1104 ZN ZN   . ZN  B 2 .  ? -2.034  6.555   -3.518  1.00 0.22  ? 101 ZN  A ZN   1 
# 
